data_8YTD
# 
_entry.id   8YTD 
# 
_audit_conform.dict_name       mmcif_pdbx.dic 
_audit_conform.dict_version    5.395 
_audit_conform.dict_location   http://mmcif.pdb.org/dictionaries/ascii/mmcif_pdbx.dic 
# 
loop_
_database_2.database_id 
_database_2.database_code 
_database_2.pdbx_database_accession 
_database_2.pdbx_DOI 
PDB   8YTD         pdb_00008ytd 10.2210/pdb8ytd/pdb 
WWPDB D_1300045760 ?            ?                   
# 
loop_
_pdbx_audit_revision_history.ordinal 
_pdbx_audit_revision_history.data_content_type 
_pdbx_audit_revision_history.major_revision 
_pdbx_audit_revision_history.minor_revision 
_pdbx_audit_revision_history.revision_date 
1 'Structure model' 1 0 2024-07-10 
2 'Structure model' 1 1 2024-07-17 
3 'Structure model' 1 2 2024-07-24 
# 
_pdbx_audit_revision_details.ordinal             1 
_pdbx_audit_revision_details.revision_ordinal    1 
_pdbx_audit_revision_details.data_content_type   'Structure model' 
_pdbx_audit_revision_details.provider            repository 
_pdbx_audit_revision_details.type                'Initial release' 
_pdbx_audit_revision_details.description         ? 
_pdbx_audit_revision_details.details             ? 
# 
loop_
_pdbx_audit_revision_group.ordinal 
_pdbx_audit_revision_group.revision_ordinal 
_pdbx_audit_revision_group.data_content_type 
_pdbx_audit_revision_group.group 
1 2 'Structure model' 'Database references' 
2 3 'Structure model' 'Database references' 
# 
loop_
_pdbx_audit_revision_category.ordinal 
_pdbx_audit_revision_category.revision_ordinal 
_pdbx_audit_revision_category.data_content_type 
_pdbx_audit_revision_category.category 
1 2 'Structure model' citation 
2 3 'Structure model' citation 
# 
loop_
_pdbx_audit_revision_item.ordinal 
_pdbx_audit_revision_item.revision_ordinal 
_pdbx_audit_revision_item.data_content_type 
_pdbx_audit_revision_item.item 
1 2 'Structure model' '_citation.pdbx_database_id_PubMed' 
2 2 'Structure model' '_citation.title'                   
3 3 'Structure model' '_citation.journal_volume'          
4 3 'Structure model' '_citation.page_first'              
5 3 'Structure model' '_citation.page_last'               
# 
_pdbx_database_status.status_code                     REL 
_pdbx_database_status.status_code_sf                  REL 
_pdbx_database_status.status_code_mr                  ? 
_pdbx_database_status.entry_id                        8YTD 
_pdbx_database_status.recvd_initial_deposition_date   2024-03-25 
_pdbx_database_status.SG_entry                        N 
_pdbx_database_status.deposit_site                    PDBJ 
_pdbx_database_status.process_site                    PDBJ 
_pdbx_database_status.status_code_cs                  ? 
_pdbx_database_status.status_code_nmr_data            ? 
_pdbx_database_status.methods_development_category    ? 
_pdbx_database_status.pdb_format_compatible           Y 
# 
_pdbx_contact_author.id                 2 
_pdbx_contact_author.email              hidenori.mikamiyama@shionogi.co.jp 
_pdbx_contact_author.name_first         Hidenori 
_pdbx_contact_author.name_last          Mikamiyama 
_pdbx_contact_author.name_mi            ? 
_pdbx_contact_author.role               'principal investigator/group leader' 
_pdbx_contact_author.identifier_ORCID   0000-0002-8964-398X 
# 
loop_
_audit_author.name 
_audit_author.pdbx_ordinal 
_audit_author.identifier_ORCID 
'Yamada, T.'     1 ? 
'Mihara, K.'     2 ? 
'Ueda, T.'       3 ? 
'Yamauchi, D.'   4 ? 
'Shimizu, M.'    5 ? 
'Ando, A.'       6 ? 
'Mayumi, K.'     7 ? 
'Nakata, Z.'     8 ? 
'Mikamiyama, H.' 9 ? 
# 
_citation.abstract                  ? 
_citation.abstract_id_CAS           ? 
_citation.book_id_ISBN              ? 
_citation.book_publisher            ? 
_citation.book_publisher_city       ? 
_citation.book_title                ? 
_citation.coordinate_linkage        ? 
_citation.country                   US 
_citation.database_id_Medline       ? 
_citation.details                   ? 
_citation.id                        primary 
_citation.journal_abbrev            J.Med.Chem. 
_citation.journal_id_ASTM           JMCMAR 
_citation.journal_id_CSD            0151 
_citation.journal_id_ISSN           0022-2623 
_citation.journal_full              ? 
_citation.journal_issue             ? 
_citation.journal_volume            67 
_citation.language                  ? 
_citation.page_first                11197 
_citation.page_last                 11208 
_citation.title                     
'Discovery and Hit to Lead Optimization of Macrocyclic Peptides as Novel Tropomyosin Receptor Kinase A Antagonists.' 
_citation.year                      2024 
_citation.database_id_CSD           ? 
_citation.pdbx_database_id_DOI      10.1021/acs.jmedchem.4c00715 
_citation.pdbx_database_id_PubMed   38950284 
_citation.pdbx_database_id_patent   ? 
_citation.unpublished_flag          ? 
# 
loop_
_citation_author.citation_id 
_citation_author.name 
_citation_author.ordinal 
_citation_author.identifier_ORCID 
primary 'Yamada, T.'     1 ? 
primary 'Mihara, K.'     2 ? 
primary 'Ueda, T.'       3 ? 
primary 'Yamauchi, D.'   4 ? 
primary 'Shimizu, M.'    5 ? 
primary 'Ando, A.'       6 ? 
primary 'Mayumi, K.'     7 ? 
primary 'Nakata, Z.'     8 ? 
primary 'Mikamiyama, H.' 9 ? 
# 
loop_
_entity.id 
_entity.type 
_entity.src_method 
_entity.pdbx_description 
_entity.formula_weight 
_entity.pdbx_number_of_molecules 
_entity.pdbx_ec 
_entity.pdbx_mutation 
_entity.pdbx_fragment 
_entity.details 
1 polymer     man 'High affinity nerve growth factor receptor' 11221.562 1  2.7.10.1 ? ? ? 
2 polymer     syn 'Macrocyclic Peptide'                        1676.957  1  ?        ? ? ? 
3 polymer     syn 'Macrocyclic Peptide'                        2231.513  1  ?        ? ? ? 
4 non-polymer syn 1,2-ETHANEDIOL                               62.068    4  ?        ? ? ? 
5 water       nat water                                        18.015    50 ?        ? ? ? 
# 
_entity_name_com.entity_id   1 
_entity_name_com.name        
;Neurotrophic tyrosine kinase receptor type 1,TRK1-transforming tyrosine kinase protein,Tropomyosin-related kinase A,Tyrosine kinase receptor,Tyrosine kinase receptor A,Trk-A,gp140trk,p140-TrkA
;
# 
loop_
_entity_poly.entity_id 
_entity_poly.type 
_entity_poly.nstd_linkage 
_entity_poly.nstd_monomer 
_entity_poly.pdbx_seq_one_letter_code 
_entity_poly.pdbx_seq_one_letter_code_can 
_entity_poly.pdbx_strand_id 
_entity_poly.pdbx_target_identifier 
1 'polypeptide(L)' no no  
;NVSFPASVQLHTAVEMHHWCIPFSVDGQPAPSLRWLFNGSVLNETSFIFTEFLEPAANETVRHGCLRLNQPTHVNNGNYT
LLAANPFGQASASIMAAFMDNP
;
;NVSFPASVQLHTAVEMHHWCIPFSVDGQPAPSLRWLFNGSVLNETSFIFTEFLEPAANETVRHGCLRLNQPTHVNNGNYT
LLAANPFGQASASIMAAFMDNP
;
A ? 
2 'polypeptide(L)' no yes 'GFFLYPHGFYGIVC(GM1)' GFFLYPHGFYGIVCX B ? 
3 'polypeptide(L)' no yes 'FKSVSYWG(MEA)GRLSYYNHC' FKSVSYWGFGRLSYYNHC C ? 
# 
loop_
_pdbx_entity_nonpoly.entity_id 
_pdbx_entity_nonpoly.name 
_pdbx_entity_nonpoly.comp_id 
4 1,2-ETHANEDIOL EDO 
5 water          HOH 
# 
loop_
_entity_poly_seq.entity_id 
_entity_poly_seq.num 
_entity_poly_seq.mon_id 
_entity_poly_seq.hetero 
1 1   ASN n 
1 2   VAL n 
1 3   SER n 
1 4   PHE n 
1 5   PRO n 
1 6   ALA n 
1 7   SER n 
1 8   VAL n 
1 9   GLN n 
1 10  LEU n 
1 11  HIS n 
1 12  THR n 
1 13  ALA n 
1 14  VAL n 
1 15  GLU n 
1 16  MET n 
1 17  HIS n 
1 18  HIS n 
1 19  TRP n 
1 20  CYS n 
1 21  ILE n 
1 22  PRO n 
1 23  PHE n 
1 24  SER n 
1 25  VAL n 
1 26  ASP n 
1 27  GLY n 
1 28  GLN n 
1 29  PRO n 
1 30  ALA n 
1 31  PRO n 
1 32  SER n 
1 33  LEU n 
1 34  ARG n 
1 35  TRP n 
1 36  LEU n 
1 37  PHE n 
1 38  ASN n 
1 39  GLY n 
1 40  SER n 
1 41  VAL n 
1 42  LEU n 
1 43  ASN n 
1 44  GLU n 
1 45  THR n 
1 46  SER n 
1 47  PHE n 
1 48  ILE n 
1 49  PHE n 
1 50  THR n 
1 51  GLU n 
1 52  PHE n 
1 53  LEU n 
1 54  GLU n 
1 55  PRO n 
1 56  ALA n 
1 57  ALA n 
1 58  ASN n 
1 59  GLU n 
1 60  THR n 
1 61  VAL n 
1 62  ARG n 
1 63  HIS n 
1 64  GLY n 
1 65  CYS n 
1 66  LEU n 
1 67  ARG n 
1 68  LEU n 
1 69  ASN n 
1 70  GLN n 
1 71  PRO n 
1 72  THR n 
1 73  HIS n 
1 74  VAL n 
1 75  ASN n 
1 76  ASN n 
1 77  GLY n 
1 78  ASN n 
1 79  TYR n 
1 80  THR n 
1 81  LEU n 
1 82  LEU n 
1 83  ALA n 
1 84  ALA n 
1 85  ASN n 
1 86  PRO n 
1 87  PHE n 
1 88  GLY n 
1 89  GLN n 
1 90  ALA n 
1 91  SER n 
1 92  ALA n 
1 93  SER n 
1 94  ILE n 
1 95  MET n 
1 96  ALA n 
1 97  ALA n 
1 98  PHE n 
1 99  MET n 
1 100 ASP n 
1 101 ASN n 
1 102 PRO n 
2 1   GLY n 
2 2   PHE n 
2 3   PHE n 
2 4   LEU n 
2 5   TYR n 
2 6   PRO n 
2 7   HIS n 
2 8   GLY n 
2 9   PHE n 
2 10  TYR n 
2 11  GLY n 
2 12  ILE n 
2 13  VAL n 
2 14  CYS n 
2 15  GM1 n 
3 1   PHE n 
3 2   LYS n 
3 3   SER n 
3 4   VAL n 
3 5   SER n 
3 6   TYR n 
3 7   TRP n 
3 8   GLY n 
3 9   MEA n 
3 10  GLY n 
3 11  ARG n 
3 12  LEU n 
3 13  SER n 
3 14  TYR n 
3 15  TYR n 
3 16  ASN n 
3 17  HIS n 
3 18  CYS n 
# 
_entity_src_gen.entity_id                          1 
_entity_src_gen.pdbx_src_id                        1 
_entity_src_gen.pdbx_alt_source_flag               sample 
_entity_src_gen.pdbx_seq_type                      'Biological sequence' 
_entity_src_gen.pdbx_beg_seq_num                   1 
_entity_src_gen.pdbx_end_seq_num                   102 
_entity_src_gen.gene_src_common_name               human 
_entity_src_gen.gene_src_genus                     ? 
_entity_src_gen.pdbx_gene_src_gene                 'NTRK1, MTC, TRK, TRKA' 
_entity_src_gen.gene_src_species                   ? 
_entity_src_gen.gene_src_strain                    ? 
_entity_src_gen.gene_src_tissue                    ? 
_entity_src_gen.gene_src_tissue_fraction           ? 
_entity_src_gen.gene_src_details                   ? 
_entity_src_gen.pdbx_gene_src_fragment             ? 
_entity_src_gen.pdbx_gene_src_scientific_name      'Homo sapiens' 
_entity_src_gen.pdbx_gene_src_ncbi_taxonomy_id     9606 
_entity_src_gen.pdbx_gene_src_variant              ? 
_entity_src_gen.pdbx_gene_src_cell_line            ? 
_entity_src_gen.pdbx_gene_src_atcc                 ? 
_entity_src_gen.pdbx_gene_src_organ                ? 
_entity_src_gen.pdbx_gene_src_organelle            ? 
_entity_src_gen.pdbx_gene_src_cell                 ? 
_entity_src_gen.pdbx_gene_src_cellular_location    ? 
_entity_src_gen.host_org_common_name               ? 
_entity_src_gen.pdbx_host_org_scientific_name      'Escherichia coli' 
_entity_src_gen.pdbx_host_org_ncbi_taxonomy_id     562 
_entity_src_gen.host_org_genus                     ? 
_entity_src_gen.pdbx_host_org_gene                 ? 
_entity_src_gen.pdbx_host_org_organ                ? 
_entity_src_gen.host_org_species                   ? 
_entity_src_gen.pdbx_host_org_tissue               ? 
_entity_src_gen.pdbx_host_org_tissue_fraction      ? 
_entity_src_gen.pdbx_host_org_strain               ? 
_entity_src_gen.pdbx_host_org_variant              ? 
_entity_src_gen.pdbx_host_org_cell_line            ? 
_entity_src_gen.pdbx_host_org_atcc                 ? 
_entity_src_gen.pdbx_host_org_culture_collection   ? 
_entity_src_gen.pdbx_host_org_cell                 ? 
_entity_src_gen.pdbx_host_org_organelle            ? 
_entity_src_gen.pdbx_host_org_cellular_location    ? 
_entity_src_gen.pdbx_host_org_vector_type          ? 
_entity_src_gen.pdbx_host_org_vector               ? 
_entity_src_gen.host_org_details                   ? 
_entity_src_gen.expression_system_id               ? 
_entity_src_gen.plasmid_name                       ? 
_entity_src_gen.plasmid_details                    ? 
_entity_src_gen.pdbx_description                   ? 
# 
loop_
_pdbx_entity_src_syn.entity_id 
_pdbx_entity_src_syn.pdbx_src_id 
_pdbx_entity_src_syn.pdbx_alt_source_flag 
_pdbx_entity_src_syn.pdbx_beg_seq_num 
_pdbx_entity_src_syn.pdbx_end_seq_num 
_pdbx_entity_src_syn.organism_scientific 
_pdbx_entity_src_syn.organism_common_name 
_pdbx_entity_src_syn.ncbi_taxonomy_id 
_pdbx_entity_src_syn.details 
2 1 sample 1 15 'synthetic construct' ? 32630 ? 
3 1 sample 1 18 'synthetic construct' ? 32630 ? 
# 
loop_
_chem_comp.id 
_chem_comp.type 
_chem_comp.mon_nstd_flag 
_chem_comp.name 
_chem_comp.pdbx_synonyms 
_chem_comp.formula 
_chem_comp.formula_weight 
ALA 'L-peptide linking' y ALANINE               ?                 'C3 H7 N O2'     89.093  
ARG 'L-peptide linking' y ARGININE              ?                 'C6 H15 N4 O2 1' 175.209 
ASN 'L-peptide linking' y ASPARAGINE            ?                 'C4 H8 N2 O3'    132.118 
ASP 'L-peptide linking' y 'ASPARTIC ACID'       ?                 'C4 H7 N O4'     133.103 
CYS 'L-peptide linking' y CYSTEINE              ?                 'C3 H7 N O2 S'   121.158 
EDO non-polymer         . 1,2-ETHANEDIOL        'ETHYLENE GLYCOL' 'C2 H6 O2'       62.068  
GLN 'L-peptide linking' y GLUTAMINE             ?                 'C5 H10 N2 O3'   146.144 
GLU 'L-peptide linking' y 'GLUTAMIC ACID'       ?                 'C5 H9 N O4'     147.129 
GLY 'peptide linking'   y GLYCINE               ?                 'C2 H5 N O2'     75.067  
GM1 non-polymer         . AMINOMETHYLAMIDE      GLYCINAMID        'C2 H6 N2 O'     74.082  
HIS 'L-peptide linking' y HISTIDINE             ?                 'C6 H10 N3 O2 1' 156.162 
HOH non-polymer         . WATER                 ?                 'H2 O'           18.015  
ILE 'L-peptide linking' y ISOLEUCINE            ?                 'C6 H13 N O2'    131.173 
LEU 'L-peptide linking' y LEUCINE               ?                 'C6 H13 N O2'    131.173 
LYS 'L-peptide linking' y LYSINE                ?                 'C6 H15 N2 O2 1' 147.195 
MEA 'L-peptide linking' n N-METHYLPHENYLALANINE ?                 'C10 H13 N O2'   179.216 
MET 'L-peptide linking' y METHIONINE            ?                 'C5 H11 N O2 S'  149.211 
PHE 'L-peptide linking' y PHENYLALANINE         ?                 'C9 H11 N O2'    165.189 
PRO 'L-peptide linking' y PROLINE               ?                 'C5 H9 N O2'     115.130 
SER 'L-peptide linking' y SERINE                ?                 'C3 H7 N O3'     105.093 
THR 'L-peptide linking' y THREONINE             ?                 'C4 H9 N O3'     119.119 
TRP 'L-peptide linking' y TRYPTOPHAN            ?                 'C11 H12 N2 O2'  204.225 
TYR 'L-peptide linking' y TYROSINE              ?                 'C9 H11 N O3'    181.189 
VAL 'L-peptide linking' y VALINE                ?                 'C5 H11 N O2'    117.146 
# 
loop_
_pdbx_poly_seq_scheme.asym_id 
_pdbx_poly_seq_scheme.entity_id 
_pdbx_poly_seq_scheme.seq_id 
_pdbx_poly_seq_scheme.mon_id 
_pdbx_poly_seq_scheme.ndb_seq_num 
_pdbx_poly_seq_scheme.pdb_seq_num 
_pdbx_poly_seq_scheme.auth_seq_num 
_pdbx_poly_seq_scheme.pdb_mon_id 
_pdbx_poly_seq_scheme.auth_mon_id 
_pdbx_poly_seq_scheme.pdb_strand_id 
_pdbx_poly_seq_scheme.pdb_ins_code 
_pdbx_poly_seq_scheme.hetero 
A 1 1   ASN 1   281 281 ASN ASN A . n 
A 1 2   VAL 2   282 282 VAL VAL A . n 
A 1 3   SER 3   283 283 SER SER A . n 
A 1 4   PHE 4   284 284 PHE PHE A . n 
A 1 5   PRO 5   285 285 PRO PRO A . n 
A 1 6   ALA 6   286 286 ALA ALA A . n 
A 1 7   SER 7   287 287 SER SER A . n 
A 1 8   VAL 8   288 288 VAL VAL A . n 
A 1 9   GLN 9   289 289 GLN GLN A . n 
A 1 10  LEU 10  290 290 LEU LEU A . n 
A 1 11  HIS 11  291 291 HIS HIS A . n 
A 1 12  THR 12  292 292 THR THR A . n 
A 1 13  ALA 13  293 293 ALA ALA A . n 
A 1 14  VAL 14  294 294 VAL VAL A . n 
A 1 15  GLU 15  295 295 GLU GLU A . n 
A 1 16  MET 16  296 296 MET MET A . n 
A 1 17  HIS 17  297 297 HIS HIS A . n 
A 1 18  HIS 18  298 298 HIS HIS A . n 
A 1 19  TRP 19  299 299 TRP TRP A . n 
A 1 20  CYS 20  300 300 CYS CYS A . n 
A 1 21  ILE 21  301 301 ILE ILE A . n 
A 1 22  PRO 22  302 302 PRO PRO A . n 
A 1 23  PHE 23  303 303 PHE PHE A . n 
A 1 24  SER 24  304 304 SER SER A . n 
A 1 25  VAL 25  305 305 VAL VAL A . n 
A 1 26  ASP 26  306 306 ASP ASP A . n 
A 1 27  GLY 27  307 307 GLY GLY A . n 
A 1 28  GLN 28  308 308 GLN GLN A . n 
A 1 29  PRO 29  309 309 PRO PRO A . n 
A 1 30  ALA 30  310 310 ALA ALA A . n 
A 1 31  PRO 31  311 311 PRO PRO A . n 
A 1 32  SER 32  312 312 SER SER A . n 
A 1 33  LEU 33  313 313 LEU LEU A . n 
A 1 34  ARG 34  314 314 ARG ARG A . n 
A 1 35  TRP 35  315 315 TRP TRP A . n 
A 1 36  LEU 36  316 316 LEU LEU A . n 
A 1 37  PHE 37  317 317 PHE PHE A . n 
A 1 38  ASN 38  318 318 ASN ASN A . n 
A 1 39  GLY 39  319 319 GLY GLY A . n 
A 1 40  SER 40  320 320 SER SER A . n 
A 1 41  VAL 41  321 321 VAL VAL A . n 
A 1 42  LEU 42  322 322 LEU LEU A . n 
A 1 43  ASN 43  323 323 ASN ASN A . n 
A 1 44  GLU 44  324 324 GLU GLU A . n 
A 1 45  THR 45  325 325 THR THR A . n 
A 1 46  SER 46  326 326 SER SER A . n 
A 1 47  PHE 47  327 327 PHE PHE A . n 
A 1 48  ILE 48  328 328 ILE ILE A . n 
A 1 49  PHE 49  329 329 PHE PHE A . n 
A 1 50  THR 50  330 330 THR THR A . n 
A 1 51  GLU 51  331 331 GLU GLU A . n 
A 1 52  PHE 52  332 332 PHE PHE A . n 
A 1 53  LEU 53  333 333 LEU LEU A . n 
A 1 54  GLU 54  334 334 GLU GLU A . n 
A 1 55  PRO 55  335 335 PRO PRO A . n 
A 1 56  ALA 56  336 336 ALA ALA A . n 
A 1 57  ALA 57  337 337 ALA ALA A . n 
A 1 58  ASN 58  338 338 ASN ASN A . n 
A 1 59  GLU 59  339 339 GLU GLU A . n 
A 1 60  THR 60  340 340 THR THR A . n 
A 1 61  VAL 61  341 341 VAL VAL A . n 
A 1 62  ARG 62  342 342 ARG ARG A . n 
A 1 63  HIS 63  343 343 HIS HIS A . n 
A 1 64  GLY 64  344 344 GLY GLY A . n 
A 1 65  CYS 65  345 345 CYS CYS A . n 
A 1 66  LEU 66  346 346 LEU LEU A . n 
A 1 67  ARG 67  347 347 ARG ARG A . n 
A 1 68  LEU 68  348 348 LEU LEU A . n 
A 1 69  ASN 69  349 349 ASN ASN A . n 
A 1 70  GLN 70  350 350 GLN GLN A . n 
A 1 71  PRO 71  351 351 PRO PRO A . n 
A 1 72  THR 72  352 352 THR THR A . n 
A 1 73  HIS 73  353 353 HIS HIS A . n 
A 1 74  VAL 74  354 354 VAL VAL A . n 
A 1 75  ASN 75  355 355 ASN ASN A . n 
A 1 76  ASN 76  356 356 ASN ASN A . n 
A 1 77  GLY 77  357 357 GLY GLY A . n 
A 1 78  ASN 78  358 358 ASN ASN A . n 
A 1 79  TYR 79  359 359 TYR TYR A . n 
A 1 80  THR 80  360 360 THR THR A . n 
A 1 81  LEU 81  361 361 LEU LEU A . n 
A 1 82  LEU 82  362 362 LEU LEU A . n 
A 1 83  ALA 83  363 363 ALA ALA A . n 
A 1 84  ALA 84  364 364 ALA ALA A . n 
A 1 85  ASN 85  365 365 ASN ASN A . n 
A 1 86  PRO 86  366 366 PRO PRO A . n 
A 1 87  PHE 87  367 367 PHE PHE A . n 
A 1 88  GLY 88  368 368 GLY GLY A . n 
A 1 89  GLN 89  369 369 GLN GLN A . n 
A 1 90  ALA 90  370 370 ALA ALA A . n 
A 1 91  SER 91  371 371 SER SER A . n 
A 1 92  ALA 92  372 372 ALA ALA A . n 
A 1 93  SER 93  373 373 SER SER A . n 
A 1 94  ILE 94  374 374 ILE ILE A . n 
A 1 95  MET 95  375 375 MET MET A . n 
A 1 96  ALA 96  376 376 ALA ALA A . n 
A 1 97  ALA 97  377 377 ALA ALA A . n 
A 1 98  PHE 98  378 378 PHE PHE A . n 
A 1 99  MET 99  379 379 MET MET A . n 
A 1 100 ASP 100 380 380 ASP ASP A . n 
A 1 101 ASN 101 381 381 ASN ASN A . n 
A 1 102 PRO 102 382 382 PRO PRO A . n 
B 2 1   GLY 1   0   0   GLY GLY B . n 
B 2 2   PHE 2   1   1   PHE PHE B . n 
B 2 3   PHE 3   2   2   PHE PHE B . n 
B 2 4   LEU 4   3   3   LEU LEU B . n 
B 2 5   TYR 5   4   4   TYR TYR B . n 
B 2 6   PRO 6   5   5   PRO PRO B . n 
B 2 7   HIS 7   6   6   HIS HIS B . n 
B 2 8   GLY 8   7   7   GLY GLY B . n 
B 2 9   PHE 9   8   8   PHE PHE B . n 
B 2 10  TYR 10  9   9   TYR TYR B . n 
B 2 11  GLY 11  10  10  GLY GLY B . n 
B 2 12  ILE 12  11  11  ILE ILE B . n 
B 2 13  VAL 13  12  12  VAL VAL B . n 
B 2 14  CYS 14  13  13  CYS CYS B . n 
B 2 15  GM1 15  14  14  GM1 GM1 B . n 
C 3 1   PHE 1   1   1   PHE PHE C . n 
C 3 2   LYS 2   2   2   LYS LYS C . n 
C 3 3   SER 3   3   3   SER SER C . n 
C 3 4   VAL 4   4   4   VAL VAL C . n 
C 3 5   SER 5   5   5   SER SER C . n 
C 3 6   TYR 6   6   6   TYR TYR C . n 
C 3 7   TRP 7   7   7   TRP TRP C . n 
C 3 8   GLY 8   8   8   GLY GLY C . n 
C 3 9   MEA 9   9   9   MEA MEA C . n 
C 3 10  GLY 10  10  10  GLY GLY C . n 
C 3 11  ARG 11  11  11  ARG ARG C . n 
C 3 12  LEU 12  12  12  LEU LEU C . n 
C 3 13  SER 13  13  13  SER SER C . n 
C 3 14  TYR 14  14  14  TYR TYR C . n 
C 3 15  TYR 15  15  15  TYR TYR C . n 
C 3 16  ASN 16  16  16  ASN ASN C . n 
C 3 17  HIS 17  17  17  HIS HIS C . n 
C 3 18  CYS 18  18  18  CYS CYS C . n 
# 
loop_
_pdbx_nonpoly_scheme.asym_id 
_pdbx_nonpoly_scheme.entity_id 
_pdbx_nonpoly_scheme.mon_id 
_pdbx_nonpoly_scheme.ndb_seq_num 
_pdbx_nonpoly_scheme.pdb_seq_num 
_pdbx_nonpoly_scheme.auth_seq_num 
_pdbx_nonpoly_scheme.pdb_mon_id 
_pdbx_nonpoly_scheme.auth_mon_id 
_pdbx_nonpoly_scheme.pdb_strand_id 
_pdbx_nonpoly_scheme.pdb_ins_code 
D 4 EDO 1  401 1  EDO EDO A . 
E 4 EDO 1  402 3  EDO EDO A . 
F 4 EDO 1  403 4  EDO EDO A . 
G 4 EDO 1  101 2  EDO EDO B . 
H 5 HOH 1  501 33 HOH HOH A . 
H 5 HOH 2  502 5  HOH HOH A . 
H 5 HOH 3  503 44 HOH HOH A . 
H 5 HOH 4  504 32 HOH HOH A . 
H 5 HOH 5  505 14 HOH HOH A . 
H 5 HOH 6  506 13 HOH HOH A . 
H 5 HOH 7  507 29 HOH HOH A . 
H 5 HOH 8  508 11 HOH HOH A . 
H 5 HOH 9  509 22 HOH HOH A . 
H 5 HOH 10 510 48 HOH HOH A . 
H 5 HOH 11 511 35 HOH HOH A . 
H 5 HOH 12 512 17 HOH HOH A . 
H 5 HOH 13 513 31 HOH HOH A . 
H 5 HOH 14 514 20 HOH HOH A . 
H 5 HOH 15 515 3  HOH HOH A . 
H 5 HOH 16 516 39 HOH HOH A . 
H 5 HOH 17 517 12 HOH HOH A . 
H 5 HOH 18 518 30 HOH HOH A . 
H 5 HOH 19 519 18 HOH HOH A . 
H 5 HOH 20 520 23 HOH HOH A . 
H 5 HOH 21 521 24 HOH HOH A . 
H 5 HOH 22 522 41 HOH HOH A . 
H 5 HOH 23 523 34 HOH HOH A . 
H 5 HOH 24 524 38 HOH HOH A . 
H 5 HOH 25 525 8  HOH HOH A . 
H 5 HOH 26 526 10 HOH HOH A . 
H 5 HOH 27 527 6  HOH HOH A . 
H 5 HOH 28 528 1  HOH HOH A . 
H 5 HOH 29 529 2  HOH HOH A . 
H 5 HOH 30 530 45 HOH HOH A . 
H 5 HOH 31 531 27 HOH HOH A . 
H 5 HOH 32 532 7  HOH HOH A . 
H 5 HOH 33 533 21 HOH HOH A . 
H 5 HOH 34 534 15 HOH HOH A . 
H 5 HOH 35 535 28 HOH HOH A . 
H 5 HOH 36 536 26 HOH HOH A . 
H 5 HOH 37 537 49 HOH HOH A . 
H 5 HOH 38 538 50 HOH HOH A . 
I 5 HOH 1  201 37 HOH HOH B . 
I 5 HOH 2  202 36 HOH HOH B . 
I 5 HOH 3  203 9  HOH HOH B . 
I 5 HOH 4  204 19 HOH HOH B . 
I 5 HOH 5  205 25 HOH HOH B . 
I 5 HOH 6  206 42 HOH HOH B . 
I 5 HOH 7  207 4  HOH HOH B . 
I 5 HOH 8  208 47 HOH HOH B . 
I 5 HOH 9  209 16 HOH HOH B . 
I 5 HOH 10 210 46 HOH HOH B . 
J 5 HOH 1  101 43 HOH HOH C . 
J 5 HOH 2  102 40 HOH HOH C . 
# 
loop_
_pdbx_unobs_or_zero_occ_atoms.id 
_pdbx_unobs_or_zero_occ_atoms.PDB_model_num 
_pdbx_unobs_or_zero_occ_atoms.polymer_flag 
_pdbx_unobs_or_zero_occ_atoms.occupancy_flag 
_pdbx_unobs_or_zero_occ_atoms.auth_asym_id 
_pdbx_unobs_or_zero_occ_atoms.auth_comp_id 
_pdbx_unobs_or_zero_occ_atoms.auth_seq_id 
_pdbx_unobs_or_zero_occ_atoms.PDB_ins_code 
_pdbx_unobs_or_zero_occ_atoms.auth_atom_id 
_pdbx_unobs_or_zero_occ_atoms.label_alt_id 
_pdbx_unobs_or_zero_occ_atoms.label_asym_id 
_pdbx_unobs_or_zero_occ_atoms.label_comp_id 
_pdbx_unobs_or_zero_occ_atoms.label_seq_id 
_pdbx_unobs_or_zero_occ_atoms.label_atom_id 
1  1 Y 1 A ASN 281 ? CG  ? A ASN 1   CG  
2  1 Y 1 A ASN 281 ? OD1 ? A ASN 1   OD1 
3  1 Y 1 A ASN 281 ? ND2 ? A ASN 1   ND2 
4  1 Y 1 A VAL 282 ? CG1 ? A VAL 2   CG1 
5  1 Y 1 A VAL 282 ? CG2 ? A VAL 2   CG2 
6  1 Y 1 A ARG 314 ? CG  ? A ARG 34  CG  
7  1 Y 1 A ARG 314 ? CD  ? A ARG 34  CD  
8  1 Y 1 A ARG 314 ? NE  ? A ARG 34  NE  
9  1 Y 1 A ARG 314 ? CZ  ? A ARG 34  CZ  
10 1 Y 1 A ARG 314 ? NH1 ? A ARG 34  NH1 
11 1 Y 1 A ARG 314 ? NH2 ? A ARG 34  NH2 
12 1 Y 1 A ASN 338 ? CG  ? A ASN 58  CG  
13 1 Y 1 A ASN 338 ? OD1 ? A ASN 58  OD1 
14 1 Y 1 A ASN 338 ? ND2 ? A ASN 58  ND2 
15 1 Y 1 A GLN 369 ? CG  ? A GLN 89  CG  
16 1 Y 1 A GLN 369 ? CD  ? A GLN 89  CD  
17 1 Y 1 A GLN 369 ? OE1 ? A GLN 89  OE1 
18 1 Y 1 A GLN 369 ? NE2 ? A GLN 89  NE2 
19 1 Y 1 A ASN 381 ? CG  ? A ASN 101 CG  
20 1 Y 1 A ASN 381 ? OD1 ? A ASN 101 OD1 
21 1 Y 1 A ASN 381 ? ND2 ? A ASN 101 ND2 
22 1 Y 1 B GLY 0   ? N   ? B GLY 1   N   
23 1 Y 1 C LYS 2   ? CG  ? C LYS 2   CG  
24 1 Y 1 C LYS 2   ? CD  ? C LYS 2   CD  
25 1 Y 1 C LYS 2   ? CE  ? C LYS 2   CE  
26 1 Y 1 C LYS 2   ? NZ  ? C LYS 2   NZ  
27 1 Y 1 C CYS 18  ? CA  ? C CYS 18  CA  
28 1 Y 1 C CYS 18  ? C   ? C CYS 18  C   
29 1 Y 1 C CYS 18  ? O   ? C CYS 18  O   
30 1 Y 1 C CYS 18  ? CB  ? C CYS 18  CB  
31 1 Y 1 C CYS 18  ? SG  ? C CYS 18  SG  
# 
loop_
_software.citation_id 
_software.classification 
_software.compiler_name 
_software.compiler_version 
_software.contact_author 
_software.contact_author_email 
_software.date 
_software.description 
_software.dependencies 
_software.hardware 
_software.language 
_software.location 
_software.mods 
_software.name 
_software.os 
_software.os_version 
_software.type 
_software.version 
_software.pdbx_ordinal 
? refinement       ? ? ? ? ? ? ? ? ? ? ? REFMAC   ? ? ? 5.8.0218 1 
? 'data scaling'   ? ? ? ? ? ? ? ? ? ? ? HKL-2000 ? ? ? .        2 
? 'data reduction' ? ? ? ? ? ? ? ? ? ? ? HKL-2000 ? ? ? .        3 
? phasing          ? ? ? ? ? ? ? ? ? ? ? MOLREP   ? ? ? .        4 
# 
_cell.angle_alpha                  90.00 
_cell.angle_alpha_esd              ? 
_cell.angle_beta                   90.00 
_cell.angle_beta_esd               ? 
_cell.angle_gamma                  90.00 
_cell.angle_gamma_esd              ? 
_cell.entry_id                     8YTD 
_cell.details                      ? 
_cell.formula_units_Z              ? 
_cell.length_a                     50.374 
_cell.length_a_esd                 ? 
_cell.length_b                     50.374 
_cell.length_b_esd                 ? 
_cell.length_c                     143.959 
_cell.length_c_esd                 ? 
_cell.volume                       ? 
_cell.volume_esd                   ? 
_cell.Z_PDB                        8 
_cell.reciprocal_angle_alpha       ? 
_cell.reciprocal_angle_beta        ? 
_cell.reciprocal_angle_gamma       ? 
_cell.reciprocal_angle_alpha_esd   ? 
_cell.reciprocal_angle_beta_esd    ? 
_cell.reciprocal_angle_gamma_esd   ? 
_cell.reciprocal_length_a          ? 
_cell.reciprocal_length_b          ? 
_cell.reciprocal_length_c          ? 
_cell.reciprocal_length_a_esd      ? 
_cell.reciprocal_length_b_esd      ? 
_cell.reciprocal_length_c_esd      ? 
_cell.pdbx_unique_axis             ? 
_cell.pdbx_esd_method              ? 
# 
_symmetry.entry_id                         8YTD 
_symmetry.cell_setting                     ? 
_symmetry.Int_Tables_number                96 
_symmetry.space_group_name_Hall            ? 
_symmetry.space_group_name_H-M             'P 43 21 2' 
_symmetry.pdbx_full_space_group_name_H-M   ? 
# 
_exptl.absorpt_coefficient_mu     ? 
_exptl.absorpt_correction_T_max   ? 
_exptl.absorpt_correction_T_min   ? 
_exptl.absorpt_correction_type    ? 
_exptl.absorpt_process_details    ? 
_exptl.entry_id                   8YTD 
_exptl.crystals_number            1 
_exptl.details                    ? 
_exptl.method                     'X-RAY DIFFRACTION' 
_exptl.method_details             ? 
# 
_exptl_crystal.colour                       ? 
_exptl_crystal.density_diffrn               ? 
_exptl_crystal.density_Matthews             3.03 
_exptl_crystal.density_method               ? 
_exptl_crystal.density_percent_sol          59.40 
_exptl_crystal.description                  ? 
_exptl_crystal.F_000                        ? 
_exptl_crystal.id                           1 
_exptl_crystal.preparation                  ? 
_exptl_crystal.size_max                     ? 
_exptl_crystal.size_mid                     ? 
_exptl_crystal.size_min                     ? 
_exptl_crystal.size_rad                     ? 
_exptl_crystal.colour_lustre                ? 
_exptl_crystal.colour_modifier              ? 
_exptl_crystal.colour_primary               ? 
_exptl_crystal.density_meas                 ? 
_exptl_crystal.density_meas_esd             ? 
_exptl_crystal.density_meas_gt              ? 
_exptl_crystal.density_meas_lt              ? 
_exptl_crystal.density_meas_temp            ? 
_exptl_crystal.density_meas_temp_esd        ? 
_exptl_crystal.density_meas_temp_gt         ? 
_exptl_crystal.density_meas_temp_lt         ? 
_exptl_crystal.pdbx_crystal_image_url       ? 
_exptl_crystal.pdbx_crystal_image_format    ? 
_exptl_crystal.pdbx_mosaicity               ? 
_exptl_crystal.pdbx_mosaicity_esd           ? 
_exptl_crystal.pdbx_mosaic_method           ? 
_exptl_crystal.pdbx_mosaic_block_size       ? 
_exptl_crystal.pdbx_mosaic_block_size_esd   ? 
# 
_exptl_crystal_grow.apparatus       ? 
_exptl_crystal_grow.atmosphere      ? 
_exptl_crystal_grow.crystal_id      1 
_exptl_crystal_grow.details         ? 
_exptl_crystal_grow.method          'VAPOR DIFFUSION' 
_exptl_crystal_grow.method_ref      ? 
_exptl_crystal_grow.pH              ? 
_exptl_crystal_grow.pressure        ? 
_exptl_crystal_grow.pressure_esd    ? 
_exptl_crystal_grow.seeding         ? 
_exptl_crystal_grow.seeding_ref     ? 
_exptl_crystal_grow.temp_details    ? 
_exptl_crystal_grow.temp_esd        ? 
_exptl_crystal_grow.time            ? 
_exptl_crystal_grow.pdbx_details    '25% v/v ethylene glycol' 
_exptl_crystal_grow.pdbx_pH_range   ? 
_exptl_crystal_grow.temp            277 
# 
_diffrn.ambient_environment              ? 
_diffrn.ambient_temp                     100 
_diffrn.ambient_temp_details             ? 
_diffrn.ambient_temp_esd                 ? 
_diffrn.crystal_id                       1 
_diffrn.crystal_support                  ? 
_diffrn.crystal_treatment                ? 
_diffrn.details                          ? 
_diffrn.id                               1 
_diffrn.ambient_pressure                 ? 
_diffrn.ambient_pressure_esd             ? 
_diffrn.ambient_pressure_gt              ? 
_diffrn.ambient_pressure_lt              ? 
_diffrn.ambient_temp_gt                  ? 
_diffrn.ambient_temp_lt                  ? 
_diffrn.pdbx_serial_crystal_experiment   N 
# 
_diffrn_detector.details                      ? 
_diffrn_detector.detector                     'IMAGE PLATE' 
_diffrn_detector.diffrn_id                    1 
_diffrn_detector.type                         'RIGAKU RAXIS IV++' 
_diffrn_detector.area_resol_mean              ? 
_diffrn_detector.dtime                        ? 
_diffrn_detector.pdbx_frames_total            ? 
_diffrn_detector.pdbx_collection_time_total   ? 
_diffrn_detector.pdbx_collection_date         2020-05-20 
_diffrn_detector.pdbx_frequency               ? 
_diffrn_detector.id                           ? 
_diffrn_detector.number_of_axes               ? 
# 
_diffrn_radiation.collimation                      ? 
_diffrn_radiation.diffrn_id                        1 
_diffrn_radiation.filter_edge                      ? 
_diffrn_radiation.inhomogeneity                    ? 
_diffrn_radiation.monochromator                    ? 
_diffrn_radiation.polarisn_norm                    ? 
_diffrn_radiation.polarisn_ratio                   ? 
_diffrn_radiation.probe                            ? 
_diffrn_radiation.type                             ? 
_diffrn_radiation.xray_symbol                      ? 
_diffrn_radiation.wavelength_id                    1 
_diffrn_radiation.pdbx_monochromatic_or_laue_m_l   M 
_diffrn_radiation.pdbx_wavelength_list             ? 
_diffrn_radiation.pdbx_wavelength                  ? 
_diffrn_radiation.pdbx_diffrn_protocol             'SINGLE WAVELENGTH' 
_diffrn_radiation.pdbx_analyzer                    ? 
_diffrn_radiation.pdbx_scattering_type             x-ray 
# 
_diffrn_radiation_wavelength.id           1 
_diffrn_radiation_wavelength.wavelength   1.54178 
_diffrn_radiation_wavelength.wt           1.0 
# 
_diffrn_source.current                     ? 
_diffrn_source.details                     ? 
_diffrn_source.diffrn_id                   1 
_diffrn_source.power                       ? 
_diffrn_source.size                        ? 
_diffrn_source.source                      'ROTATING ANODE' 
_diffrn_source.target                      ? 
_diffrn_source.type                        'RIGAKU MICROMAX-007 HF' 
_diffrn_source.voltage                     ? 
_diffrn_source.take-off_angle              ? 
_diffrn_source.pdbx_wavelength_list        1.54178 
_diffrn_source.pdbx_wavelength             ? 
_diffrn_source.pdbx_synchrotron_beamline   ? 
_diffrn_source.pdbx_synchrotron_site       ? 
# 
_reflns.B_iso_Wilson_estimate                          ? 
_reflns.entry_id                                       8YTD 
_reflns.data_reduction_details                         ? 
_reflns.data_reduction_method                          ? 
_reflns.d_resolution_high                              2.34 
_reflns.d_resolution_low                               50.00 
_reflns.details                                        ? 
_reflns.limit_h_max                                    ? 
_reflns.limit_h_min                                    ? 
_reflns.limit_k_max                                    ? 
_reflns.limit_k_min                                    ? 
_reflns.limit_l_max                                    ? 
_reflns.limit_l_min                                    ? 
_reflns.number_all                                     ? 
_reflns.number_obs                                     8455 
_reflns.observed_criterion                             ? 
_reflns.observed_criterion_F_max                       ? 
_reflns.observed_criterion_F_min                       ? 
_reflns.observed_criterion_I_max                       ? 
_reflns.observed_criterion_I_min                       ? 
_reflns.observed_criterion_sigma_F                     ? 
_reflns.observed_criterion_sigma_I                     ? 
_reflns.percent_possible_obs                           99.8 
_reflns.R_free_details                                 ? 
_reflns.Rmerge_F_all                                   ? 
_reflns.Rmerge_F_obs                                   ? 
_reflns.Friedel_coverage                               ? 
_reflns.number_gt                                      ? 
_reflns.threshold_expression                           ? 
_reflns.pdbx_redundancy                                9.3 
_reflns.pdbx_netI_over_av_sigmaI                       ? 
_reflns.pdbx_netI_over_sigmaI                          20.2 
_reflns.pdbx_res_netI_over_av_sigmaI_2                 ? 
_reflns.pdbx_res_netI_over_sigmaI_2                    ? 
_reflns.pdbx_chi_squared                               1.049 
_reflns.pdbx_scaling_rejects                           ? 
_reflns.pdbx_d_res_high_opt                            ? 
_reflns.pdbx_d_res_low_opt                             ? 
_reflns.pdbx_d_res_opt_method                          ? 
_reflns.phase_calculation_details                      ? 
_reflns.pdbx_Rrim_I_all                                0.047 
_reflns.pdbx_Rpim_I_all                                0.016 
_reflns.pdbx_d_opt                                     ? 
_reflns.pdbx_number_measured_all                       78245 
_reflns.pdbx_diffrn_id                                 1 
_reflns.pdbx_ordinal                                   1 
_reflns.pdbx_CC_half                                   0.978 
_reflns.pdbx_CC_star                                   0.994 
_reflns.pdbx_R_split                                   ? 
_reflns.pdbx_Rmerge_I_obs                              0.044 
_reflns.pdbx_Rmerge_I_all                              ? 
_reflns.pdbx_Rsym_value                                ? 
_reflns.pdbx_CC_split_method                           ? 
_reflns.pdbx_aniso_diffraction_limit_axis_1_ortho[1]   ? 
_reflns.pdbx_aniso_diffraction_limit_axis_1_ortho[2]   ? 
_reflns.pdbx_aniso_diffraction_limit_axis_1_ortho[3]   ? 
_reflns.pdbx_aniso_diffraction_limit_axis_2_ortho[1]   ? 
_reflns.pdbx_aniso_diffraction_limit_axis_2_ortho[2]   ? 
_reflns.pdbx_aniso_diffraction_limit_axis_2_ortho[3]   ? 
_reflns.pdbx_aniso_diffraction_limit_axis_3_ortho[1]   ? 
_reflns.pdbx_aniso_diffraction_limit_axis_3_ortho[2]   ? 
_reflns.pdbx_aniso_diffraction_limit_axis_3_ortho[3]   ? 
_reflns.pdbx_aniso_diffraction_limit_1                 ? 
_reflns.pdbx_aniso_diffraction_limit_2                 ? 
_reflns.pdbx_aniso_diffraction_limit_3                 ? 
_reflns.pdbx_aniso_B_tensor_eigenvector_1_ortho[1]     ? 
_reflns.pdbx_aniso_B_tensor_eigenvector_1_ortho[2]     ? 
_reflns.pdbx_aniso_B_tensor_eigenvector_1_ortho[3]     ? 
_reflns.pdbx_aniso_B_tensor_eigenvector_2_ortho[1]     ? 
_reflns.pdbx_aniso_B_tensor_eigenvector_2_ortho[2]     ? 
_reflns.pdbx_aniso_B_tensor_eigenvector_2_ortho[3]     ? 
_reflns.pdbx_aniso_B_tensor_eigenvector_3_ortho[1]     ? 
_reflns.pdbx_aniso_B_tensor_eigenvector_3_ortho[2]     ? 
_reflns.pdbx_aniso_B_tensor_eigenvector_3_ortho[3]     ? 
_reflns.pdbx_aniso_B_tensor_eigenvalue_1               ? 
_reflns.pdbx_aniso_B_tensor_eigenvalue_2               ? 
_reflns.pdbx_aniso_B_tensor_eigenvalue_3               ? 
_reflns.pdbx_orthogonalization_convention              ? 
_reflns.pdbx_percent_possible_ellipsoidal              ? 
_reflns.pdbx_percent_possible_spherical                ? 
_reflns.pdbx_percent_possible_ellipsoidal_anomalous    ? 
_reflns.pdbx_percent_possible_spherical_anomalous      ? 
_reflns.pdbx_redundancy_anomalous                      ? 
_reflns.pdbx_CC_half_anomalous                         ? 
_reflns.pdbx_absDiff_over_sigma_anomalous              ? 
_reflns.pdbx_percent_possible_anomalous                ? 
_reflns.pdbx_observed_signal_threshold                 ? 
_reflns.pdbx_signal_type                               ? 
_reflns.pdbx_signal_details                            ? 
_reflns.pdbx_signal_software_id                        ? 
# 
loop_
_reflns_shell.d_res_high 
_reflns_shell.d_res_low 
_reflns_shell.meanI_over_sigI_all 
_reflns_shell.meanI_over_sigI_obs 
_reflns_shell.number_measured_all 
_reflns_shell.number_measured_obs 
_reflns_shell.number_possible 
_reflns_shell.number_unique_all 
_reflns_shell.number_unique_obs 
_reflns_shell.percent_possible_obs 
_reflns_shell.Rmerge_F_all 
_reflns_shell.Rmerge_F_obs 
_reflns_shell.meanI_over_sigI_gt 
_reflns_shell.meanI_over_uI_all 
_reflns_shell.meanI_over_uI_gt 
_reflns_shell.number_measured_gt 
_reflns_shell.number_unique_gt 
_reflns_shell.percent_possible_gt 
_reflns_shell.Rmerge_F_gt 
_reflns_shell.Rmerge_I_gt 
_reflns_shell.pdbx_redundancy 
_reflns_shell.pdbx_chi_squared 
_reflns_shell.pdbx_netI_over_sigmaI_all 
_reflns_shell.pdbx_netI_over_sigmaI_obs 
_reflns_shell.pdbx_Rrim_I_all 
_reflns_shell.pdbx_Rpim_I_all 
_reflns_shell.pdbx_rejects 
_reflns_shell.pdbx_ordinal 
_reflns_shell.pdbx_diffrn_id 
_reflns_shell.pdbx_CC_half 
_reflns_shell.pdbx_CC_star 
_reflns_shell.pdbx_R_split 
_reflns_shell.percent_possible_all 
_reflns_shell.Rmerge_I_all 
_reflns_shell.Rmerge_I_obs 
_reflns_shell.pdbx_Rsym_value 
_reflns_shell.pdbx_percent_possible_ellipsoidal 
_reflns_shell.pdbx_percent_possible_spherical 
_reflns_shell.pdbx_percent_possible_ellipsoidal_anomalous 
_reflns_shell.pdbx_percent_possible_spherical_anomalous 
_reflns_shell.pdbx_redundancy_anomalous 
_reflns_shell.pdbx_CC_half_anomalous 
_reflns_shell.pdbx_absDiff_over_sigma_anomalous 
_reflns_shell.pdbx_percent_possible_anomalous 
2.34 2.42  ? ? ? ? ? ? 802 ? ? ? ? ? ? ? ? ? ? ? 9.1 0.861 ? ? 0.372 0.121 ? 1  1 0.966 0.991 ? 99.4  ? 0.351 ? ? ? ? ? ? ? ? ? 
2.42 2.52  ? ? ? ? ? ? 835 ? ? ? ? ? ? ? ? ? ? ? 9.5 0.895 ? ? 0.305 0.098 ? 2  1 0.978 0.994 ? 100.0 ? 0.289 ? ? ? ? ? ? ? ? ? 
2.52 2.64  ? ? ? ? ? ? 811 ? ? ? ? ? ? ? ? ? ? ? 9.5 0.864 ? ? 0.225 0.072 ? 3  1 0.986 0.997 ? 100.0 ? 0.213 ? ? ? ? ? ? ? ? ? 
2.64 2.77  ? ? ? ? ? ? 823 ? ? ? ? ? ? ? ? ? ? ? 9.4 0.901 ? ? 0.157 0.050 ? 4  1 0.992 0.998 ? 100.0 ? 0.148 ? ? ? ? ? ? ? ? ? 
2.77 2.95  ? ? ? ? ? ? 826 ? ? ? ? ? ? ? ? ? ? ? 9.5 0.948 ? ? 0.108 0.035 ? 5  1 0.995 0.999 ? 100.0 ? 0.102 ? ? ? ? ? ? ? ? ? 
2.95 3.18  ? ? ? ? ? ? 831 ? ? ? ? ? ? ? ? ? ? ? 9.4 0.943 ? ? 0.071 0.023 ? 6  1 0.997 0.999 ? 100.0 ? 0.067 ? ? ? ? ? ? ? ? ? 
3.18 3.50  ? ? ? ? ? ? 842 ? ? ? ? ? ? ? ? ? ? ? 9.4 0.990 ? ? 0.050 0.016 ? 7  1 0.998 0.999 ? 100.0 ? 0.048 ? ? ? ? ? ? ? ? ? 
3.50 4.00  ? ? ? ? ? ? 856 ? ? ? ? ? ? ? ? ? ? ? 9.3 0.837 ? ? 0.037 0.012 ? 8  1 0.997 0.999 ? 100.0 ? 0.035 ? ? ? ? ? ? ? ? ? 
4.00 5.04  ? ? ? ? ? ? 877 ? ? ? ? ? ? ? ? ? ? ? 9.2 0.669 ? ? 0.031 0.010 ? 9  1 0.998 1.000 ? 100.0 ? 0.029 ? ? ? ? ? ? ? ? ? 
5.04 50.00 ? ? ? ? ? ? 952 ? ? ? ? ? ? ? ? ? ? ? 8.4 2.578 ? ? 0.037 0.014 ? 10 1 0.955 0.988 ? 98.8  ? 0.033 ? ? ? ? ? ? ? ? ? 
# 
_refine.aniso_B[1][1]                            0.40 
_refine.aniso_B[1][2]                            -0.00 
_refine.aniso_B[1][3]                            -0.00 
_refine.aniso_B[2][2]                            0.40 
_refine.aniso_B[2][3]                            -0.00 
_refine.aniso_B[3][3]                            -0.80 
_refine.B_iso_max                                ? 
_refine.B_iso_mean                               28.210 
_refine.B_iso_min                                ? 
_refine.correlation_coeff_Fo_to_Fc               0.929 
_refine.correlation_coeff_Fo_to_Fc_free          0.901 
_refine.details                                  'HYDROGENS HAVE BEEN ADDED IN THE RIDING POSITIONS' 
_refine.diff_density_max                         ? 
_refine.diff_density_max_esd                     ? 
_refine.diff_density_min                         ? 
_refine.diff_density_min_esd                     ? 
_refine.diff_density_rms                         ? 
_refine.diff_density_rms_esd                     ? 
_refine.entry_id                                 8YTD 
_refine.pdbx_refine_id                           'X-RAY DIFFRACTION' 
_refine.ls_abs_structure_details                 ? 
_refine.ls_abs_structure_Flack                   ? 
_refine.ls_abs_structure_Flack_esd               ? 
_refine.ls_abs_structure_Rogers                  ? 
_refine.ls_abs_structure_Rogers_esd              ? 
_refine.ls_d_res_high                            2.34 
_refine.ls_d_res_low                             47.55 
_refine.ls_extinction_coef                       ? 
_refine.ls_extinction_coef_esd                   ? 
_refine.ls_extinction_expression                 ? 
_refine.ls_extinction_method                     ? 
_refine.ls_goodness_of_fit_all                   ? 
_refine.ls_goodness_of_fit_all_esd               ? 
_refine.ls_goodness_of_fit_obs                   ? 
_refine.ls_goodness_of_fit_obs_esd               ? 
_refine.ls_hydrogen_treatment                    ? 
_refine.ls_matrix_type                           ? 
_refine.ls_number_constraints                    ? 
_refine.ls_number_parameters                     ? 
_refine.ls_number_reflns_all                     ? 
_refine.ls_number_reflns_obs                     7979 
_refine.ls_number_reflns_R_free                  429 
_refine.ls_number_reflns_R_work                  ? 
_refine.ls_number_restraints                     ? 
_refine.ls_percent_reflns_obs                    99.95 
_refine.ls_percent_reflns_R_free                 5.1 
_refine.ls_R_factor_all                          ? 
_refine.ls_R_factor_obs                          0.22120 
_refine.ls_R_factor_R_free                       0.27596 
_refine.ls_R_factor_R_free_error                 ? 
_refine.ls_R_factor_R_free_error_details         ? 
_refine.ls_R_factor_R_work                       0.21842 
_refine.ls_R_Fsqd_factor_obs                     ? 
_refine.ls_R_I_factor_obs                        ? 
_refine.ls_redundancy_reflns_all                 ? 
_refine.ls_redundancy_reflns_obs                 ? 
_refine.ls_restrained_S_all                      ? 
_refine.ls_restrained_S_obs                      ? 
_refine.ls_shift_over_esd_max                    ? 
_refine.ls_shift_over_esd_mean                   ? 
_refine.ls_structure_factor_coef                 ? 
_refine.ls_weighting_details                     ? 
_refine.ls_weighting_scheme                      ? 
_refine.ls_wR_factor_all                         ? 
_refine.ls_wR_factor_obs                         ? 
_refine.ls_wR_factor_R_free                      ? 
_refine.ls_wR_factor_R_work                      ? 
_refine.occupancy_max                            ? 
_refine.occupancy_min                            ? 
_refine.solvent_model_details                    MASK 
_refine.solvent_model_param_bsol                 ? 
_refine.solvent_model_param_ksol                 ? 
_refine.pdbx_R_complete                          ? 
_refine.ls_R_factor_gt                           ? 
_refine.ls_goodness_of_fit_gt                    ? 
_refine.ls_goodness_of_fit_ref                   ? 
_refine.ls_shift_over_su_max                     ? 
_refine.ls_shift_over_su_max_lt                  ? 
_refine.ls_shift_over_su_mean                    ? 
_refine.ls_shift_over_su_mean_lt                 ? 
_refine.pdbx_ls_sigma_I                          ? 
_refine.pdbx_ls_sigma_F                          ? 
_refine.pdbx_ls_sigma_Fsqd                       ? 
_refine.pdbx_data_cutoff_high_absF               ? 
_refine.pdbx_data_cutoff_high_rms_absF           ? 
_refine.pdbx_data_cutoff_low_absF                ? 
_refine.pdbx_isotropic_thermal_model             ? 
_refine.pdbx_ls_cross_valid_method               THROUGHOUT 
_refine.pdbx_method_to_determine_struct          'MOLECULAR REPLACEMENT' 
_refine.pdbx_starting_model                      ? 
_refine.pdbx_stereochemistry_target_values       'MAXIMUM LIKELIHOOD' 
_refine.pdbx_R_Free_selection_details            RANDOM 
_refine.pdbx_stereochem_target_val_spec_case     ? 
_refine.pdbx_overall_ESU_R                       0.292 
_refine.pdbx_overall_ESU_R_Free                  0.245 
_refine.pdbx_solvent_vdw_probe_radii             1.20 
_refine.pdbx_solvent_ion_probe_radii             0.80 
_refine.pdbx_solvent_shrinkage_radii             0.80 
_refine.pdbx_real_space_R                        ? 
_refine.pdbx_density_correlation                 ? 
_refine.pdbx_pd_number_of_powder_patterns        ? 
_refine.pdbx_pd_number_of_points                 ? 
_refine.pdbx_pd_meas_number_of_points            ? 
_refine.pdbx_pd_proc_ls_prof_R_factor            ? 
_refine.pdbx_pd_proc_ls_prof_wR_factor           ? 
_refine.pdbx_pd_Marquardt_correlation_coeff      ? 
_refine.pdbx_pd_Fsqrd_R_factor                   ? 
_refine.pdbx_pd_ls_matrix_band_width             ? 
_refine.pdbx_overall_phase_error                 ? 
_refine.pdbx_overall_SU_R_free_Cruickshank_DPI   ? 
_refine.pdbx_overall_SU_R_free_Blow_DPI          ? 
_refine.pdbx_overall_SU_R_Blow_DPI               ? 
_refine.pdbx_TLS_residual_ADP_flag               ? 
_refine.pdbx_diffrn_id                           1 
_refine.overall_SU_B                             6.946 
_refine.overall_SU_ML                            0.167 
_refine.overall_SU_R_Cruickshank_DPI             ? 
_refine.overall_SU_R_free                        ? 
_refine.overall_FOM_free_R_set                   ? 
_refine.overall_FOM_work_R_set                   ? 
_refine.pdbx_average_fsc_overall                 ? 
_refine.pdbx_average_fsc_work                    ? 
_refine.pdbx_average_fsc_free                    ? 
# 
_refine_hist.pdbx_refine_id                   'X-RAY DIFFRACTION' 
_refine_hist.cycle_id                         1 
_refine_hist.details                          ? 
_refine_hist.d_res_high                       2.34 
_refine_hist.d_res_low                        47.55 
_refine_hist.number_atoms_solvent             50 
_refine_hist.number_atoms_total               1103 
_refine_hist.number_reflns_all                ? 
_refine_hist.number_reflns_obs                ? 
_refine_hist.number_reflns_R_free             ? 
_refine_hist.number_reflns_R_work             ? 
_refine_hist.R_factor_all                     ? 
_refine_hist.R_factor_obs                     ? 
_refine_hist.R_factor_R_free                  ? 
_refine_hist.R_factor_R_work                  ? 
_refine_hist.pdbx_number_residues_total       ? 
_refine_hist.pdbx_B_iso_mean_ligand           ? 
_refine_hist.pdbx_B_iso_mean_solvent          ? 
_refine_hist.pdbx_number_atoms_protein        1037 
_refine_hist.pdbx_number_atoms_nucleic_acid   0 
_refine_hist.pdbx_number_atoms_ligand         16 
_refine_hist.pdbx_number_atoms_lipid          ? 
_refine_hist.pdbx_number_atoms_carb           ? 
_refine_hist.pdbx_pseudo_atom_details         ? 
# 
loop_
_refine_ls_restr.pdbx_refine_id 
_refine_ls_restr.criterion 
_refine_ls_restr.dev_ideal 
_refine_ls_restr.dev_ideal_target 
_refine_ls_restr.number 
_refine_ls_restr.rejects 
_refine_ls_restr.type 
_refine_ls_restr.weight 
_refine_ls_restr.pdbx_restraint_function 
'X-RAY DIFFRACTION' ? 0.009  0.019  1098 ? r_bond_refined_d             ? ? 
'X-RAY DIFFRACTION' ? 0.001  0.020  912  ? r_bond_other_d               ? ? 
'X-RAY DIFFRACTION' ? 1.369  1.923  1479 ? r_angle_refined_deg          ? ? 
'X-RAY DIFFRACTION' ? 0.752  3.002  2100 ? r_angle_other_deg            ? ? 
'X-RAY DIFFRACTION' ? 6.855  5.000  130  ? r_dihedral_angle_1_deg       ? ? 
'X-RAY DIFFRACTION' ? 24.294 23.061 49   ? r_dihedral_angle_2_deg       ? ? 
'X-RAY DIFFRACTION' ? 16.106 15.000 131  ? r_dihedral_angle_3_deg       ? ? 
'X-RAY DIFFRACTION' ? 21.083 15.000 3    ? r_dihedral_angle_4_deg       ? ? 
'X-RAY DIFFRACTION' ? 0.075  0.200  153  ? r_chiral_restr               ? ? 
'X-RAY DIFFRACTION' ? 0.006  0.021  1221 ? r_gen_planes_refined         ? ? 
'X-RAY DIFFRACTION' ? 0.001  0.020  255  ? r_gen_planes_other           ? ? 
'X-RAY DIFFRACTION' ? ?      ?      ?    ? r_nbd_refined                ? ? 
'X-RAY DIFFRACTION' ? ?      ?      ?    ? r_nbd_other                  ? ? 
'X-RAY DIFFRACTION' ? ?      ?      ?    ? r_nbtor_refined              ? ? 
'X-RAY DIFFRACTION' ? ?      ?      ?    ? r_nbtor_other                ? ? 
'X-RAY DIFFRACTION' ? ?      ?      ?    ? r_xyhbond_nbd_refined        ? ? 
'X-RAY DIFFRACTION' ? ?      ?      ?    ? r_xyhbond_nbd_other          ? ? 
'X-RAY DIFFRACTION' ? ?      ?      ?    ? r_metal_ion_refined          ? ? 
'X-RAY DIFFRACTION' ? ?      ?      ?    ? r_metal_ion_other            ? ? 
'X-RAY DIFFRACTION' ? ?      ?      ?    ? r_symmetry_vdw_refined       ? ? 
'X-RAY DIFFRACTION' ? ?      ?      ?    ? r_symmetry_vdw_other         ? ? 
'X-RAY DIFFRACTION' ? ?      ?      ?    ? r_symmetry_hbond_refined     ? ? 
'X-RAY DIFFRACTION' ? ?      ?      ?    ? r_symmetry_hbond_other       ? ? 
'X-RAY DIFFRACTION' ? ?      ?      ?    ? r_symmetry_metal_ion_refined ? ? 
'X-RAY DIFFRACTION' ? ?      ?      ?    ? r_symmetry_metal_ion_other   ? ? 
'X-RAY DIFFRACTION' ? 1.607  2.855  535  ? r_mcbond_it                  ? ? 
'X-RAY DIFFRACTION' ? 1.602  2.850  534  ? r_mcbond_other               ? ? 
'X-RAY DIFFRACTION' ? 2.743  4.248  658  ? r_mcangle_it                 ? ? 
'X-RAY DIFFRACTION' ? 2.741  4.254  659  ? r_mcangle_other              ? ? 
'X-RAY DIFFRACTION' ? 1.739  3.063  563  ? r_scbond_it                  ? ? 
'X-RAY DIFFRACTION' ? 1.738  3.063  563  ? r_scbond_other               ? ? 
'X-RAY DIFFRACTION' ? ?      ?      ?    ? r_scangle_it                 ? ? 
'X-RAY DIFFRACTION' ? 2.679  4.499  822  ? r_scangle_other              ? ? 
'X-RAY DIFFRACTION' ? 4.739  32.831 1133 ? r_long_range_B_refined       ? ? 
'X-RAY DIFFRACTION' ? 4.677  32.791 1127 ? r_long_range_B_other         ? ? 
'X-RAY DIFFRACTION' ? ?      ?      ?    ? r_rigid_bond_restr           ? ? 
'X-RAY DIFFRACTION' ? ?      ?      ?    ? r_sphericity_free            ? ? 
'X-RAY DIFFRACTION' ? ?      ?      ?    ? r_sphericity_bonded          ? ? 
# 
_refine_ls_shell.pdbx_refine_id                   'X-RAY DIFFRACTION' 
_refine_ls_shell.d_res_high                       2.341 
_refine_ls_shell.d_res_low                        2.401 
_refine_ls_shell.number_reflns_all                ? 
_refine_ls_shell.number_reflns_obs                ? 
_refine_ls_shell.number_reflns_R_free             33 
_refine_ls_shell.number_reflns_R_work             573 
_refine_ls_shell.percent_reflns_obs               100.00 
_refine_ls_shell.percent_reflns_R_free            ? 
_refine_ls_shell.R_factor_all                     ? 
_refine_ls_shell.R_factor_obs                     ? 
_refine_ls_shell.R_factor_R_free_error            ? 
_refine_ls_shell.R_factor_R_work                  0.262 
_refine_ls_shell.redundancy_reflns_all            ? 
_refine_ls_shell.redundancy_reflns_obs            ? 
_refine_ls_shell.wR_factor_all                    ? 
_refine_ls_shell.wR_factor_obs                    ? 
_refine_ls_shell.wR_factor_R_free                 ? 
_refine_ls_shell.wR_factor_R_work                 ? 
_refine_ls_shell.pdbx_R_complete                  ? 
_refine_ls_shell.pdbx_total_number_of_bins_used   20 
_refine_ls_shell.pdbx_phase_error                 ? 
_refine_ls_shell.pdbx_fsc_work                    ? 
_refine_ls_shell.pdbx_fsc_free                    ? 
_refine_ls_shell.R_factor_R_free                  0.354 
# 
_struct.entry_id                     8YTD 
_struct.title                        'Crystal Structure of TrkA D5 domain in complex with two different macrocyclic peptides' 
_struct.pdbx_model_details           ? 
_struct.pdbx_formula_weight          ? 
_struct.pdbx_formula_weight_method   ? 
_struct.pdbx_model_type_details      ? 
_struct.pdbx_CASP_flag               N 
# 
_struct_keywords.entry_id        8YTD 
_struct_keywords.text            TRANSFERASE 
_struct_keywords.pdbx_keywords   TRANSFERASE 
# 
loop_
_struct_asym.id 
_struct_asym.pdbx_blank_PDB_chainid_flag 
_struct_asym.pdbx_modified 
_struct_asym.entity_id 
_struct_asym.details 
A N N 1 ? 
B N N 2 ? 
C N N 3 ? 
D N N 4 ? 
E N N 4 ? 
F N N 4 ? 
G N N 4 ? 
H N N 5 ? 
I N N 5 ? 
J N N 5 ? 
# 
loop_
_struct_ref.id 
_struct_ref.db_name 
_struct_ref.db_code 
_struct_ref.pdbx_db_accession 
_struct_ref.pdbx_db_isoform 
_struct_ref.entity_id 
_struct_ref.pdbx_seq_one_letter_code 
_struct_ref.pdbx_align_begin 
1 UNP NTRK1_HUMAN P04629 ? 1 
;NVSFPASVQLHTAVEMHHWCIPFSVDGQPAPSLRWLFNGSVLNETSFIFTEFLEPAANETVRHGCLRLNQPTHVNNGNYT
LLAANPFGQASASIMAAFMDNP
;
281 
2 PDB 8YTD        8YTD   ? 2 ? 1   
3 PDB 8YTD        8YTD   ? 3 ? 1   
# 
loop_
_struct_ref_seq.align_id 
_struct_ref_seq.ref_id 
_struct_ref_seq.pdbx_PDB_id_code 
_struct_ref_seq.pdbx_strand_id 
_struct_ref_seq.seq_align_beg 
_struct_ref_seq.pdbx_seq_align_beg_ins_code 
_struct_ref_seq.seq_align_end 
_struct_ref_seq.pdbx_seq_align_end_ins_code 
_struct_ref_seq.pdbx_db_accession 
_struct_ref_seq.db_align_beg 
_struct_ref_seq.pdbx_db_align_beg_ins_code 
_struct_ref_seq.db_align_end 
_struct_ref_seq.pdbx_db_align_end_ins_code 
_struct_ref_seq.pdbx_auth_seq_align_beg 
_struct_ref_seq.pdbx_auth_seq_align_end 
1 1 8YTD A 1 ? 102 ? P04629 281 ? 382 ? 281 382 
2 2 8YTD B 1 ? 15  ? 8YTD   0   ? 14  ? 0   14  
3 3 8YTD C 1 ? 18  ? 8YTD   1   ? 18  ? 1   18  
# 
_pdbx_struct_assembly.id                   1 
_pdbx_struct_assembly.details              author_and_software_defined_assembly 
_pdbx_struct_assembly.method_details       PISA 
_pdbx_struct_assembly.oligomeric_details   trimeric 
_pdbx_struct_assembly.oligomeric_count     3 
# 
loop_
_pdbx_struct_assembly_prop.biol_id 
_pdbx_struct_assembly_prop.type 
_pdbx_struct_assembly_prop.value 
_pdbx_struct_assembly_prop.details 
1 'ABSA (A^2)' 2680 ? 
1 MORE         -15  ? 
1 'SSA (A^2)'  7770 ? 
# 
_pdbx_struct_assembly_gen.assembly_id       1 
_pdbx_struct_assembly_gen.oper_expression   1 
_pdbx_struct_assembly_gen.asym_id_list      A,B,C,D,E,F,G,H,I,J 
# 
_pdbx_struct_assembly_auth_evidence.id                     1 
_pdbx_struct_assembly_auth_evidence.assembly_id            1 
_pdbx_struct_assembly_auth_evidence.experimental_support   'gel filtration' 
_pdbx_struct_assembly_auth_evidence.details                ? 
# 
_pdbx_struct_oper_list.id                   1 
_pdbx_struct_oper_list.type                 'identity operation' 
_pdbx_struct_oper_list.name                 1_555 
_pdbx_struct_oper_list.symmetry_operation   x,y,z 
_pdbx_struct_oper_list.matrix[1][1]         1.0 
_pdbx_struct_oper_list.matrix[1][2]         0.0 
_pdbx_struct_oper_list.matrix[1][3]         0.0 
_pdbx_struct_oper_list.vector[1]            0.0 
_pdbx_struct_oper_list.matrix[2][1]         0.0 
_pdbx_struct_oper_list.matrix[2][2]         1.0 
_pdbx_struct_oper_list.matrix[2][3]         0.0 
_pdbx_struct_oper_list.vector[2]            0.0 
_pdbx_struct_oper_list.matrix[3][1]         0.0 
_pdbx_struct_oper_list.matrix[3][2]         0.0 
_pdbx_struct_oper_list.matrix[3][3]         1.0 
_pdbx_struct_oper_list.vector[3]            0.0 
# 
_struct_conf.conf_type_id            HELX_P 
_struct_conf.id                      HELX_P1 
_struct_conf.pdbx_PDB_helix_id       AA1 
_struct_conf.beg_label_comp_id       THR 
_struct_conf.beg_label_asym_id       A 
_struct_conf.beg_label_seq_id        72 
_struct_conf.pdbx_beg_PDB_ins_code   ? 
_struct_conf.end_label_comp_id       ASN 
_struct_conf.end_label_asym_id       A 
_struct_conf.end_label_seq_id        76 
_struct_conf.pdbx_end_PDB_ins_code   ? 
_struct_conf.beg_auth_comp_id        THR 
_struct_conf.beg_auth_asym_id        A 
_struct_conf.beg_auth_seq_id         352 
_struct_conf.end_auth_comp_id        ASN 
_struct_conf.end_auth_asym_id        A 
_struct_conf.end_auth_seq_id         356 
_struct_conf.pdbx_PDB_helix_class    5 
_struct_conf.details                 ? 
_struct_conf.pdbx_PDB_helix_length   5 
# 
_struct_conf_type.id          HELX_P 
_struct_conf_type.criteria    ? 
_struct_conf_type.reference   ? 
# 
loop_
_struct_conn.id 
_struct_conn.conn_type_id 
_struct_conn.pdbx_leaving_atom_flag 
_struct_conn.pdbx_PDB_id 
_struct_conn.ptnr1_label_asym_id 
_struct_conn.ptnr1_label_comp_id 
_struct_conn.ptnr1_label_seq_id 
_struct_conn.ptnr1_label_atom_id 
_struct_conn.pdbx_ptnr1_label_alt_id 
_struct_conn.pdbx_ptnr1_PDB_ins_code 
_struct_conn.pdbx_ptnr1_standard_comp_id 
_struct_conn.ptnr1_symmetry 
_struct_conn.ptnr2_label_asym_id 
_struct_conn.ptnr2_label_comp_id 
_struct_conn.ptnr2_label_seq_id 
_struct_conn.ptnr2_label_atom_id 
_struct_conn.pdbx_ptnr2_label_alt_id 
_struct_conn.pdbx_ptnr2_PDB_ins_code 
_struct_conn.ptnr1_auth_asym_id 
_struct_conn.ptnr1_auth_comp_id 
_struct_conn.ptnr1_auth_seq_id 
_struct_conn.ptnr2_auth_asym_id 
_struct_conn.ptnr2_auth_comp_id 
_struct_conn.ptnr2_auth_seq_id 
_struct_conn.ptnr2_symmetry 
_struct_conn.pdbx_ptnr3_label_atom_id 
_struct_conn.pdbx_ptnr3_label_seq_id 
_struct_conn.pdbx_ptnr3_label_comp_id 
_struct_conn.pdbx_ptnr3_label_asym_id 
_struct_conn.pdbx_ptnr3_label_alt_id 
_struct_conn.pdbx_ptnr3_PDB_ins_code 
_struct_conn.details 
_struct_conn.pdbx_dist_value 
_struct_conn.pdbx_value_order 
_struct_conn.pdbx_role 
disulf1 disulf ?    ? A CYS 20 SG ? ? ? 1_555 A CYS 65 SG ? ? A CYS 300 A CYS 345 1_555 ? ? ? ? ? ? ? 2.052 ? ? 
covale1 covale one  ? B CYS 14 C  ? ? ? 1_555 B GM1 15 N2 ? ? B CYS 13  B GM1 14  1_555 ? ? ? ? ? ? ? 1.278 ? ? 
covale2 covale both ? C GLY 8  C  ? ? ? 1_555 C MEA 9  N  ? ? C GLY 8   C MEA 9   1_555 ? ? ? ? ? ? ? 1.311 ? ? 
covale3 covale both ? C MEA 9  C  ? ? ? 1_555 C GLY 10 N  ? ? C MEA 9   C GLY 10  1_555 ? ? ? ? ? ? ? 1.292 ? ? 
# 
loop_
_struct_conn_type.id 
_struct_conn_type.criteria 
_struct_conn_type.reference 
disulf ? ? 
covale ? ? 
# 
_struct_mon_prot_cis.pdbx_id                1 
_struct_mon_prot_cis.label_comp_id          GLN 
_struct_mon_prot_cis.label_seq_id           28 
_struct_mon_prot_cis.label_asym_id          A 
_struct_mon_prot_cis.label_alt_id           . 
_struct_mon_prot_cis.pdbx_PDB_ins_code      ? 
_struct_mon_prot_cis.auth_comp_id           GLN 
_struct_mon_prot_cis.auth_seq_id            308 
_struct_mon_prot_cis.auth_asym_id           A 
_struct_mon_prot_cis.pdbx_label_comp_id_2   PRO 
_struct_mon_prot_cis.pdbx_label_seq_id_2    29 
_struct_mon_prot_cis.pdbx_label_asym_id_2   A 
_struct_mon_prot_cis.pdbx_PDB_ins_code_2    ? 
_struct_mon_prot_cis.pdbx_auth_comp_id_2    PRO 
_struct_mon_prot_cis.pdbx_auth_seq_id_2     309 
_struct_mon_prot_cis.pdbx_auth_asym_id_2    A 
_struct_mon_prot_cis.pdbx_PDB_model_num     1 
_struct_mon_prot_cis.pdbx_omega_angle       -1.07 
# 
loop_
_struct_sheet.id 
_struct_sheet.type 
_struct_sheet.number_strands 
_struct_sheet.details 
AA1 ? 3 ? 
AA2 ? 4 ? 
AA3 ? 6 ? 
# 
loop_
_struct_sheet_order.sheet_id 
_struct_sheet_order.range_id_1 
_struct_sheet_order.range_id_2 
_struct_sheet_order.offset 
_struct_sheet_order.sense 
AA1 1 2 ? anti-parallel 
AA1 2 3 ? anti-parallel 
AA2 1 2 ? anti-parallel 
AA2 2 3 ? anti-parallel 
AA2 3 4 ? anti-parallel 
AA3 1 2 ? anti-parallel 
AA3 2 3 ? anti-parallel 
AA3 3 4 ? anti-parallel 
AA3 4 5 ? parallel      
AA3 5 6 ? anti-parallel 
# 
loop_
_struct_sheet_range.sheet_id 
_struct_sheet_range.id 
_struct_sheet_range.beg_label_comp_id 
_struct_sheet_range.beg_label_asym_id 
_struct_sheet_range.beg_label_seq_id 
_struct_sheet_range.pdbx_beg_PDB_ins_code 
_struct_sheet_range.end_label_comp_id 
_struct_sheet_range.end_label_asym_id 
_struct_sheet_range.end_label_seq_id 
_struct_sheet_range.pdbx_end_PDB_ins_code 
_struct_sheet_range.beg_auth_comp_id 
_struct_sheet_range.beg_auth_asym_id 
_struct_sheet_range.beg_auth_seq_id 
_struct_sheet_range.end_auth_comp_id 
_struct_sheet_range.end_auth_asym_id 
_struct_sheet_range.end_auth_seq_id 
AA1 1 PHE A 4  ? LEU A 10 ? PHE A 284 LEU A 290 
AA1 2 TRP A 19 ? GLN A 28 ? TRP A 299 GLN A 308 
AA1 3 VAL A 14 ? GLU A 15 ? VAL A 294 GLU A 295 
AA2 1 PHE A 4  ? LEU A 10 ? PHE A 284 LEU A 290 
AA2 2 TRP A 19 ? GLN A 28 ? TRP A 299 GLN A 308 
AA2 3 ARG A 62 ? LEU A 68 ? ARG A 342 LEU A 348 
AA2 4 ILE A 48 ? PHE A 52 ? ILE A 328 PHE A 332 
AA3 1 GLY A 88 ? ALA A 96 ? GLY A 368 ALA A 376 
AA3 2 GLY A 77 ? ASN A 85 ? GLY A 357 ASN A 365 
AA3 3 SER A 32 ? PHE A 37 ? SER A 312 PHE A 317 
AA3 4 SER A 40 ? ASN A 43 ? SER A 320 ASN A 323 
AA3 5 LYS C 2  ? TYR C 6  ? LYS C 2   TYR C 6   
AA3 6 LEU C 12 ? ASN C 16 ? LEU C 12  ASN C 16  
# 
loop_
_pdbx_struct_sheet_hbond.sheet_id 
_pdbx_struct_sheet_hbond.range_id_1 
_pdbx_struct_sheet_hbond.range_id_2 
_pdbx_struct_sheet_hbond.range_1_label_atom_id 
_pdbx_struct_sheet_hbond.range_1_label_comp_id 
_pdbx_struct_sheet_hbond.range_1_label_asym_id 
_pdbx_struct_sheet_hbond.range_1_label_seq_id 
_pdbx_struct_sheet_hbond.range_1_PDB_ins_code 
_pdbx_struct_sheet_hbond.range_1_auth_atom_id 
_pdbx_struct_sheet_hbond.range_1_auth_comp_id 
_pdbx_struct_sheet_hbond.range_1_auth_asym_id 
_pdbx_struct_sheet_hbond.range_1_auth_seq_id 
_pdbx_struct_sheet_hbond.range_2_label_atom_id 
_pdbx_struct_sheet_hbond.range_2_label_comp_id 
_pdbx_struct_sheet_hbond.range_2_label_asym_id 
_pdbx_struct_sheet_hbond.range_2_label_seq_id 
_pdbx_struct_sheet_hbond.range_2_PDB_ins_code 
_pdbx_struct_sheet_hbond.range_2_auth_atom_id 
_pdbx_struct_sheet_hbond.range_2_auth_comp_id 
_pdbx_struct_sheet_hbond.range_2_auth_asym_id 
_pdbx_struct_sheet_hbond.range_2_auth_seq_id 
AA1 1 2 N PHE A 4  ? N PHE A 284 O GLN A 28 ? O GLN A 308 
AA1 2 3 O CYS A 20 ? O CYS A 300 N VAL A 14 ? N VAL A 294 
AA2 1 2 N PHE A 4  ? N PHE A 284 O GLN A 28 ? O GLN A 308 
AA2 2 3 N VAL A 25 ? N VAL A 305 O ARG A 62 ? O ARG A 342 
AA2 3 4 O ARG A 67 ? O ARG A 347 N PHE A 49 ? N PHE A 329 
AA3 1 2 O ALA A 90 ? O ALA A 370 N ALA A 83 ? N ALA A 363 
AA3 2 3 O LEU A 82 ? O LEU A 362 N ARG A 34 ? N ARG A 314 
AA3 3 4 N PHE A 37 ? N PHE A 317 O SER A 40 ? O SER A 320 
AA3 4 5 N ASN A 43 ? N ASN A 323 O VAL C 4  ? O VAL C 4   
AA3 5 6 N SER C 3  ? N SER C 3   O TYR C 15 ? O TYR C 15  
# 
_pdbx_validate_close_contact.id               1 
_pdbx_validate_close_contact.PDB_model_num    1 
_pdbx_validate_close_contact.auth_atom_id_1   CA 
_pdbx_validate_close_contact.auth_asym_id_1   B 
_pdbx_validate_close_contact.auth_comp_id_1   GLY 
_pdbx_validate_close_contact.auth_seq_id_1    0 
_pdbx_validate_close_contact.PDB_ins_code_1   ? 
_pdbx_validate_close_contact.label_alt_id_1   ? 
_pdbx_validate_close_contact.auth_atom_id_2   SG 
_pdbx_validate_close_contact.auth_asym_id_2   B 
_pdbx_validate_close_contact.auth_comp_id_2   CYS 
_pdbx_validate_close_contact.auth_seq_id_2    13 
_pdbx_validate_close_contact.PDB_ins_code_2   ? 
_pdbx_validate_close_contact.label_alt_id_2   ? 
_pdbx_validate_close_contact.dist             1.65 
# 
_pdbx_validate_torsion.id              1 
_pdbx_validate_torsion.PDB_model_num   1 
_pdbx_validate_torsion.auth_comp_id    HIS 
_pdbx_validate_torsion.auth_asym_id    A 
_pdbx_validate_torsion.auth_seq_id     297 
_pdbx_validate_torsion.PDB_ins_code    ? 
_pdbx_validate_torsion.label_alt_id    ? 
_pdbx_validate_torsion.phi             72.40 
_pdbx_validate_torsion.psi             -79.18 
# 
_pdbx_struct_special_symmetry.id              1 
_pdbx_struct_special_symmetry.PDB_model_num   1 
_pdbx_struct_special_symmetry.auth_asym_id    A 
_pdbx_struct_special_symmetry.auth_comp_id    HOH 
_pdbx_struct_special_symmetry.auth_seq_id     522 
_pdbx_struct_special_symmetry.PDB_ins_code    ? 
_pdbx_struct_special_symmetry.label_asym_id   H 
_pdbx_struct_special_symmetry.label_comp_id   HOH 
_pdbx_struct_special_symmetry.label_seq_id    . 
# 
_pdbx_entry_details.entry_id                   8YTD 
_pdbx_entry_details.nonpolymer_details         ? 
_pdbx_entry_details.sequence_details           ? 
_pdbx_entry_details.compound_details           ? 
_pdbx_entry_details.source_details             ? 
_pdbx_entry_details.has_ligand_of_interest     Y 
_pdbx_entry_details.has_protein_modification   ? 
# 
loop_
_chem_comp_atom.comp_id 
_chem_comp_atom.atom_id 
_chem_comp_atom.type_symbol 
_chem_comp_atom.pdbx_aromatic_flag 
_chem_comp_atom.pdbx_stereo_config 
_chem_comp_atom.pdbx_ordinal 
ALA N    N N N 1   
ALA CA   C N S 2   
ALA C    C N N 3   
ALA O    O N N 4   
ALA CB   C N N 5   
ALA OXT  O N N 6   
ALA H    H N N 7   
ALA H2   H N N 8   
ALA HA   H N N 9   
ALA HB1  H N N 10  
ALA HB2  H N N 11  
ALA HB3  H N N 12  
ALA HXT  H N N 13  
ARG N    N N N 14  
ARG CA   C N S 15  
ARG C    C N N 16  
ARG O    O N N 17  
ARG CB   C N N 18  
ARG CG   C N N 19  
ARG CD   C N N 20  
ARG NE   N N N 21  
ARG CZ   C N N 22  
ARG NH1  N N N 23  
ARG NH2  N N N 24  
ARG OXT  O N N 25  
ARG H    H N N 26  
ARG H2   H N N 27  
ARG HA   H N N 28  
ARG HB2  H N N 29  
ARG HB3  H N N 30  
ARG HG2  H N N 31  
ARG HG3  H N N 32  
ARG HD2  H N N 33  
ARG HD3  H N N 34  
ARG HE   H N N 35  
ARG HH11 H N N 36  
ARG HH12 H N N 37  
ARG HH21 H N N 38  
ARG HH22 H N N 39  
ARG HXT  H N N 40  
ASN N    N N N 41  
ASN CA   C N S 42  
ASN C    C N N 43  
ASN O    O N N 44  
ASN CB   C N N 45  
ASN CG   C N N 46  
ASN OD1  O N N 47  
ASN ND2  N N N 48  
ASN OXT  O N N 49  
ASN H    H N N 50  
ASN H2   H N N 51  
ASN HA   H N N 52  
ASN HB2  H N N 53  
ASN HB3  H N N 54  
ASN HD21 H N N 55  
ASN HD22 H N N 56  
ASN HXT  H N N 57  
ASP N    N N N 58  
ASP CA   C N S 59  
ASP C    C N N 60  
ASP O    O N N 61  
ASP CB   C N N 62  
ASP CG   C N N 63  
ASP OD1  O N N 64  
ASP OD2  O N N 65  
ASP OXT  O N N 66  
ASP H    H N N 67  
ASP H2   H N N 68  
ASP HA   H N N 69  
ASP HB2  H N N 70  
ASP HB3  H N N 71  
ASP HD2  H N N 72  
ASP HXT  H N N 73  
CYS N    N N N 74  
CYS CA   C N R 75  
CYS C    C N N 76  
CYS O    O N N 77  
CYS CB   C N N 78  
CYS SG   S N N 79  
CYS OXT  O N N 80  
CYS H    H N N 81  
CYS H2   H N N 82  
CYS HA   H N N 83  
CYS HB2  H N N 84  
CYS HB3  H N N 85  
CYS HG   H N N 86  
CYS HXT  H N N 87  
EDO C1   C N N 88  
EDO O1   O N N 89  
EDO C2   C N N 90  
EDO O2   O N N 91  
EDO H11  H N N 92  
EDO H12  H N N 93  
EDO HO1  H N N 94  
EDO H21  H N N 95  
EDO H22  H N N 96  
EDO HO2  H N N 97  
GLN N    N N N 98  
GLN CA   C N S 99  
GLN C    C N N 100 
GLN O    O N N 101 
GLN CB   C N N 102 
GLN CG   C N N 103 
GLN CD   C N N 104 
GLN OE1  O N N 105 
GLN NE2  N N N 106 
GLN OXT  O N N 107 
GLN H    H N N 108 
GLN H2   H N N 109 
GLN HA   H N N 110 
GLN HB2  H N N 111 
GLN HB3  H N N 112 
GLN HG2  H N N 113 
GLN HG3  H N N 114 
GLN HE21 H N N 115 
GLN HE22 H N N 116 
GLN HXT  H N N 117 
GLU N    N N N 118 
GLU CA   C N S 119 
GLU C    C N N 120 
GLU O    O N N 121 
GLU CB   C N N 122 
GLU CG   C N N 123 
GLU CD   C N N 124 
GLU OE1  O N N 125 
GLU OE2  O N N 126 
GLU OXT  O N N 127 
GLU H    H N N 128 
GLU H2   H N N 129 
GLU HA   H N N 130 
GLU HB2  H N N 131 
GLU HB3  H N N 132 
GLU HG2  H N N 133 
GLU HG3  H N N 134 
GLU HE2  H N N 135 
GLU HXT  H N N 136 
GLY N    N N N 137 
GLY CA   C N N 138 
GLY C    C N N 139 
GLY O    O N N 140 
GLY OXT  O N N 141 
GLY H    H N N 142 
GLY H2   H N N 143 
GLY HA2  H N N 144 
GLY HA3  H N N 145 
GLY HXT  H N N 146 
GM1 C1   C N N 147 
GM1 N1   N N N 148 
GM1 O1   O N N 149 
GM1 C2   C N N 150 
GM1 N2   N N N 151 
GM1 HN11 H N N 152 
GM1 HN12 H N N 153 
GM1 H21  H N N 154 
GM1 H22  H N N 155 
GM1 HN21 H N N 156 
GM1 HN22 H N N 157 
HIS N    N N N 158 
HIS CA   C N S 159 
HIS C    C N N 160 
HIS O    O N N 161 
HIS CB   C N N 162 
HIS CG   C Y N 163 
HIS ND1  N Y N 164 
HIS CD2  C Y N 165 
HIS CE1  C Y N 166 
HIS NE2  N Y N 167 
HIS OXT  O N N 168 
HIS H    H N N 169 
HIS H2   H N N 170 
HIS HA   H N N 171 
HIS HB2  H N N 172 
HIS HB3  H N N 173 
HIS HD1  H N N 174 
HIS HD2  H N N 175 
HIS HE1  H N N 176 
HIS HE2  H N N 177 
HIS HXT  H N N 178 
HOH O    O N N 179 
HOH H1   H N N 180 
HOH H2   H N N 181 
ILE N    N N N 182 
ILE CA   C N S 183 
ILE C    C N N 184 
ILE O    O N N 185 
ILE CB   C N S 186 
ILE CG1  C N N 187 
ILE CG2  C N N 188 
ILE CD1  C N N 189 
ILE OXT  O N N 190 
ILE H    H N N 191 
ILE H2   H N N 192 
ILE HA   H N N 193 
ILE HB   H N N 194 
ILE HG12 H N N 195 
ILE HG13 H N N 196 
ILE HG21 H N N 197 
ILE HG22 H N N 198 
ILE HG23 H N N 199 
ILE HD11 H N N 200 
ILE HD12 H N N 201 
ILE HD13 H N N 202 
ILE HXT  H N N 203 
LEU N    N N N 204 
LEU CA   C N S 205 
LEU C    C N N 206 
LEU O    O N N 207 
LEU CB   C N N 208 
LEU CG   C N N 209 
LEU CD1  C N N 210 
LEU CD2  C N N 211 
LEU OXT  O N N 212 
LEU H    H N N 213 
LEU H2   H N N 214 
LEU HA   H N N 215 
LEU HB2  H N N 216 
LEU HB3  H N N 217 
LEU HG   H N N 218 
LEU HD11 H N N 219 
LEU HD12 H N N 220 
LEU HD13 H N N 221 
LEU HD21 H N N 222 
LEU HD22 H N N 223 
LEU HD23 H N N 224 
LEU HXT  H N N 225 
LYS N    N N N 226 
LYS CA   C N S 227 
LYS C    C N N 228 
LYS O    O N N 229 
LYS CB   C N N 230 
LYS CG   C N N 231 
LYS CD   C N N 232 
LYS CE   C N N 233 
LYS NZ   N N N 234 
LYS OXT  O N N 235 
LYS H    H N N 236 
LYS H2   H N N 237 
LYS HA   H N N 238 
LYS HB2  H N N 239 
LYS HB3  H N N 240 
LYS HG2  H N N 241 
LYS HG3  H N N 242 
LYS HD2  H N N 243 
LYS HD3  H N N 244 
LYS HE2  H N N 245 
LYS HE3  H N N 246 
LYS HZ1  H N N 247 
LYS HZ2  H N N 248 
LYS HZ3  H N N 249 
LYS HXT  H N N 250 
MEA C1   C N N 251 
MEA N    N N N 252 
MEA CA   C N S 253 
MEA C    C N N 254 
MEA O    O N N 255 
MEA CB   C N N 256 
MEA CG   C Y N 257 
MEA CD1  C Y N 258 
MEA CE1  C Y N 259 
MEA CZ   C Y N 260 
MEA CE2  C Y N 261 
MEA CD2  C Y N 262 
MEA OXT  O N N 263 
MEA HC1  H N N 264 
MEA HC2  H N N 265 
MEA HC3  H N N 266 
MEA H    H N N 267 
MEA HA   H N N 268 
MEA HB1  H N N 269 
MEA HB2  H N N 270 
MEA HD1  H N N 271 
MEA HE1  H N N 272 
MEA HZ   H N N 273 
MEA HE2  H N N 274 
MEA HD2  H N N 275 
MEA HXT  H N N 276 
MET N    N N N 277 
MET CA   C N S 278 
MET C    C N N 279 
MET O    O N N 280 
MET CB   C N N 281 
MET CG   C N N 282 
MET SD   S N N 283 
MET CE   C N N 284 
MET OXT  O N N 285 
MET H    H N N 286 
MET H2   H N N 287 
MET HA   H N N 288 
MET HB2  H N N 289 
MET HB3  H N N 290 
MET HG2  H N N 291 
MET HG3  H N N 292 
MET HE1  H N N 293 
MET HE2  H N N 294 
MET HE3  H N N 295 
MET HXT  H N N 296 
PHE N    N N N 297 
PHE CA   C N S 298 
PHE C    C N N 299 
PHE O    O N N 300 
PHE CB   C N N 301 
PHE CG   C Y N 302 
PHE CD1  C Y N 303 
PHE CD2  C Y N 304 
PHE CE1  C Y N 305 
PHE CE2  C Y N 306 
PHE CZ   C Y N 307 
PHE OXT  O N N 308 
PHE H    H N N 309 
PHE H2   H N N 310 
PHE HA   H N N 311 
PHE HB2  H N N 312 
PHE HB3  H N N 313 
PHE HD1  H N N 314 
PHE HD2  H N N 315 
PHE HE1  H N N 316 
PHE HE2  H N N 317 
PHE HZ   H N N 318 
PHE HXT  H N N 319 
PRO N    N N N 320 
PRO CA   C N S 321 
PRO C    C N N 322 
PRO O    O N N 323 
PRO CB   C N N 324 
PRO CG   C N N 325 
PRO CD   C N N 326 
PRO OXT  O N N 327 
PRO H    H N N 328 
PRO HA   H N N 329 
PRO HB2  H N N 330 
PRO HB3  H N N 331 
PRO HG2  H N N 332 
PRO HG3  H N N 333 
PRO HD2  H N N 334 
PRO HD3  H N N 335 
PRO HXT  H N N 336 
SER N    N N N 337 
SER CA   C N S 338 
SER C    C N N 339 
SER O    O N N 340 
SER CB   C N N 341 
SER OG   O N N 342 
SER OXT  O N N 343 
SER H    H N N 344 
SER H2   H N N 345 
SER HA   H N N 346 
SER HB2  H N N 347 
SER HB3  H N N 348 
SER HG   H N N 349 
SER HXT  H N N 350 
THR N    N N N 351 
THR CA   C N S 352 
THR C    C N N 353 
THR O    O N N 354 
THR CB   C N R 355 
THR OG1  O N N 356 
THR CG2  C N N 357 
THR OXT  O N N 358 
THR H    H N N 359 
THR H2   H N N 360 
THR HA   H N N 361 
THR HB   H N N 362 
THR HG1  H N N 363 
THR HG21 H N N 364 
THR HG22 H N N 365 
THR HG23 H N N 366 
THR HXT  H N N 367 
TRP N    N N N 368 
TRP CA   C N S 369 
TRP C    C N N 370 
TRP O    O N N 371 
TRP CB   C N N 372 
TRP CG   C Y N 373 
TRP CD1  C Y N 374 
TRP CD2  C Y N 375 
TRP NE1  N Y N 376 
TRP CE2  C Y N 377 
TRP CE3  C Y N 378 
TRP CZ2  C Y N 379 
TRP CZ3  C Y N 380 
TRP CH2  C Y N 381 
TRP OXT  O N N 382 
TRP H    H N N 383 
TRP H2   H N N 384 
TRP HA   H N N 385 
TRP HB2  H N N 386 
TRP HB3  H N N 387 
TRP HD1  H N N 388 
TRP HE1  H N N 389 
TRP HE3  H N N 390 
TRP HZ2  H N N 391 
TRP HZ3  H N N 392 
TRP HH2  H N N 393 
TRP HXT  H N N 394 
TYR N    N N N 395 
TYR CA   C N S 396 
TYR C    C N N 397 
TYR O    O N N 398 
TYR CB   C N N 399 
TYR CG   C Y N 400 
TYR CD1  C Y N 401 
TYR CD2  C Y N 402 
TYR CE1  C Y N 403 
TYR CE2  C Y N 404 
TYR CZ   C Y N 405 
TYR OH   O N N 406 
TYR OXT  O N N 407 
TYR H    H N N 408 
TYR H2   H N N 409 
TYR HA   H N N 410 
TYR HB2  H N N 411 
TYR HB3  H N N 412 
TYR HD1  H N N 413 
TYR HD2  H N N 414 
TYR HE1  H N N 415 
TYR HE2  H N N 416 
TYR HH   H N N 417 
TYR HXT  H N N 418 
VAL N    N N N 419 
VAL CA   C N S 420 
VAL C    C N N 421 
VAL O    O N N 422 
VAL CB   C N N 423 
VAL CG1  C N N 424 
VAL CG2  C N N 425 
VAL OXT  O N N 426 
VAL H    H N N 427 
VAL H2   H N N 428 
VAL HA   H N N 429 
VAL HB   H N N 430 
VAL HG11 H N N 431 
VAL HG12 H N N 432 
VAL HG13 H N N 433 
VAL HG21 H N N 434 
VAL HG22 H N N 435 
VAL HG23 H N N 436 
VAL HXT  H N N 437 
# 
loop_
_chem_comp_bond.comp_id 
_chem_comp_bond.atom_id_1 
_chem_comp_bond.atom_id_2 
_chem_comp_bond.value_order 
_chem_comp_bond.pdbx_aromatic_flag 
_chem_comp_bond.pdbx_stereo_config 
_chem_comp_bond.pdbx_ordinal 
ALA N   CA   sing N N 1   
ALA N   H    sing N N 2   
ALA N   H2   sing N N 3   
ALA CA  C    sing N N 4   
ALA CA  CB   sing N N 5   
ALA CA  HA   sing N N 6   
ALA C   O    doub N N 7   
ALA C   OXT  sing N N 8   
ALA CB  HB1  sing N N 9   
ALA CB  HB2  sing N N 10  
ALA CB  HB3  sing N N 11  
ALA OXT HXT  sing N N 12  
ARG N   CA   sing N N 13  
ARG N   H    sing N N 14  
ARG N   H2   sing N N 15  
ARG CA  C    sing N N 16  
ARG CA  CB   sing N N 17  
ARG CA  HA   sing N N 18  
ARG C   O    doub N N 19  
ARG C   OXT  sing N N 20  
ARG CB  CG   sing N N 21  
ARG CB  HB2  sing N N 22  
ARG CB  HB3  sing N N 23  
ARG CG  CD   sing N N 24  
ARG CG  HG2  sing N N 25  
ARG CG  HG3  sing N N 26  
ARG CD  NE   sing N N 27  
ARG CD  HD2  sing N N 28  
ARG CD  HD3  sing N N 29  
ARG NE  CZ   sing N N 30  
ARG NE  HE   sing N N 31  
ARG CZ  NH1  sing N N 32  
ARG CZ  NH2  doub N N 33  
ARG NH1 HH11 sing N N 34  
ARG NH1 HH12 sing N N 35  
ARG NH2 HH21 sing N N 36  
ARG NH2 HH22 sing N N 37  
ARG OXT HXT  sing N N 38  
ASN N   CA   sing N N 39  
ASN N   H    sing N N 40  
ASN N   H2   sing N N 41  
ASN CA  C    sing N N 42  
ASN CA  CB   sing N N 43  
ASN CA  HA   sing N N 44  
ASN C   O    doub N N 45  
ASN C   OXT  sing N N 46  
ASN CB  CG   sing N N 47  
ASN CB  HB2  sing N N 48  
ASN CB  HB3  sing N N 49  
ASN CG  OD1  doub N N 50  
ASN CG  ND2  sing N N 51  
ASN ND2 HD21 sing N N 52  
ASN ND2 HD22 sing N N 53  
ASN OXT HXT  sing N N 54  
ASP N   CA   sing N N 55  
ASP N   H    sing N N 56  
ASP N   H2   sing N N 57  
ASP CA  C    sing N N 58  
ASP CA  CB   sing N N 59  
ASP CA  HA   sing N N 60  
ASP C   O    doub N N 61  
ASP C   OXT  sing N N 62  
ASP CB  CG   sing N N 63  
ASP CB  HB2  sing N N 64  
ASP CB  HB3  sing N N 65  
ASP CG  OD1  doub N N 66  
ASP CG  OD2  sing N N 67  
ASP OD2 HD2  sing N N 68  
ASP OXT HXT  sing N N 69  
CYS N   CA   sing N N 70  
CYS N   H    sing N N 71  
CYS N   H2   sing N N 72  
CYS CA  C    sing N N 73  
CYS CA  CB   sing N N 74  
CYS CA  HA   sing N N 75  
CYS C   O    doub N N 76  
CYS C   OXT  sing N N 77  
CYS CB  SG   sing N N 78  
CYS CB  HB2  sing N N 79  
CYS CB  HB3  sing N N 80  
CYS SG  HG   sing N N 81  
CYS OXT HXT  sing N N 82  
EDO C1  O1   sing N N 83  
EDO C1  C2   sing N N 84  
EDO C1  H11  sing N N 85  
EDO C1  H12  sing N N 86  
EDO O1  HO1  sing N N 87  
EDO C2  O2   sing N N 88  
EDO C2  H21  sing N N 89  
EDO C2  H22  sing N N 90  
EDO O2  HO2  sing N N 91  
GLN N   CA   sing N N 92  
GLN N   H    sing N N 93  
GLN N   H2   sing N N 94  
GLN CA  C    sing N N 95  
GLN CA  CB   sing N N 96  
GLN CA  HA   sing N N 97  
GLN C   O    doub N N 98  
GLN C   OXT  sing N N 99  
GLN CB  CG   sing N N 100 
GLN CB  HB2  sing N N 101 
GLN CB  HB3  sing N N 102 
GLN CG  CD   sing N N 103 
GLN CG  HG2  sing N N 104 
GLN CG  HG3  sing N N 105 
GLN CD  OE1  doub N N 106 
GLN CD  NE2  sing N N 107 
GLN NE2 HE21 sing N N 108 
GLN NE2 HE22 sing N N 109 
GLN OXT HXT  sing N N 110 
GLU N   CA   sing N N 111 
GLU N   H    sing N N 112 
GLU N   H2   sing N N 113 
GLU CA  C    sing N N 114 
GLU CA  CB   sing N N 115 
GLU CA  HA   sing N N 116 
GLU C   O    doub N N 117 
GLU C   OXT  sing N N 118 
GLU CB  CG   sing N N 119 
GLU CB  HB2  sing N N 120 
GLU CB  HB3  sing N N 121 
GLU CG  CD   sing N N 122 
GLU CG  HG2  sing N N 123 
GLU CG  HG3  sing N N 124 
GLU CD  OE1  doub N N 125 
GLU CD  OE2  sing N N 126 
GLU OE2 HE2  sing N N 127 
GLU OXT HXT  sing N N 128 
GLY N   CA   sing N N 129 
GLY N   H    sing N N 130 
GLY N   H2   sing N N 131 
GLY CA  C    sing N N 132 
GLY CA  HA2  sing N N 133 
GLY CA  HA3  sing N N 134 
GLY C   O    doub N N 135 
GLY C   OXT  sing N N 136 
GLY OXT HXT  sing N N 137 
GM1 C1  N1   sing N N 138 
GM1 C1  O1   doub N N 139 
GM1 C1  C2   sing N N 140 
GM1 N1  HN11 sing N N 141 
GM1 N1  HN12 sing N N 142 
GM1 C2  N2   sing N N 143 
GM1 C2  H21  sing N N 144 
GM1 C2  H22  sing N N 145 
GM1 N2  HN21 sing N N 146 
GM1 N2  HN22 sing N N 147 
HIS N   CA   sing N N 148 
HIS N   H    sing N N 149 
HIS N   H2   sing N N 150 
HIS CA  C    sing N N 151 
HIS CA  CB   sing N N 152 
HIS CA  HA   sing N N 153 
HIS C   O    doub N N 154 
HIS C   OXT  sing N N 155 
HIS CB  CG   sing N N 156 
HIS CB  HB2  sing N N 157 
HIS CB  HB3  sing N N 158 
HIS CG  ND1  sing Y N 159 
HIS CG  CD2  doub Y N 160 
HIS ND1 CE1  doub Y N 161 
HIS ND1 HD1  sing N N 162 
HIS CD2 NE2  sing Y N 163 
HIS CD2 HD2  sing N N 164 
HIS CE1 NE2  sing Y N 165 
HIS CE1 HE1  sing N N 166 
HIS NE2 HE2  sing N N 167 
HIS OXT HXT  sing N N 168 
HOH O   H1   sing N N 169 
HOH O   H2   sing N N 170 
ILE N   CA   sing N N 171 
ILE N   H    sing N N 172 
ILE N   H2   sing N N 173 
ILE CA  C    sing N N 174 
ILE CA  CB   sing N N 175 
ILE CA  HA   sing N N 176 
ILE C   O    doub N N 177 
ILE C   OXT  sing N N 178 
ILE CB  CG1  sing N N 179 
ILE CB  CG2  sing N N 180 
ILE CB  HB   sing N N 181 
ILE CG1 CD1  sing N N 182 
ILE CG1 HG12 sing N N 183 
ILE CG1 HG13 sing N N 184 
ILE CG2 HG21 sing N N 185 
ILE CG2 HG22 sing N N 186 
ILE CG2 HG23 sing N N 187 
ILE CD1 HD11 sing N N 188 
ILE CD1 HD12 sing N N 189 
ILE CD1 HD13 sing N N 190 
ILE OXT HXT  sing N N 191 
LEU N   CA   sing N N 192 
LEU N   H    sing N N 193 
LEU N   H2   sing N N 194 
LEU CA  C    sing N N 195 
LEU CA  CB   sing N N 196 
LEU CA  HA   sing N N 197 
LEU C   O    doub N N 198 
LEU C   OXT  sing N N 199 
LEU CB  CG   sing N N 200 
LEU CB  HB2  sing N N 201 
LEU CB  HB3  sing N N 202 
LEU CG  CD1  sing N N 203 
LEU CG  CD2  sing N N 204 
LEU CG  HG   sing N N 205 
LEU CD1 HD11 sing N N 206 
LEU CD1 HD12 sing N N 207 
LEU CD1 HD13 sing N N 208 
LEU CD2 HD21 sing N N 209 
LEU CD2 HD22 sing N N 210 
LEU CD2 HD23 sing N N 211 
LEU OXT HXT  sing N N 212 
LYS N   CA   sing N N 213 
LYS N   H    sing N N 214 
LYS N   H2   sing N N 215 
LYS CA  C    sing N N 216 
LYS CA  CB   sing N N 217 
LYS CA  HA   sing N N 218 
LYS C   O    doub N N 219 
LYS C   OXT  sing N N 220 
LYS CB  CG   sing N N 221 
LYS CB  HB2  sing N N 222 
LYS CB  HB3  sing N N 223 
LYS CG  CD   sing N N 224 
LYS CG  HG2  sing N N 225 
LYS CG  HG3  sing N N 226 
LYS CD  CE   sing N N 227 
LYS CD  HD2  sing N N 228 
LYS CD  HD3  sing N N 229 
LYS CE  NZ   sing N N 230 
LYS CE  HE2  sing N N 231 
LYS CE  HE3  sing N N 232 
LYS NZ  HZ1  sing N N 233 
LYS NZ  HZ2  sing N N 234 
LYS NZ  HZ3  sing N N 235 
LYS OXT HXT  sing N N 236 
MEA C1  N    sing N N 237 
MEA C1  HC1  sing N N 238 
MEA C1  HC2  sing N N 239 
MEA C1  HC3  sing N N 240 
MEA N   CA   sing N N 241 
MEA N   H    sing N N 242 
MEA CA  C    sing N N 243 
MEA CA  CB   sing N N 244 
MEA CA  HA   sing N N 245 
MEA C   O    doub N N 246 
MEA C   OXT  sing N N 247 
MEA CB  CG   sing N N 248 
MEA CB  HB1  sing N N 249 
MEA CB  HB2  sing N N 250 
MEA CG  CD1  doub Y N 251 
MEA CG  CD2  sing Y N 252 
MEA CD1 CE1  sing Y N 253 
MEA CD1 HD1  sing N N 254 
MEA CE1 CZ   doub Y N 255 
MEA CE1 HE1  sing N N 256 
MEA CZ  CE2  sing Y N 257 
MEA CZ  HZ   sing N N 258 
MEA CE2 CD2  doub Y N 259 
MEA CE2 HE2  sing N N 260 
MEA CD2 HD2  sing N N 261 
MEA OXT HXT  sing N N 262 
MET N   CA   sing N N 263 
MET N   H    sing N N 264 
MET N   H2   sing N N 265 
MET CA  C    sing N N 266 
MET CA  CB   sing N N 267 
MET CA  HA   sing N N 268 
MET C   O    doub N N 269 
MET C   OXT  sing N N 270 
MET CB  CG   sing N N 271 
MET CB  HB2  sing N N 272 
MET CB  HB3  sing N N 273 
MET CG  SD   sing N N 274 
MET CG  HG2  sing N N 275 
MET CG  HG3  sing N N 276 
MET SD  CE   sing N N 277 
MET CE  HE1  sing N N 278 
MET CE  HE2  sing N N 279 
MET CE  HE3  sing N N 280 
MET OXT HXT  sing N N 281 
PHE N   CA   sing N N 282 
PHE N   H    sing N N 283 
PHE N   H2   sing N N 284 
PHE CA  C    sing N N 285 
PHE CA  CB   sing N N 286 
PHE CA  HA   sing N N 287 
PHE C   O    doub N N 288 
PHE C   OXT  sing N N 289 
PHE CB  CG   sing N N 290 
PHE CB  HB2  sing N N 291 
PHE CB  HB3  sing N N 292 
PHE CG  CD1  doub Y N 293 
PHE CG  CD2  sing Y N 294 
PHE CD1 CE1  sing Y N 295 
PHE CD1 HD1  sing N N 296 
PHE CD2 CE2  doub Y N 297 
PHE CD2 HD2  sing N N 298 
PHE CE1 CZ   doub Y N 299 
PHE CE1 HE1  sing N N 300 
PHE CE2 CZ   sing Y N 301 
PHE CE2 HE2  sing N N 302 
PHE CZ  HZ   sing N N 303 
PHE OXT HXT  sing N N 304 
PRO N   CA   sing N N 305 
PRO N   CD   sing N N 306 
PRO N   H    sing N N 307 
PRO CA  C    sing N N 308 
PRO CA  CB   sing N N 309 
PRO CA  HA   sing N N 310 
PRO C   O    doub N N 311 
PRO C   OXT  sing N N 312 
PRO CB  CG   sing N N 313 
PRO CB  HB2  sing N N 314 
PRO CB  HB3  sing N N 315 
PRO CG  CD   sing N N 316 
PRO CG  HG2  sing N N 317 
PRO CG  HG3  sing N N 318 
PRO CD  HD2  sing N N 319 
PRO CD  HD3  sing N N 320 
PRO OXT HXT  sing N N 321 
SER N   CA   sing N N 322 
SER N   H    sing N N 323 
SER N   H2   sing N N 324 
SER CA  C    sing N N 325 
SER CA  CB   sing N N 326 
SER CA  HA   sing N N 327 
SER C   O    doub N N 328 
SER C   OXT  sing N N 329 
SER CB  OG   sing N N 330 
SER CB  HB2  sing N N 331 
SER CB  HB3  sing N N 332 
SER OG  HG   sing N N 333 
SER OXT HXT  sing N N 334 
THR N   CA   sing N N 335 
THR N   H    sing N N 336 
THR N   H2   sing N N 337 
THR CA  C    sing N N 338 
THR CA  CB   sing N N 339 
THR CA  HA   sing N N 340 
THR C   O    doub N N 341 
THR C   OXT  sing N N 342 
THR CB  OG1  sing N N 343 
THR CB  CG2  sing N N 344 
THR CB  HB   sing N N 345 
THR OG1 HG1  sing N N 346 
THR CG2 HG21 sing N N 347 
THR CG2 HG22 sing N N 348 
THR CG2 HG23 sing N N 349 
THR OXT HXT  sing N N 350 
TRP N   CA   sing N N 351 
TRP N   H    sing N N 352 
TRP N   H2   sing N N 353 
TRP CA  C    sing N N 354 
TRP CA  CB   sing N N 355 
TRP CA  HA   sing N N 356 
TRP C   O    doub N N 357 
TRP C   OXT  sing N N 358 
TRP CB  CG   sing N N 359 
TRP CB  HB2  sing N N 360 
TRP CB  HB3  sing N N 361 
TRP CG  CD1  doub Y N 362 
TRP CG  CD2  sing Y N 363 
TRP CD1 NE1  sing Y N 364 
TRP CD1 HD1  sing N N 365 
TRP CD2 CE2  doub Y N 366 
TRP CD2 CE3  sing Y N 367 
TRP NE1 CE2  sing Y N 368 
TRP NE1 HE1  sing N N 369 
TRP CE2 CZ2  sing Y N 370 
TRP CE3 CZ3  doub Y N 371 
TRP CE3 HE3  sing N N 372 
TRP CZ2 CH2  doub Y N 373 
TRP CZ2 HZ2  sing N N 374 
TRP CZ3 CH2  sing Y N 375 
TRP CZ3 HZ3  sing N N 376 
TRP CH2 HH2  sing N N 377 
TRP OXT HXT  sing N N 378 
TYR N   CA   sing N N 379 
TYR N   H    sing N N 380 
TYR N   H2   sing N N 381 
TYR CA  C    sing N N 382 
TYR CA  CB   sing N N 383 
TYR CA  HA   sing N N 384 
TYR C   O    doub N N 385 
TYR C   OXT  sing N N 386 
TYR CB  CG   sing N N 387 
TYR CB  HB2  sing N N 388 
TYR CB  HB3  sing N N 389 
TYR CG  CD1  doub Y N 390 
TYR CG  CD2  sing Y N 391 
TYR CD1 CE1  sing Y N 392 
TYR CD1 HD1  sing N N 393 
TYR CD2 CE2  doub Y N 394 
TYR CD2 HD2  sing N N 395 
TYR CE1 CZ   doub Y N 396 
TYR CE1 HE1  sing N N 397 
TYR CE2 CZ   sing Y N 398 
TYR CE2 HE2  sing N N 399 
TYR CZ  OH   sing N N 400 
TYR OH  HH   sing N N 401 
TYR OXT HXT  sing N N 402 
VAL N   CA   sing N N 403 
VAL N   H    sing N N 404 
VAL N   H2   sing N N 405 
VAL CA  C    sing N N 406 
VAL CA  CB   sing N N 407 
VAL CA  HA   sing N N 408 
VAL C   O    doub N N 409 
VAL C   OXT  sing N N 410 
VAL CB  CG1  sing N N 411 
VAL CB  CG2  sing N N 412 
VAL CB  HB   sing N N 413 
VAL CG1 HG11 sing N N 414 
VAL CG1 HG12 sing N N 415 
VAL CG1 HG13 sing N N 416 
VAL CG2 HG21 sing N N 417 
VAL CG2 HG22 sing N N 418 
VAL CG2 HG23 sing N N 419 
VAL OXT HXT  sing N N 420 
# 
_pdbx_audit_support.funding_organization   'Not funded' 
_pdbx_audit_support.country                ? 
_pdbx_audit_support.grant_number           ? 
_pdbx_audit_support.ordinal                1 
# 
loop_
_pdbx_entity_instance_feature.ordinal 
_pdbx_entity_instance_feature.comp_id 
_pdbx_entity_instance_feature.asym_id 
_pdbx_entity_instance_feature.seq_num 
_pdbx_entity_instance_feature.auth_comp_id 
_pdbx_entity_instance_feature.auth_asym_id 
_pdbx_entity_instance_feature.auth_seq_num 
_pdbx_entity_instance_feature.feature_type 
_pdbx_entity_instance_feature.details 
1 GM1 ? ? GM1 ? ? 'SUBJECT OF INVESTIGATION' ? 
2 MEA ? ? MEA ? ? 'SUBJECT OF INVESTIGATION' ? 
# 
_pdbx_initial_refinement_model.id               1 
_pdbx_initial_refinement_model.entity_id_list   ? 
_pdbx_initial_refinement_model.type             'experimental model' 
_pdbx_initial_refinement_model.source_name      PDB 
_pdbx_initial_refinement_model.accession_code   1WWA 
_pdbx_initial_refinement_model.details          ? 
# 
_atom_sites.entry_id                    8YTD 
_atom_sites.Cartn_transf_matrix[1][1]   ? 
_atom_sites.Cartn_transf_matrix[1][2]   ? 
_atom_sites.Cartn_transf_matrix[1][3]   ? 
_atom_sites.Cartn_transf_matrix[2][1]   ? 
_atom_sites.Cartn_transf_matrix[2][2]   ? 
_atom_sites.Cartn_transf_matrix[2][3]   ? 
_atom_sites.Cartn_transf_matrix[3][1]   ? 
_atom_sites.Cartn_transf_matrix[3][2]   ? 
_atom_sites.Cartn_transf_matrix[3][3]   ? 
_atom_sites.Cartn_transf_vector[1]      ? 
_atom_sites.Cartn_transf_vector[2]      ? 
_atom_sites.Cartn_transf_vector[3]      ? 
_atom_sites.Cartn_transform_axes        ? 
_atom_sites.fract_transf_matrix[1][1]   0.00253245 
_atom_sites.fract_transf_matrix[1][2]   0.01234133 
_atom_sites.fract_transf_matrix[1][3]   -0.01534210 
_atom_sites.fract_transf_matrix[2][1]   0.01954339 
_atom_sites.fract_transf_matrix[2][2]   0.00030741 
_atom_sites.fract_transf_matrix[2][3]   0.00347322 
_atom_sites.fract_transf_matrix[3][1]   0.00083860 
_atom_sites.fract_transf_matrix[3][2]   -0.00543961 
_atom_sites.fract_transf_matrix[3][3]   -0.00423725 
_atom_sites.fract_transf_vector[1]      -0.015021 
_atom_sites.fract_transf_vector[2]      0.224656 
_atom_sites.fract_transf_vector[3]      0.173992 
_atom_sites.solution_primary            ? 
_atom_sites.solution_secondary          ? 
_atom_sites.solution_hydrogens          ? 
_atom_sites.special_details             ? 
# 
loop_
_atom_type.symbol 
C 
N 
O 
S 
# 
loop_
_atom_site.group_PDB 
_atom_site.id 
_atom_site.type_symbol 
_atom_site.label_atom_id 
_atom_site.label_alt_id 
_atom_site.label_comp_id 
_atom_site.label_asym_id 
_atom_site.label_entity_id 
_atom_site.label_seq_id 
_atom_site.pdbx_PDB_ins_code 
_atom_site.Cartn_x 
_atom_site.Cartn_y 
_atom_site.Cartn_z 
_atom_site.occupancy 
_atom_site.B_iso_or_equiv 
_atom_site.pdbx_formal_charge 
_atom_site.auth_seq_id 
_atom_site.auth_comp_id 
_atom_site.auth_asym_id 
_atom_site.auth_atom_id 
_atom_site.pdbx_PDB_model_num 
ATOM   1    N N   . ASN A 1 1   ? 18.160  -19.035 -10.452 1.00 44.18 ? 281 ASN A N   1 
ATOM   2    C CA  . ASN A 1 1   ? 17.335  -18.046 -9.681  1.00 45.91 ? 281 ASN A CA  1 
ATOM   3    C C   . ASN A 1 1   ? 15.906  -18.563 -9.501  1.00 47.22 ? 281 ASN A C   1 
ATOM   4    O O   . ASN A 1 1   ? 15.206  -18.811 -10.481 1.00 49.86 ? 281 ASN A O   1 
ATOM   5    C CB  . ASN A 1 1   ? 17.311  -16.677 -10.380 1.00 46.03 ? 281 ASN A CB  1 
ATOM   6    N N   . VAL A 1 2   ? 15.472  -18.705 -8.249  1.00 46.97 ? 282 VAL A N   1 
ATOM   7    C CA  . VAL A 1 2   ? 14.180  -19.320 -7.943  1.00 45.61 ? 282 VAL A CA  1 
ATOM   8    C C   . VAL A 1 2   ? 12.983  -18.439 -8.318  1.00 42.69 ? 282 VAL A C   1 
ATOM   9    O O   . VAL A 1 2   ? 12.666  -17.524 -7.590  1.00 44.65 ? 282 VAL A O   1 
ATOM   10   C CB  . VAL A 1 2   ? 14.085  -19.655 -6.435  1.00 47.29 ? 282 VAL A CB  1 
ATOM   11   N N   . SER A 1 3   ? 12.322  -18.720 -9.442  1.00 40.51 ? 283 SER A N   1 
ATOM   12   C CA  . SER A 1 3   ? 11.176  -17.913 -9.896  1.00 37.21 ? 283 SER A CA  1 
ATOM   13   C C   . SER A 1 3   ? 9.839   -18.416 -9.337  1.00 35.57 ? 283 SER A C   1 
ATOM   14   O O   . SER A 1 3   ? 9.572   -19.608 -9.396  1.00 33.63 ? 283 SER A O   1 
ATOM   15   C CB  . SER A 1 3   ? 11.082  -17.934 -11.415 1.00 39.63 ? 283 SER A CB  1 
ATOM   16   O OG  . SER A 1 3   ? 11.711  -16.801 -11.982 1.00 43.99 ? 283 SER A OG  1 
ATOM   17   N N   . PHE A 1 4   ? 9.002   -17.514 -8.812  1.00 31.37 ? 284 PHE A N   1 
ATOM   18   C CA  . PHE A 1 4   ? 7.651   -17.891 -8.351  1.00 28.55 ? 284 PHE A CA  1 
ATOM   19   C C   . PHE A 1 4   ? 6.666   -16.721 -8.266  1.00 25.83 ? 284 PHE A C   1 
ATOM   20   O O   . PHE A 1 4   ? 7.071   -15.562 -8.160  1.00 24.21 ? 284 PHE A O   1 
ATOM   21   C CB  . PHE A 1 4   ? 7.686   -18.648 -7.019  1.00 27.35 ? 284 PHE A CB  1 
ATOM   22   C CG  . PHE A 1 4   ? 8.265   -17.870 -5.888  1.00 27.73 ? 284 PHE A CG  1 
ATOM   23   C CD1 . PHE A 1 4   ? 9.643   -17.832 -5.693  1.00 28.36 ? 284 PHE A CD1 1 
ATOM   24   C CD2 . PHE A 1 4   ? 7.446   -17.205 -4.994  1.00 27.40 ? 284 PHE A CD2 1 
ATOM   25   C CE1 . PHE A 1 4   ? 10.191  -17.121 -4.639  1.00 28.65 ? 284 PHE A CE1 1 
ATOM   26   C CE2 . PHE A 1 4   ? 7.990   -16.490 -3.942  1.00 27.51 ? 284 PHE A CE2 1 
ATOM   27   C CZ  . PHE A 1 4   ? 9.363   -16.446 -3.763  1.00 27.40 ? 284 PHE A CZ  1 
ATOM   28   N N   . PRO A 1 5   ? 5.362   -17.033 -8.291  1.00 22.97 ? 285 PRO A N   1 
ATOM   29   C CA  . PRO A 1 5   ? 4.386   -15.980 -8.480  1.00 22.01 ? 285 PRO A CA  1 
ATOM   30   C C   . PRO A 1 5   ? 4.330   -14.985 -7.333  1.00 20.74 ? 285 PRO A C   1 
ATOM   31   O O   . PRO A 1 5   ? 4.623   -15.320 -6.172  1.00 19.60 ? 285 PRO A O   1 
ATOM   32   C CB  . PRO A 1 5   ? 3.057   -16.754 -8.615  1.00 22.62 ? 285 PRO A CB  1 
ATOM   33   C CG  . PRO A 1 5   ? 3.459   -18.149 -8.996  1.00 22.78 ? 285 PRO A CG  1 
ATOM   34   C CD  . PRO A 1 5   ? 4.712   -18.350 -8.186  1.00 23.01 ? 285 PRO A CD  1 
ATOM   35   N N   . ALA A 1 6   ? 3.981   -13.754 -7.679  1.00 19.25 ? 286 ALA A N   1 
ATOM   36   C CA  . ALA A 1 6   ? 3.783   -12.719 -6.684  1.00 19.58 ? 286 ALA A CA  1 
ATOM   37   C C   . ALA A 1 6   ? 2.676   -13.117 -5.696  1.00 18.99 ? 286 ALA A C   1 
ATOM   38   O O   . ALA A 1 6   ? 1.682   -13.762 -6.080  1.00 17.84 ? 286 ALA A O   1 
ATOM   39   C CB  . ALA A 1 6   ? 3.436   -11.407 -7.363  1.00 19.77 ? 286 ALA A CB  1 
ATOM   40   N N   . SER A 1 7   ? 2.857   -12.744 -4.433  1.00 18.30 ? 287 SER A N   1 
ATOM   41   C CA  . SER A 1 7   ? 1.821   -12.979 -3.429  1.00 19.08 ? 287 SER A CA  1 
ATOM   42   C C   . SER A 1 7   ? 1.742   -11.826 -2.444  1.00 18.76 ? 287 SER A C   1 
ATOM   43   O O   . SER A 1 7   ? 2.686   -11.072 -2.297  1.00 19.77 ? 287 SER A O   1 
ATOM   44   C CB  . SER A 1 7   ? 2.047   -14.301 -2.713  1.00 19.17 ? 287 SER A CB  1 
ATOM   45   O OG  . SER A 1 7   ? 3.133   -14.213 -1.798  1.00 21.62 ? 287 SER A OG  1 
ATOM   46   N N   . VAL A 1 8   ? 0.581   -11.659 -1.831  1.00 19.15 ? 288 VAL A N   1 
ATOM   47   C CA  . VAL A 1 8   ? 0.338   -10.599 -0.856  1.00 19.10 ? 288 VAL A CA  1 
ATOM   48   C C   . VAL A 1 8   ? -0.480  -11.160 0.287   1.00 19.63 ? 288 VAL A C   1 
ATOM   49   O O   . VAL A 1 8   ? -1.183  -12.150 0.135   1.00 18.54 ? 288 VAL A O   1 
ATOM   50   C CB  . VAL A 1 8   ? -0.473  -9.397  -1.417  1.00 18.56 ? 288 VAL A CB  1 
ATOM   51   C CG1 . VAL A 1 8   ? 0.285   -8.678  -2.520  1.00 18.62 ? 288 VAL A CG1 1 
ATOM   52   C CG2 . VAL A 1 8   ? -1.859  -9.817  -1.897  1.00 18.56 ? 288 VAL A CG2 1 
ATOM   53   N N   . GLN A 1 9   ? -0.397  -10.479 1.414   1.00 21.59 ? 289 GLN A N   1 
ATOM   54   C CA  . GLN A 1 9   ? -1.246  -10.740 2.545   1.00 23.47 ? 289 GLN A CA  1 
ATOM   55   C C   . GLN A 1 9   ? -1.520  -9.425  3.242   1.00 23.21 ? 289 GLN A C   1 
ATOM   56   O O   . GLN A 1 9   ? -0.609  -8.651  3.523   1.00 23.62 ? 289 GLN A O   1 
ATOM   57   C CB  . GLN A 1 9   ? -0.571  -11.701 3.501   1.00 25.85 ? 289 GLN A CB  1 
ATOM   58   C CG  . GLN A 1 9   ? -1.378  -11.947 4.755   1.00 28.19 ? 289 GLN A CG  1 
ATOM   59   C CD  . GLN A 1 9   ? -1.026  -13.250 5.436   1.00 31.06 ? 289 GLN A CD  1 
ATOM   60   O OE1 . GLN A 1 9   ? -1.899  -13.904 5.991   1.00 39.45 ? 289 GLN A OE1 1 
ATOM   61   N NE2 . GLN A 1 9   ? 0.241   -13.635 5.398   1.00 30.33 ? 289 GLN A NE2 1 
ATOM   62   N N   . LEU A 1 10  ? -2.784  -9.184  3.533   1.00 22.15 ? 290 LEU A N   1 
ATOM   63   C CA  . LEU A 1 10  ? -3.214  -7.934  4.104   1.00 22.29 ? 290 LEU A CA  1 
ATOM   64   C C   . LEU A 1 10  ? -3.813  -8.195  5.484   1.00 22.19 ? 290 LEU A C   1 
ATOM   65   O O   . LEU A 1 10  ? -4.498  -9.198  5.717   1.00 21.61 ? 290 LEU A O   1 
ATOM   66   C CB  . LEU A 1 10  ? -4.230  -7.316  3.151   1.00 23.50 ? 290 LEU A CB  1 
ATOM   67   C CG  . LEU A 1 10  ? -4.277  -5.813  2.926   1.00 24.04 ? 290 LEU A CG  1 
ATOM   68   C CD1 . LEU A 1 10  ? -2.907  -5.239  2.590   1.00 24.18 ? 290 LEU A CD1 1 
ATOM   69   C CD2 . LEU A 1 10  ? -5.278  -5.535  1.818   1.00 24.32 ? 290 LEU A CD2 1 
ATOM   70   N N   . HIS A 1 11  ? -3.510  -7.301  6.413   1.00 23.22 ? 291 HIS A N   1 
ATOM   71   C CA  . HIS A 1 11  ? -3.985  -7.399  7.774   1.00 23.07 ? 291 HIS A CA  1 
ATOM   72   C C   . HIS A 1 11  ? -4.859  -6.178  8.088   1.00 22.16 ? 291 HIS A C   1 
ATOM   73   O O   . HIS A 1 11  ? -4.787  -5.158  7.409   1.00 21.72 ? 291 HIS A O   1 
ATOM   74   C CB  . HIS A 1 11  ? -2.796  -7.505  8.725   1.00 25.40 ? 291 HIS A CB  1 
ATOM   75   C CG  . HIS A 1 11  ? -1.783  -8.535  8.319   1.00 28.96 ? 291 HIS A CG  1 
ATOM   76   N ND1 . HIS A 1 11  ? -1.869  -9.860  8.694   1.00 30.49 ? 291 HIS A ND1 1 
ATOM   77   C CD2 . HIS A 1 11  ? -0.643  -8.427  7.585   1.00 32.16 ? 291 HIS A CD2 1 
ATOM   78   C CE1 . HIS A 1 11  ? -0.833  -10.522 8.203   1.00 31.82 ? 291 HIS A CE1 1 
ATOM   79   N NE2 . HIS A 1 11  ? -0.076  -9.677  7.524   1.00 31.44 ? 291 HIS A NE2 1 
ATOM   80   N N   . THR A 1 12  ? -5.712  -6.316  9.095   1.00 21.67 ? 292 THR A N   1 
ATOM   81   C CA  . THR A 1 12  ? -6.648  -5.275  9.522   1.00 22.51 ? 292 THR A CA  1 
ATOM   82   C C   . THR A 1 12  ? -5.889  -4.020  9.998   1.00 21.38 ? 292 THR A C   1 
ATOM   83   O O   . THR A 1 12  ? -4.788  -4.133  10.521  1.00 20.28 ? 292 THR A O   1 
ATOM   84   C CB  . THR A 1 12  ? -7.589  -5.877  10.622  1.00 24.00 ? 292 THR A CB  1 
ATOM   85   O OG1 . THR A 1 12  ? -8.732  -6.459  9.985   1.00 25.04 ? 292 THR A OG1 1 
ATOM   86   C CG2 . THR A 1 12  ? -8.080  -4.862  11.604  1.00 24.90 ? 292 THR A CG2 1 
ATOM   87   N N   . ALA A 1 13  ? -6.459  -2.828  9.809   1.00 21.76 ? 293 ALA A N   1 
ATOM   88   C CA  . ALA A 1 13  ? -5.771  -1.576  10.214  1.00 21.52 ? 293 ALA A CA  1 
ATOM   89   C C   . ALA A 1 13  ? -5.443  -1.554  11.696  1.00 22.20 ? 293 ALA A C   1 
ATOM   90   O O   . ALA A 1 13  ? -6.268  -1.935  12.512  1.00 24.00 ? 293 ALA A O   1 
ATOM   91   C CB  . ALA A 1 13  ? -6.591  -0.359  9.847   1.00 21.58 ? 293 ALA A CB  1 
ATOM   92   N N   . VAL A 1 14  ? -4.214  -1.185  12.035  1.00 23.29 ? 294 VAL A N   1 
ATOM   93   C CA  . VAL A 1 14  ? -3.808  -1.049  13.422  1.00 25.69 ? 294 VAL A CA  1 
ATOM   94   C C   . VAL A 1 14  ? -3.305  0.373   13.682  1.00 27.47 ? 294 VAL A C   1 
ATOM   95   O O   . VAL A 1 14  ? -2.720  1.004   12.798  1.00 25.86 ? 294 VAL A O   1 
ATOM   96   C CB  . VAL A 1 14  ? -2.741  -2.078  13.862  1.00 25.85 ? 294 VAL A CB  1 
ATOM   97   C CG1 . VAL A 1 14  ? -3.204  -3.486  13.573  1.00 26.91 ? 294 VAL A CG1 1 
ATOM   98   C CG2 . VAL A 1 14  ? -1.398  -1.834  13.219  1.00 26.86 ? 294 VAL A CG2 1 
ATOM   99   N N   . GLU A 1 15  ? -3.561  0.879   14.890  1.00 29.37 ? 295 GLU A N   1 
ATOM   100  C CA  . GLU A 1 15  ? -3.071  2.196   15.291  1.00 30.73 ? 295 GLU A CA  1 
ATOM   101  C C   . GLU A 1 15  ? -1.764  2.029   16.047  1.00 29.43 ? 295 GLU A C   1 
ATOM   102  O O   . GLU A 1 15  ? -1.676  1.254   17.006  1.00 30.59 ? 295 GLU A O   1 
ATOM   103  C CB  . GLU A 1 15  ? -4.104  2.960   16.125  1.00 33.58 ? 295 GLU A CB  1 
ATOM   104  C CG  . GLU A 1 15  ? -3.792  4.457   16.224  1.00 36.75 ? 295 GLU A CG  1 
ATOM   105  C CD  . GLU A 1 15  ? -4.814  5.253   17.028  1.00 39.63 ? 295 GLU A CD  1 
ATOM   106  O OE1 . GLU A 1 15  ? -5.506  4.652   17.882  1.00 41.42 ? 295 GLU A OE1 1 
ATOM   107  O OE2 . GLU A 1 15  ? -4.911  6.487   16.812  1.00 39.21 ? 295 GLU A OE2 1 
ATOM   108  N N   . MET A 1 16  ? -0.741  2.737   15.580  1.00 29.83 ? 296 MET A N   1 
ATOM   109  C CA  . MET A 1 16  ? 0.582   2.746   16.211  1.00 30.39 ? 296 MET A CA  1 
ATOM   110  C C   . MET A 1 16  ? 1.168   4.158   16.128  1.00 29.90 ? 296 MET A C   1 
ATOM   111  O O   . MET A 1 16  ? 2.173   4.398   15.471  1.00 29.85 ? 296 MET A O   1 
ATOM   112  C CB  . MET A 1 16  ? 1.501   1.711   15.555  1.00 29.45 ? 296 MET A CB  1 
ATOM   113  C CG  . MET A 1 16  ? 1.658   1.851   14.042  1.00 29.26 ? 296 MET A CG  1 
ATOM   114  S SD  . MET A 1 16  ? 2.735   0.579   13.343  1.00 30.02 ? 296 MET A SD  1 
ATOM   115  C CE  . MET A 1 16  ? 4.294   0.858   14.150  1.00 29.69 ? 296 MET A CE  1 
ATOM   116  N N   . HIS A 1 17  ? 0.521   5.069   16.847  1.00 31.48 ? 297 HIS A N   1 
ATOM   117  C CA  . HIS A 1 17  ? 0.727   6.515   16.750  1.00 32.32 ? 297 HIS A CA  1 
ATOM   118  C C   . HIS A 1 17  ? 0.119   6.996   15.429  1.00 30.76 ? 297 HIS A C   1 
ATOM   119  O O   . HIS A 1 17  ? -1.014  7.500   15.422  1.00 31.62 ? 297 HIS A O   1 
ATOM   120  C CB  . HIS A 1 17  ? 2.195   6.931   16.946  1.00 34.79 ? 297 HIS A CB  1 
ATOM   121  C CG  . HIS A 1 17  ? 2.371   8.407   17.096  1.00 38.74 ? 297 HIS A CG  1 
ATOM   122  N ND1 . HIS A 1 17  ? 2.951   9.194   16.122  1.00 41.21 ? 297 HIS A ND1 1 
ATOM   123  C CD2 . HIS A 1 17  ? 1.988   9.251   18.084  1.00 40.29 ? 297 HIS A CD2 1 
ATOM   124  C CE1 . HIS A 1 17  ? 2.941   10.455  16.515  1.00 40.86 ? 297 HIS A CE1 1 
ATOM   125  N NE2 . HIS A 1 17  ? 2.364   10.515  17.702  1.00 40.95 ? 297 HIS A NE2 1 
ATOM   126  N N   . HIS A 1 18  ? 0.825   6.801   14.316  1.00 27.66 ? 298 HIS A N   1 
ATOM   127  C CA  . HIS A 1 18  ? 0.182   6.842   12.983  1.00 26.99 ? 298 HIS A CA  1 
ATOM   128  C C   . HIS A 1 18  ? -0.692  5.591   12.782  1.00 27.83 ? 298 HIS A C   1 
ATOM   129  O O   . HIS A 1 18  ? -0.613  4.624   13.558  1.00 27.61 ? 298 HIS A O   1 
ATOM   130  C CB  . HIS A 1 18  ? 1.215   6.936   11.854  1.00 25.49 ? 298 HIS A CB  1 
ATOM   131  C CG  . HIS A 1 18  ? 2.212   5.815   11.847  1.00 24.93 ? 298 HIS A CG  1 
ATOM   132  N ND1 . HIS A 1 18  ? 3.415   5.886   12.519  1.00 24.32 ? 298 HIS A ND1 1 
ATOM   133  C CD2 . HIS A 1 18  ? 2.180   4.597   11.262  1.00 23.78 ? 298 HIS A CD2 1 
ATOM   134  C CE1 . HIS A 1 18  ? 4.088   4.766   12.331  1.00 24.22 ? 298 HIS A CE1 1 
ATOM   135  N NE2 . HIS A 1 18  ? 3.357   3.965   11.577  1.00 23.48 ? 298 HIS A NE2 1 
ATOM   136  N N   . TRP A 1 19  ? -1.541  5.613   11.759  1.00 27.53 ? 299 TRP A N   1 
ATOM   137  C CA  . TRP A 1 19  ? -2.266  4.411   11.365  1.00 27.55 ? 299 TRP A CA  1 
ATOM   138  C C   . TRP A 1 19  ? -1.479  3.599   10.330  1.00 26.70 ? 299 TRP A C   1 
ATOM   139  O O   . TRP A 1 19  ? -0.798  4.159   9.464   1.00 25.00 ? 299 TRP A O   1 
ATOM   140  C CB  . TRP A 1 19  ? -3.633  4.757   10.820  1.00 29.05 ? 299 TRP A CB  1 
ATOM   141  C CG  . TRP A 1 19  ? -4.631  5.097   11.864  1.00 30.30 ? 299 TRP A CG  1 
ATOM   142  C CD1 . TRP A 1 19  ? -4.849  6.322   12.426  1.00 30.69 ? 299 TRP A CD1 1 
ATOM   143  C CD2 . TRP A 1 19  ? -5.583  4.207   12.460  1.00 30.20 ? 299 TRP A CD2 1 
ATOM   144  N NE1 . TRP A 1 19  ? -5.875  6.247   13.335  1.00 30.67 ? 299 TRP A NE1 1 
ATOM   145  C CE2 . TRP A 1 19  ? -6.348  4.964   13.371  1.00 30.55 ? 299 TRP A CE2 1 
ATOM   146  C CE3 . TRP A 1 19  ? -5.865  2.850   12.306  1.00 29.78 ? 299 TRP A CE3 1 
ATOM   147  C CZ2 . TRP A 1 19  ? -7.368  4.405   14.130  1.00 30.46 ? 299 TRP A CZ2 1 
ATOM   148  C CZ3 . TRP A 1 19  ? -6.874  2.295   13.054  1.00 30.46 ? 299 TRP A CZ3 1 
ATOM   149  C CH2 . TRP A 1 19  ? -7.615  3.070   13.962  1.00 31.21 ? 299 TRP A CH2 1 
ATOM   150  N N   . CYS A 1 20  ? -1.590  2.277   10.438  1.00 25.80 ? 300 CYS A N   1 
ATOM   151  C CA  . CYS A 1 20  ? -0.905  1.349   9.560   1.00 25.79 ? 300 CYS A CA  1 
ATOM   152  C C   . CYS A 1 20  ? -1.888  0.280   9.056   1.00 23.62 ? 300 CYS A C   1 
ATOM   153  O O   . CYS A 1 20  ? -2.622  -0.304  9.834   1.00 23.58 ? 300 CYS A O   1 
ATOM   154  C CB  . CYS A 1 20  ? 0.280   0.715   10.307  1.00 28.22 ? 300 CYS A CB  1 
ATOM   155  S SG  . CYS A 1 20  ? 0.722   -0.937  9.718   1.00 33.81 ? 300 CYS A SG  1 
ATOM   156  N N   . ILE A 1 21  ? -1.925  0.056   7.745   1.00 21.11 ? 301 ILE A N   1 
ATOM   157  C CA  . ILE A 1 21  ? -2.499  -1.171  7.186   1.00 19.54 ? 301 ILE A CA  1 
ATOM   158  C C   . ILE A 1 21  ? -1.351  -2.142  6.920   1.00 18.13 ? 301 ILE A C   1 
ATOM   159  O O   . ILE A 1 21  ? -0.663  -1.995  5.926   1.00 18.15 ? 301 ILE A O   1 
ATOM   160  C CB  . ILE A 1 21  ? -3.236  -0.898  5.876   1.00 19.25 ? 301 ILE A CB  1 
ATOM   161  C CG1 . ILE A 1 21  ? -4.311  0.163   6.112   1.00 20.09 ? 301 ILE A CG1 1 
ATOM   162  C CG2 . ILE A 1 21  ? -3.805  -2.191  5.289   1.00 18.31 ? 301 ILE A CG2 1 
ATOM   163  C CD1 . ILE A 1 21  ? -5.127  0.520   4.885   1.00 21.24 ? 301 ILE A CD1 1 
ATOM   164  N N   . PRO A 1 22  ? -1.126  -3.124  7.810   1.00 16.69 ? 302 PRO A N   1 
ATOM   165  C CA  . PRO A 1 22  ? 0.054   -3.960  7.616   1.00 16.21 ? 302 PRO A CA  1 
ATOM   166  C C   . PRO A 1 22  ? -0.082  -4.924  6.441   1.00 16.23 ? 302 PRO A C   1 
ATOM   167  O O   . PRO A 1 22  ? -1.177  -5.354  6.118   1.00 15.76 ? 302 PRO A O   1 
ATOM   168  C CB  . PRO A 1 22  ? 0.175   -4.736  8.938   1.00 16.28 ? 302 PRO A CB  1 
ATOM   169  C CG  . PRO A 1 22  ? -0.797  -4.129  9.881   1.00 16.30 ? 302 PRO A CG  1 
ATOM   170  C CD  . PRO A 1 22  ? -1.859  -3.508  9.019   1.00 16.88 ? 302 PRO A CD  1 
ATOM   171  N N   . PHE A 1 23  ? 1.033   -5.258  5.805   1.00 16.52 ? 303 PHE A N   1 
ATOM   172  C CA  . PHE A 1 23  ? 1.007   -6.200  4.715   1.00 16.95 ? 303 PHE A CA  1 
ATOM   173  C C   . PHE A 1 23  ? 2.303   -6.973  4.623   1.00 16.86 ? 303 PHE A C   1 
ATOM   174  O O   . PHE A 1 23  ? 3.337   -6.546  5.131   1.00 17.46 ? 303 PHE A O   1 
ATOM   175  C CB  . PHE A 1 23  ? 0.771   -5.475  3.388   1.00 17.48 ? 303 PHE A CB  1 
ATOM   176  C CG  . PHE A 1 23  ? 1.906   -4.584  2.976   1.00 18.31 ? 303 PHE A CG  1 
ATOM   177  C CD1 . PHE A 1 23  ? 2.992   -5.097  2.275   1.00 19.31 ? 303 PHE A CD1 1 
ATOM   178  C CD2 . PHE A 1 23  ? 1.905   -3.239  3.294   1.00 19.07 ? 303 PHE A CD2 1 
ATOM   179  C CE1 . PHE A 1 23  ? 4.046   -4.283  1.902   1.00 19.26 ? 303 PHE A CE1 1 
ATOM   180  C CE2 . PHE A 1 23  ? 2.963   -2.418  2.925   1.00 19.06 ? 303 PHE A CE2 1 
ATOM   181  C CZ  . PHE A 1 23  ? 4.032   -2.940  2.223   1.00 18.93 ? 303 PHE A CZ  1 
ATOM   182  N N   . SER A 1 24  ? 2.235   -8.101  3.934   1.00 16.15 ? 304 SER A N   1 
ATOM   183  C CA  . SER A 1 24  ? 3.416   -8.771  3.417   1.00 16.15 ? 304 SER A CA  1 
ATOM   184  C C   . SER A 1 24  ? 3.278   -8.960  1.911   1.00 16.04 ? 304 SER A C   1 
ATOM   185  O O   . SER A 1 24  ? 2.157   -9.064  1.377   1.00 15.09 ? 304 SER A O   1 
ATOM   186  C CB  . SER A 1 24  ? 3.595   -10.109 4.100   1.00 15.77 ? 304 SER A CB  1 
ATOM   187  O OG  . SER A 1 24  ? 3.772   -9.896  5.494   1.00 16.93 ? 304 SER A OG  1 
ATOM   188  N N   . VAL A 1 25  ? 4.420   -9.001  1.235   1.00 16.23 ? 305 VAL A N   1 
ATOM   189  C CA  . VAL A 1 25  ? 4.481   -9.243  -0.211  1.00 17.34 ? 305 VAL A CA  1 
ATOM   190  C C   . VAL A 1 25  ? 5.664   -10.186 -0.473  1.00 17.97 ? 305 VAL A C   1 
ATOM   191  O O   . VAL A 1 25  ? 6.670   -10.156 0.232   1.00 17.15 ? 305 VAL A O   1 
ATOM   192  C CB  . VAL A 1 25  ? 4.649   -7.911  -1.014  1.00 18.15 ? 305 VAL A CB  1 
ATOM   193  C CG1 . VAL A 1 25  ? 5.943   -7.197  -0.640  1.00 18.38 ? 305 VAL A CG1 1 
ATOM   194  C CG2 . VAL A 1 25  ? 4.705   -8.159  -2.514  1.00 18.89 ? 305 VAL A CG2 1 
ATOM   195  N N   . ASP A 1 26  ? 5.549   -11.020 -1.494  1.00 19.61 ? 306 ASP A N   1 
ATOM   196  C CA  . ASP A 1 26  ? 6.624   -11.926 -1.840  1.00 20.55 ? 306 ASP A CA  1 
ATOM   197  C C   . ASP A 1 26  ? 6.594   -12.185 -3.343  1.00 20.85 ? 306 ASP A C   1 
ATOM   198  O O   . ASP A 1 26  ? 5.627   -11.841 -4.012  1.00 19.76 ? 306 ASP A O   1 
ATOM   199  C CB  . ASP A 1 26  ? 6.491   -13.232 -1.052  1.00 21.85 ? 306 ASP A CB  1 
ATOM   200  C CG  . ASP A 1 26  ? 7.820   -13.989 -0.917  1.00 25.19 ? 306 ASP A CG  1 
ATOM   201  O OD1 . ASP A 1 26  ? 8.773   -13.685 -1.682  1.00 26.58 ? 306 ASP A OD1 1 
ATOM   202  O OD2 . ASP A 1 26  ? 7.923   -14.885 -0.032  1.00 27.92 ? 306 ASP A OD2 1 
ATOM   203  N N   . GLY A 1 27  ? 7.662   -12.792 -3.857  1.00 21.04 ? 307 GLY A N   1 
ATOM   204  C CA  . GLY A 1 27  ? 7.756   -13.126 -5.260  1.00 22.28 ? 307 GLY A CA  1 
ATOM   205  C C   . GLY A 1 27  ? 9.175   -13.038 -5.763  1.00 23.65 ? 307 GLY A C   1 
ATOM   206  O O   . GLY A 1 27  ? 9.990   -12.305 -5.208  1.00 25.40 ? 307 GLY A O   1 
ATOM   207  N N   . GLN A 1 28  ? 9.463   -13.802 -6.811  1.00 24.92 ? 308 GLN A N   1 
ATOM   208  C CA  . GLN A 1 28  ? 10.714  -13.698 -7.557  1.00 26.15 ? 308 GLN A CA  1 
ATOM   209  C C   . GLN A 1 28  ? 10.403  -13.863 -9.034  1.00 24.12 ? 308 GLN A C   1 
ATOM   210  O O   . GLN A 1 28  ? 9.872   -14.886 -9.415  1.00 23.12 ? 308 GLN A O   1 
ATOM   211  C CB  . GLN A 1 28  ? 11.696  -14.777 -7.120  1.00 29.11 ? 308 GLN A CB  1 
ATOM   212  C CG  . GLN A 1 28  ? 12.451  -14.441 -5.843  1.00 32.70 ? 308 GLN A CG  1 
ATOM   213  C CD  . GLN A 1 28  ? 13.403  -13.257 -6.017  1.00 34.89 ? 308 GLN A CD  1 
ATOM   214  O OE1 . GLN A 1 28  ? 14.269  -13.268 -6.897  1.00 34.79 ? 308 GLN A OE1 1 
ATOM   215  N NE2 . GLN A 1 28  ? 13.229  -12.221 -5.184  1.00 37.04 ? 308 GLN A NE2 1 
ATOM   216  N N   . PRO A 1 29  ? 10.700  -12.870 -9.872  1.00 24.25 ? 309 PRO A N   1 
ATOM   217  C CA  . PRO A 1 29  ? 11.298  -11.586 -9.476  1.00 24.14 ? 309 PRO A CA  1 
ATOM   218  C C   . PRO A 1 29  ? 10.464  -10.780 -8.467  1.00 24.04 ? 309 PRO A C   1 
ATOM   219  O O   . PRO A 1 29  ? 9.253   -10.984 -8.332  1.00 23.02 ? 309 PRO A O   1 
ATOM   220  C CB  . PRO A 1 29  ? 11.352  -10.806 -10.794 1.00 25.12 ? 309 PRO A CB  1 
ATOM   221  C CG  . PRO A 1 29  ? 11.432  -11.855 -11.862 1.00 25.79 ? 309 PRO A CG  1 
ATOM   222  C CD  . PRO A 1 29  ? 10.747  -13.089 -11.328 1.00 24.91 ? 309 PRO A CD  1 
ATOM   223  N N   . ALA A 1 30  ? 11.133  -9.859  -7.793  1.00 23.34 ? 310 ALA A N   1 
ATOM   224  C CA  . ALA A 1 30  ? 10.500  -8.951  -6.874  1.00 23.17 ? 310 ALA A CA  1 
ATOM   225  C C   . ALA A 1 30  ? 9.310   -8.328  -7.582  1.00 22.49 ? 310 ALA A C   1 
ATOM   226  O O   . ALA A 1 30  ? 9.446   -7.858  -8.717  1.00 23.43 ? 310 ALA A O   1 
ATOM   227  C CB  . ALA A 1 30  ? 11.493  -7.889  -6.452  1.00 24.89 ? 310 ALA A CB  1 
ATOM   228  N N   . PRO A 1 31  ? 8.121   -8.385  -6.958  1.00 21.08 ? 311 PRO A N   1 
ATOM   229  C CA  . PRO A 1 31  ? 6.922   -7.821  -7.586  1.00 20.37 ? 311 PRO A CA  1 
ATOM   230  C C   . PRO A 1 31  ? 6.850   -6.307  -7.609  1.00 19.88 ? 311 PRO A C   1 
ATOM   231  O O   . PRO A 1 31  ? 7.462   -5.642  -6.784  1.00 18.26 ? 311 PRO A O   1 
ATOM   232  C CB  . PRO A 1 31  ? 5.783   -8.326  -6.683  1.00 21.14 ? 311 PRO A CB  1 
ATOM   233  C CG  . PRO A 1 31  ? 6.439   -8.621  -5.364  1.00 21.73 ? 311 PRO A CG  1 
ATOM   234  C CD  . PRO A 1 31  ? 7.788   -9.154  -5.737  1.00 21.23 ? 311 PRO A CD  1 
ATOM   235  N N   . SER A 1 32  ? 6.046   -5.782  -8.527  1.00 19.89 ? 312 SER A N   1 
ATOM   236  C CA  . SER A 1 32  ? 5.634   -4.399  -8.499  1.00 20.61 ? 312 SER A CA  1 
ATOM   237  C C   . SER A 1 32  ? 4.361   -4.285  -7.663  1.00 20.89 ? 312 SER A C   1 
ATOM   238  O O   . SER A 1 32  ? 3.594   -5.235  -7.611  1.00 20.44 ? 312 SER A O   1 
ATOM   239  C CB  . SER A 1 32  ? 5.340   -3.921  -9.912  1.00 21.49 ? 312 SER A CB  1 
ATOM   240  O OG  . SER A 1 32  ? 4.238   -4.627  -10.438 1.00 23.07 ? 312 SER A OG  1 
ATOM   241  N N   . LEU A 1 33  ? 4.138   -3.125  -7.031  1.00 20.09 ? 313 LEU A N   1 
ATOM   242  C CA  . LEU A 1 33  ? 3.005   -2.923  -6.135  1.00 19.88 ? 313 LEU A CA  1 
ATOM   243  C C   . LEU A 1 33  ? 2.290   -1.648  -6.442  1.00 18.16 ? 313 LEU A C   1 
ATOM   244  O O   . LEU A 1 33  ? 2.909   -0.680  -6.840  1.00 19.58 ? 313 LEU A O   1 
ATOM   245  C CB  . LEU A 1 33  ? 3.438   -2.807  -4.668  1.00 20.83 ? 313 LEU A CB  1 
ATOM   246  C CG  . LEU A 1 33  ? 4.119   -3.957  -3.975  1.00 22.89 ? 313 LEU A CG  1 
ATOM   247  C CD1 . LEU A 1 33  ? 4.260   -3.639  -2.501  1.00 23.52 ? 313 LEU A CD1 1 
ATOM   248  C CD2 . LEU A 1 33  ? 3.296   -5.218  -4.163  1.00 24.51 ? 313 LEU A CD2 1 
ATOM   249  N N   . ARG A 1 34  ? 0.995   -1.650  -6.160  1.00 17.84 ? 314 ARG A N   1 
ATOM   250  C CA  . ARG A 1 34  ? 0.134   -0.481  -6.201  1.00 17.71 ? 314 ARG A CA  1 
ATOM   251  C C   . ARG A 1 34  ? -0.967  -0.653  -5.140  1.00 17.42 ? 314 ARG A C   1 
ATOM   252  O O   . ARG A 1 34  ? -1.397  -1.792  -4.847  1.00 16.74 ? 314 ARG A O   1 
ATOM   253  C CB  . ARG A 1 34  ? -0.491  -0.320  -7.610  1.00 17.19 ? 314 ARG A CB  1 
ATOM   254  N N   . TRP A 1 35  ? -1.416  0.477   -4.590  1.00 16.88 ? 315 TRP A N   1 
ATOM   255  C CA  . TRP A 1 35  ? -2.577  0.554   -3.714  1.00 17.31 ? 315 TRP A CA  1 
ATOM   256  C C   . TRP A 1 35  ? -3.782  1.213   -4.398  1.00 18.91 ? 315 TRP A C   1 
ATOM   257  O O   . TRP A 1 35  ? -3.617  2.107   -5.223  1.00 18.58 ? 315 TRP A O   1 
ATOM   258  C CB  . TRP A 1 35  ? -2.250  1.376   -2.481  1.00 16.83 ? 315 TRP A CB  1 
ATOM   259  C CG  . TRP A 1 35  ? -1.250  0.747   -1.578  1.00 17.39 ? 315 TRP A CG  1 
ATOM   260  C CD1 . TRP A 1 35  ? 0.105   0.935   -1.587  1.00 17.36 ? 315 TRP A CD1 1 
ATOM   261  C CD2 . TRP A 1 35  ? -1.518  -0.187  -0.524  1.00 17.24 ? 315 TRP A CD2 1 
ATOM   262  N NE1 . TRP A 1 35  ? 0.692   0.194   -0.591  1.00 17.12 ? 315 TRP A NE1 1 
ATOM   263  C CE2 . TRP A 1 35  ? -0.283  -0.500  0.080   1.00 17.31 ? 315 TRP A CE2 1 
ATOM   264  C CE3 . TRP A 1 35  ? -2.685  -0.775  -0.020  1.00 17.14 ? 315 TRP A CE3 1 
ATOM   265  C CZ2 . TRP A 1 35  ? -0.178  -1.393  1.150   1.00 17.03 ? 315 TRP A CZ2 1 
ATOM   266  C CZ3 . TRP A 1 35  ? -2.581  -1.642  1.057   1.00 17.17 ? 315 TRP A CZ3 1 
ATOM   267  C CH2 . TRP A 1 35  ? -1.334  -1.949  1.624   1.00 16.72 ? 315 TRP A CH2 1 
ATOM   268  N N   . LEU A 1 36  ? -4.986  0.758   -4.045  1.00 20.30 ? 316 LEU A N   1 
ATOM   269  C CA  . LEU A 1 36  ? -6.233  1.394   -4.462  1.00 21.79 ? 316 LEU A CA  1 
ATOM   270  C C   . LEU A 1 36  ? -7.022  1.791   -3.239  1.00 22.92 ? 316 LEU A C   1 
ATOM   271  O O   . LEU A 1 36  ? -6.934  1.135   -2.209  1.00 23.83 ? 316 LEU A O   1 
ATOM   272  C CB  . LEU A 1 36  ? -7.100  0.462   -5.306  1.00 21.25 ? 316 LEU A CB  1 
ATOM   273  C CG  . LEU A 1 36  ? -6.391  -0.319  -6.400  1.00 21.88 ? 316 LEU A CG  1 
ATOM   274  C CD1 . LEU A 1 36  ? -7.406  -1.221  -7.086  1.00 22.56 ? 316 LEU A CD1 1 
ATOM   275  C CD2 . LEU A 1 36  ? -5.728  0.595   -7.424  1.00 21.93 ? 316 LEU A CD2 1 
ATOM   276  N N   . PHE A 1 37  ? -7.767  2.884   -3.361  1.00 24.99 ? 317 PHE A N   1 
ATOM   277  C CA  . PHE A 1 37  ? -8.742  3.298   -2.369  1.00 26.62 ? 317 PHE A CA  1 
ATOM   278  C C   . PHE A 1 37  ? -10.091 3.385   -3.058  1.00 27.65 ? 317 PHE A C   1 
ATOM   279  O O   . PHE A 1 37  ? -10.266 4.184   -3.969  1.00 28.09 ? 317 PHE A O   1 
ATOM   280  C CB  . PHE A 1 37  ? -8.376  4.639   -1.765  1.00 27.62 ? 317 PHE A CB  1 
ATOM   281  C CG  . PHE A 1 37  ? -9.402  5.166   -0.794  1.00 28.83 ? 317 PHE A CG  1 
ATOM   282  C CD1 . PHE A 1 37  ? -9.685  4.481   0.373   1.00 29.58 ? 317 PHE A CD1 1 
ATOM   283  C CD2 . PHE A 1 37  ? -10.079 6.349   -1.049  1.00 29.26 ? 317 PHE A CD2 1 
ATOM   284  C CE1 . PHE A 1 37  ? -10.629 4.953   1.270   1.00 30.82 ? 317 PHE A CE1 1 
ATOM   285  C CE2 . PHE A 1 37  ? -11.012 6.840   -0.152  1.00 30.85 ? 317 PHE A CE2 1 
ATOM   286  C CZ  . PHE A 1 37  ? -11.295 6.141   1.008   1.00 31.52 ? 317 PHE A CZ  1 
ATOM   287  N N   . ASN A 1 38  ? -11.035 2.548   -2.626  1.00 29.28 ? 318 ASN A N   1 
ATOM   288  C CA  . ASN A 1 38  ? -12.328 2.405   -3.300  1.00 29.38 ? 318 ASN A CA  1 
ATOM   289  C C   . ASN A 1 38  ? -12.143 2.270   -4.812  1.00 28.15 ? 318 ASN A C   1 
ATOM   290  O O   . ASN A 1 38  ? -12.768 2.980   -5.580  1.00 28.99 ? 318 ASN A O   1 
ATOM   291  C CB  . ASN A 1 38  ? -13.241 3.606   -2.984  1.00 30.38 ? 318 ASN A CB  1 
ATOM   292  C CG  . ASN A 1 38  ? -13.603 3.713   -1.503  1.00 31.25 ? 318 ASN A CG  1 
ATOM   293  O OD1 . ASN A 1 38  ? -13.599 2.725   -0.760  1.00 30.10 ? 318 ASN A OD1 1 
ATOM   294  N ND2 . ASN A 1 38  ? -13.934 4.926   -1.073  1.00 31.49 ? 318 ASN A ND2 1 
ATOM   295  N N   . GLY A 1 39  ? -11.248 1.384   -5.235  1.00 27.45 ? 319 GLY A N   1 
ATOM   296  C CA  . GLY A 1 39  ? -11.041 1.112   -6.657  1.00 27.40 ? 319 GLY A CA  1 
ATOM   297  C C   . GLY A 1 39  ? -10.220 2.129   -7.447  1.00 27.52 ? 319 GLY A C   1 
ATOM   298  O O   . GLY A 1 39  ? -9.825  1.853   -8.583  1.00 26.73 ? 319 GLY A O   1 
ATOM   299  N N   . SER A 1 40  ? -9.977  3.302   -6.866  1.00 27.40 ? 320 SER A N   1 
ATOM   300  C CA  . SER A 1 40  ? -9.156  4.323   -7.504  1.00 28.42 ? 320 SER A CA  1 
ATOM   301  C C   . SER A 1 40  ? -7.706  4.166   -7.086  1.00 26.61 ? 320 SER A C   1 
ATOM   302  O O   . SER A 1 40  ? -7.407  3.881   -5.921  1.00 25.29 ? 320 SER A O   1 
ATOM   303  C CB  . SER A 1 40  ? -9.630  5.728   -7.109  1.00 29.92 ? 320 SER A CB  1 
ATOM   304  O OG  . SER A 1 40  ? -10.888 6.011   -7.676  1.00 32.37 ? 320 SER A OG  1 
ATOM   305  N N   . VAL A 1 41  ? -6.806  4.395   -8.035  1.00 25.34 ? 321 VAL A N   1 
ATOM   306  C CA  . VAL A 1 41  ? -5.367  4.357   -7.760  1.00 24.55 ? 321 VAL A CA  1 
ATOM   307  C C   . VAL A 1 41  ? -4.994  5.388   -6.700  1.00 24.77 ? 321 VAL A C   1 
ATOM   308  O O   . VAL A 1 41  ? -5.394  6.536   -6.772  1.00 26.36 ? 321 VAL A O   1 
ATOM   309  C CB  . VAL A 1 41  ? -4.546  4.604   -9.028  1.00 23.84 ? 321 VAL A CB  1 
ATOM   310  C CG1 . VAL A 1 41  ? -3.088  4.869   -8.672  1.00 24.55 ? 321 VAL A CG1 1 
ATOM   311  C CG2 . VAL A 1 41  ? -4.661  3.408   -9.971  1.00 22.82 ? 321 VAL A CG2 1 
ATOM   312  N N   . LEU A 1 42  ? -4.239  4.969   -5.700  1.00 24.19 ? 322 LEU A N   1 
ATOM   313  C CA  . LEU A 1 42  ? -3.936  5.832   -4.578  1.00 24.37 ? 322 LEU A CA  1 
ATOM   314  C C   . LEU A 1 42  ? -2.547  6.410   -4.773  1.00 23.86 ? 322 LEU A C   1 
ATOM   315  O O   . LEU A 1 42  ? -1.575  5.675   -4.838  1.00 23.16 ? 322 LEU A O   1 
ATOM   316  C CB  . LEU A 1 42  ? -4.014  5.034   -3.275  1.00 25.64 ? 322 LEU A CB  1 
ATOM   317  C CG  . LEU A 1 42  ? -3.779  5.756   -1.949  1.00 26.81 ? 322 LEU A CG  1 
ATOM   318  C CD1 . LEU A 1 42  ? -4.703  6.945   -1.813  1.00 27.86 ? 322 LEU A CD1 1 
ATOM   319  C CD2 . LEU A 1 42  ? -4.012  4.794   -0.792  1.00 27.28 ? 322 LEU A CD2 1 
ATOM   320  N N   . ASN A 1 43  ? -2.458  7.733   -4.871  1.00 23.37 ? 323 ASN A N   1 
ATOM   321  C CA  . ASN A 1 43  ? -1.177  8.401   -5.036  1.00 22.81 ? 323 ASN A CA  1 
ATOM   322  C C   . ASN A 1 43  ? -0.588  8.655   -3.673  1.00 22.73 ? 323 ASN A C   1 
ATOM   323  O O   . ASN A 1 43  ? -1.277  9.124   -2.771  1.00 25.04 ? 323 ASN A O   1 
ATOM   324  C CB  . ASN A 1 43  ? -1.356  9.702   -5.814  1.00 22.33 ? 323 ASN A CB  1 
ATOM   325  C CG  . ASN A 1 43  ? -2.023  9.474   -7.152  1.00 22.09 ? 323 ASN A CG  1 
ATOM   326  O OD1 . ASN A 1 43  ? -1.574  8.635   -7.943  1.00 21.28 ? 323 ASN A OD1 1 
ATOM   327  N ND2 . ASN A 1 43  ? -3.111  10.204  -7.409  1.00 21.80 ? 323 ASN A ND2 1 
ATOM   328  N N   . GLU A 1 44  ? 0.680   8.319   -3.512  1.00 22.09 ? 324 GLU A N   1 
ATOM   329  C CA  . GLU A 1 44  ? 1.338   8.493   -2.245  1.00 21.60 ? 324 GLU A CA  1 
ATOM   330  C C   . GLU A 1 44  ? 1.804   9.921   -2.070  1.00 22.17 ? 324 GLU A C   1 
ATOM   331  O O   . GLU A 1 44  ? 2.414   10.520  -2.969  1.00 22.63 ? 324 GLU A O   1 
ATOM   332  C CB  . GLU A 1 44  ? 2.505   7.535   -2.100  1.00 21.38 ? 324 GLU A CB  1 
ATOM   333  C CG  . GLU A 1 44  ? 2.051   6.094   -1.976  1.00 21.92 ? 324 GLU A CG  1 
ATOM   334  C CD  . GLU A 1 44  ? 3.159   5.144   -1.583  1.00 20.93 ? 324 GLU A CD  1 
ATOM   335  O OE1 . GLU A 1 44  ? 4.175   5.590   -0.994  1.00 19.42 ? 324 GLU A OE1 1 
ATOM   336  O OE2 . GLU A 1 44  ? 2.985   3.943   -1.860  1.00 20.27 ? 324 GLU A OE2 1 
ATOM   337  N N   . THR A 1 45  ? 1.509   10.443  -0.888  1.00 22.55 ? 325 THR A N   1 
ATOM   338  C CA  . THR A 1 45  ? 1.815   11.810  -0.494  1.00 22.57 ? 325 THR A CA  1 
ATOM   339  C C   . THR A 1 45  ? 2.365   11.677  0.887   1.00 22.13 ? 325 THR A C   1 
ATOM   340  O O   . THR A 1 45  ? 2.382   10.592  1.431   1.00 21.38 ? 325 THR A O   1 
ATOM   341  C CB  . THR A 1 45  ? 0.548   12.680  -0.404  1.00 22.23 ? 325 THR A CB  1 
ATOM   342  O OG1 . THR A 1 45  ? -0.326  12.142  0.597   1.00 24.15 ? 325 THR A OG1 1 
ATOM   343  C CG2 . THR A 1 45  ? -0.178  12.723  -1.726  1.00 21.80 ? 325 THR A CG2 1 
ATOM   344  N N   . SER A 1 46  ? 2.792   12.786  1.471   1.00 23.19 ? 326 SER A N   1 
ATOM   345  C CA  . SER A 1 46  ? 3.382   12.774  2.799   1.00 23.62 ? 326 SER A CA  1 
ATOM   346  C C   . SER A 1 46  ? 2.391   12.310  3.891   1.00 22.00 ? 326 SER A C   1 
ATOM   347  O O   . SER A 1 46  ? 2.815   12.006  4.983   1.00 22.12 ? 326 SER A O   1 
ATOM   348  C CB  . SER A 1 46  ? 3.922   14.171  3.133   1.00 23.60 ? 326 SER A CB  1 
ATOM   349  O OG  . SER A 1 46  ? 2.844   15.092  3.202   1.00 24.08 ? 326 SER A OG  1 
ATOM   350  N N   . PHE A 1 47  ? 1.097   12.267  3.583   1.00 23.25 ? 327 PHE A N   1 
ATOM   351  C CA  . PHE A 1 47  ? 0.064   11.824  4.521   1.00 25.05 ? 327 PHE A CA  1 
ATOM   352  C C   . PHE A 1 47  ? -0.408  10.363  4.328   1.00 24.47 ? 327 PHE A C   1 
ATOM   353  O O   . PHE A 1 47  ? -1.034  9.807   5.235   1.00 23.73 ? 327 PHE A O   1 
ATOM   354  C CB  . PHE A 1 47  ? -1.162  12.735  4.440   1.00 26.40 ? 327 PHE A CB  1 
ATOM   355  C CG  . PHE A 1 47  ? -0.950  14.115  5.023   1.00 30.06 ? 327 PHE A CG  1 
ATOM   356  C CD1 . PHE A 1 47  ? -1.232  14.375  6.371   1.00 31.56 ? 327 PHE A CD1 1 
ATOM   357  C CD2 . PHE A 1 47  ? -0.501  15.165  4.224   1.00 30.64 ? 327 PHE A CD2 1 
ATOM   358  C CE1 . PHE A 1 47  ? -1.053  15.639  6.903   1.00 31.29 ? 327 PHE A CE1 1 
ATOM   359  C CE2 . PHE A 1 47  ? -0.320  16.427  4.755   1.00 31.49 ? 327 PHE A CE2 1 
ATOM   360  C CZ  . PHE A 1 47  ? -0.587  16.662  6.094   1.00 32.09 ? 327 PHE A CZ  1 
ATOM   361  N N   . ILE A 1 48  ? -0.173  9.774   3.153   1.00 22.69 ? 328 ILE A N   1 
ATOM   362  C CA  . ILE A 1 48  ? -0.387  8.332   2.950   1.00 22.03 ? 328 ILE A CA  1 
ATOM   363  C C   . ILE A 1 48  ? 0.751   7.797   2.093   1.00 21.53 ? 328 ILE A C   1 
ATOM   364  O O   . ILE A 1 48  ? 0.841   8.136   0.914   1.00 22.08 ? 328 ILE A O   1 
ATOM   365  C CB  . ILE A 1 48  ? -1.743  7.996   2.265   1.00 21.73 ? 328 ILE A CB  1 
ATOM   366  C CG1 . ILE A 1 48  ? -2.910  8.624   3.022   1.00 21.84 ? 328 ILE A CG1 1 
ATOM   367  C CG2 . ILE A 1 48  ? -1.952  6.486   2.173   1.00 21.70 ? 328 ILE A CG2 1 
ATOM   368  C CD1 . ILE A 1 48  ? -4.273  8.324   2.431   1.00 21.61 ? 328 ILE A CD1 1 
ATOM   369  N N   . PHE A 1 49  ? 1.608   6.954   2.676   1.00 20.52 ? 329 PHE A N   1 
ATOM   370  C CA  . PHE A 1 49  ? 2.684   6.296   1.932   1.00 18.75 ? 329 PHE A CA  1 
ATOM   371  C C   . PHE A 1 49  ? 3.019   4.880   2.410   1.00 17.97 ? 329 PHE A C   1 
ATOM   372  O O   . PHE A 1 49  ? 2.708   4.489   3.533   1.00 17.10 ? 329 PHE A O   1 
ATOM   373  C CB  . PHE A 1 49  ? 3.943   7.153   1.965   1.00 19.29 ? 329 PHE A CB  1 
ATOM   374  C CG  . PHE A 1 49  ? 4.403   7.531   3.343   1.00 19.74 ? 329 PHE A CG  1 
ATOM   375  C CD1 . PHE A 1 49  ? 5.242   6.695   4.063   1.00 20.32 ? 329 PHE A CD1 1 
ATOM   376  C CD2 . PHE A 1 49  ? 4.008   8.741   3.920   1.00 19.92 ? 329 PHE A CD2 1 
ATOM   377  C CE1 . PHE A 1 49  ? 5.677   7.044   5.331   1.00 20.54 ? 329 PHE A CE1 1 
ATOM   378  C CE2 . PHE A 1 49  ? 4.448   9.098   5.184   1.00 20.00 ? 329 PHE A CE2 1 
ATOM   379  C CZ  . PHE A 1 49  ? 5.282   8.247   5.891   1.00 20.27 ? 329 PHE A CZ  1 
ATOM   380  N N   . THR A 1 50  ? 3.692   4.126   1.545   1.00 17.25 ? 330 THR A N   1 
ATOM   381  C CA  . THR A 1 50  ? 4.145   2.787   1.872   1.00 16.74 ? 330 THR A CA  1 
ATOM   382  C C   . THR A 1 50  ? 5.427   2.902   2.641   1.00 17.13 ? 330 THR A C   1 
ATOM   383  O O   . THR A 1 50  ? 6.321   3.635   2.231   1.00 17.27 ? 330 THR A O   1 
ATOM   384  C CB  . THR A 1 50  ? 4.437   1.938   0.619   1.00 16.26 ? 330 THR A CB  1 
ATOM   385  O OG1 . THR A 1 50  ? 3.270   1.856   -0.198  1.00 15.77 ? 330 THR A OG1 1 
ATOM   386  C CG2 . THR A 1 50  ? 4.875   0.510   1.009   1.00 16.07 ? 330 THR A CG2 1 
ATOM   387  N N   . GLU A 1 51  ? 5.526   2.143   3.735   1.00 18.00 ? 331 GLU A N   1 
ATOM   388  C CA  . GLU A 1 51  ? 6.722   2.092   4.548   1.00 18.71 ? 331 GLU A CA  1 
ATOM   389  C C   . GLU A 1 51  ? 7.129   0.642   4.853   1.00 19.58 ? 331 GLU A C   1 
ATOM   390  O O   . GLU A 1 51  ? 6.409   -0.077  5.548   1.00 19.90 ? 331 GLU A O   1 
ATOM   391  C CB  . GLU A 1 51  ? 6.486   2.876   5.849   1.00 19.83 ? 331 GLU A CB  1 
ATOM   392  C CG  . GLU A 1 51  ? 7.757   3.009   6.689   1.00 20.70 ? 331 GLU A CG  1 
ATOM   393  C CD  . GLU A 1 51  ? 7.679   4.067   7.773   1.00 22.03 ? 331 GLU A CD  1 
ATOM   394  O OE1 . GLU A 1 51  ? 6.588   4.355   8.315   1.00 22.79 ? 331 GLU A OE1 1 
ATOM   395  O OE2 . GLU A 1 51  ? 8.753   4.613   8.089   1.00 25.59 ? 331 GLU A OE2 1 
ATOM   396  N N   . PHE A 1 52  ? 8.289   0.218   4.351   1.00 20.23 ? 332 PHE A N   1 
ATOM   397  C CA  . PHE A 1 52  ? 8.771   -1.142  4.554   1.00 21.12 ? 332 PHE A CA  1 
ATOM   398  C C   . PHE A 1 52  ? 9.686   -1.286  5.764   1.00 23.29 ? 332 PHE A C   1 
ATOM   399  O O   . PHE A 1 52  ? 10.390  -0.336  6.153   1.00 23.11 ? 332 PHE A O   1 
ATOM   400  C CB  . PHE A 1 52  ? 9.553   -1.634  3.346   1.00 20.50 ? 332 PHE A CB  1 
ATOM   401  C CG  . PHE A 1 52  ? 8.717   -1.905  2.126   1.00 20.39 ? 332 PHE A CG  1 
ATOM   402  C CD1 . PHE A 1 52  ? 8.075   -3.119  1.966   1.00 19.83 ? 332 PHE A CD1 1 
ATOM   403  C CD2 . PHE A 1 52  ? 8.613   -0.961  1.115   1.00 19.71 ? 332 PHE A CD2 1 
ATOM   404  C CE1 . PHE A 1 52  ? 7.349   -3.387  0.827   1.00 19.77 ? 332 PHE A CE1 1 
ATOM   405  C CE2 . PHE A 1 52  ? 7.882   -1.222  -0.030  1.00 19.76 ? 332 PHE A CE2 1 
ATOM   406  C CZ  . PHE A 1 52  ? 7.252   -2.441  -0.170  1.00 20.30 ? 332 PHE A CZ  1 
ATOM   407  N N   . LEU A 1 53  ? 9.666   -2.490  6.337   1.00 25.40 ? 333 LEU A N   1 
ATOM   408  C CA  . LEU A 1 53  ? 10.664  -2.945  7.295   1.00 27.60 ? 333 LEU A CA  1 
ATOM   409  C C   . LEU A 1 53  ? 11.852  -3.431  6.529   1.00 29.81 ? 333 LEU A C   1 
ATOM   410  O O   . LEU A 1 53  ? 11.719  -3.961  5.413   1.00 29.33 ? 333 LEU A O   1 
ATOM   411  C CB  . LEU A 1 53  ? 10.158  -4.127  8.114   1.00 27.99 ? 333 LEU A CB  1 
ATOM   412  C CG  . LEU A 1 53  ? 8.943   -3.862  8.991   1.00 29.00 ? 333 LEU A CG  1 
ATOM   413  C CD1 . LEU A 1 53  ? 8.553   -5.165  9.663   1.00 29.43 ? 333 LEU A CD1 1 
ATOM   414  C CD2 . LEU A 1 53  ? 9.254   -2.780  10.016  1.00 29.35 ? 333 LEU A CD2 1 
ATOM   415  N N   . GLU A 1 54  ? 13.014  -3.289  7.144   1.00 33.88 ? 334 GLU A N   1 
ATOM   416  C CA  . GLU A 1 54  ? 14.242  -3.737  6.525   1.00 38.03 ? 334 GLU A CA  1 
ATOM   417  C C   . GLU A 1 54  ? 14.117  -5.234  6.403   1.00 37.20 ? 334 GLU A C   1 
ATOM   418  O O   . GLU A 1 54  ? 13.649  -5.874  7.328   1.00 37.95 ? 334 GLU A O   1 
ATOM   419  C CB  . GLU A 1 54  ? 15.458  -3.348  7.376   1.00 43.01 ? 334 GLU A CB  1 
ATOM   420  C CG  . GLU A 1 54  ? 16.649  -2.853  6.558   1.00 47.90 ? 334 GLU A CG  1 
ATOM   421  C CD  . GLU A 1 54  ? 16.316  -1.666  5.652   1.00 49.52 ? 334 GLU A CD  1 
ATOM   422  O OE1 . GLU A 1 54  ? 17.031  -1.500  4.646   1.00 52.17 ? 334 GLU A OE1 1 
ATOM   423  O OE2 . GLU A 1 54  ? 15.346  -0.907  5.923   1.00 49.79 ? 334 GLU A OE2 1 
ATOM   424  N N   . PRO A 1 55  ? 14.503  -5.798  5.255   1.00 38.28 ? 335 PRO A N   1 
ATOM   425  C CA  . PRO A 1 55  ? 14.312  -7.217  5.103   1.00 41.75 ? 335 PRO A CA  1 
ATOM   426  C C   . PRO A 1 55  ? 15.450  -7.986  5.735   1.00 45.02 ? 335 PRO A C   1 
ATOM   427  O O   . PRO A 1 55  ? 16.580  -7.512  5.735   1.00 49.23 ? 335 PRO A O   1 
ATOM   428  C CB  . PRO A 1 55  ? 14.316  -7.396  3.594   1.00 40.33 ? 335 PRO A CB  1 
ATOM   429  C CG  . PRO A 1 55  ? 15.247  -6.349  3.112   1.00 39.61 ? 335 PRO A CG  1 
ATOM   430  C CD  . PRO A 1 55  ? 15.116  -5.198  4.058   1.00 38.51 ? 335 PRO A CD  1 
ATOM   431  N N   . ALA A 1 56  ? 15.147  -9.161  6.277   1.00 49.25 ? 336 ALA A N   1 
ATOM   432  C CA  . ALA A 1 56  ? 16.174  -10.038 6.823   1.00 51.03 ? 336 ALA A CA  1 
ATOM   433  C C   . ALA A 1 56  ? 16.924  -10.683 5.670   1.00 52.04 ? 336 ALA A C   1 
ATOM   434  O O   . ALA A 1 56  ? 16.369  -10.881 4.589   1.00 54.40 ? 336 ALA A O   1 
ATOM   435  C CB  . ALA A 1 56  ? 15.555  -11.099 7.721   1.00 50.74 ? 336 ALA A CB  1 
ATOM   436  N N   . ALA A 1 57  ? 18.192  -11.003 5.903   1.00 54.08 ? 337 ALA A N   1 
ATOM   437  C CA  . ALA A 1 57  ? 19.017  -11.654 4.897   1.00 53.81 ? 337 ALA A CA  1 
ATOM   438  C C   . ALA A 1 57  ? 18.487  -13.054 4.586   1.00 52.51 ? 337 ALA A C   1 
ATOM   439  O O   . ALA A 1 57  ? 17.892  -13.710 5.447   1.00 52.23 ? 337 ALA A O   1 
ATOM   440  C CB  . ALA A 1 57  ? 20.469  -11.720 5.364   1.00 55.68 ? 337 ALA A CB  1 
ATOM   441  N N   . ASN A 1 58  ? 18.694  -13.480 3.341   1.00 53.69 ? 338 ASN A N   1 
ATOM   442  C CA  . ASN A 1 58  ? 18.336  -14.825 2.872   1.00 53.80 ? 338 ASN A CA  1 
ATOM   443  C C   . ASN A 1 58  ? 16.821  -15.064 2.787   1.00 54.97 ? 338 ASN A C   1 
ATOM   444  O O   . ASN A 1 58  ? 16.377  -16.215 2.830   1.00 56.83 ? 338 ASN A O   1 
ATOM   445  C CB  . ASN A 1 58  ? 18.999  -15.901 3.755   1.00 54.55 ? 338 ASN A CB  1 
ATOM   446  N N   . GLU A 1 59  ? 16.027  -13.994 2.672   1.00 51.50 ? 339 GLU A N   1 
ATOM   447  C CA  . GLU A 1 59  ? 14.573  -14.135 2.510   1.00 47.43 ? 339 GLU A CA  1 
ATOM   448  C C   . GLU A 1 59  ? 14.008  -13.080 1.563   1.00 41.78 ? 339 GLU A C   1 
ATOM   449  O O   . GLU A 1 59  ? 14.411  -11.914 1.589   1.00 39.67 ? 339 GLU A O   1 
ATOM   450  C CB  . GLU A 1 59  ? 13.831  -14.165 3.864   1.00 49.39 ? 339 GLU A CB  1 
ATOM   451  C CG  . GLU A 1 59  ? 13.635  -12.831 4.587   1.00 52.96 ? 339 GLU A CG  1 
ATOM   452  C CD  . GLU A 1 59  ? 12.812  -12.973 5.874   1.00 53.51 ? 339 GLU A CD  1 
ATOM   453  O OE1 . GLU A 1 59  ? 12.379  -11.947 6.444   1.00 56.22 ? 339 GLU A OE1 1 
ATOM   454  O OE2 . GLU A 1 59  ? 12.589  -14.113 6.325   1.00 53.56 ? 339 GLU A OE2 1 
ATOM   455  N N   . THR A 1 60  ? 13.088  -13.526 0.712   1.00 37.45 ? 340 THR A N   1 
ATOM   456  C CA  . THR A 1 60  ? 12.530  -12.701 -0.358  1.00 34.65 ? 340 THR A CA  1 
ATOM   457  C C   . THR A 1 60  ? 11.260  -11.976 0.084   1.00 31.74 ? 340 THR A C   1 
ATOM   458  O O   . THR A 1 60  ? 10.729  -11.134 -0.651  1.00 29.44 ? 340 THR A O   1 
ATOM   459  C CB  . THR A 1 60  ? 12.212  -13.556 -1.604  1.00 34.44 ? 340 THR A CB  1 
ATOM   460  O OG1 . THR A 1 60  ? 11.290  -14.597 -1.267  1.00 34.18 ? 340 THR A OG1 1 
ATOM   461  C CG2 . THR A 1 60  ? 13.489  -14.181 -2.170  1.00 35.62 ? 340 THR A CG2 1 
ATOM   462  N N   . VAL A 1 61  ? 10.774  -12.296 1.282   1.00 29.19 ? 341 VAL A N   1 
ATOM   463  C CA  . VAL A 1 61  ? 9.531   -11.714 1.747   1.00 27.39 ? 341 VAL A CA  1 
ATOM   464  C C   . VAL A 1 61  ? 9.777   -10.295 2.241   1.00 26.07 ? 341 VAL A C   1 
ATOM   465  O O   . VAL A 1 61  ? 10.819  -9.992  2.835   1.00 25.75 ? 341 VAL A O   1 
ATOM   466  C CB  . VAL A 1 61  ? 8.837   -12.583 2.816   1.00 27.15 ? 341 VAL A CB  1 
ATOM   467  C CG1 . VAL A 1 61  ? 9.555   -12.509 4.155   1.00 27.15 ? 341 VAL A CG1 1 
ATOM   468  C CG2 . VAL A 1 61  ? 7.379   -12.167 2.966   1.00 27.03 ? 341 VAL A CG2 1 
ATOM   469  N N   . ARG A 1 62  ? 8.821   -9.419  1.963   1.00 24.00 ? 342 ARG A N   1 
ATOM   470  C CA  . ARG A 1 62  ? 8.917   -8.036  2.390   1.00 23.78 ? 342 ARG A CA  1 
ATOM   471  C C   . ARG A 1 62  ? 7.667   -7.688  3.174   1.00 21.67 ? 342 ARG A C   1 
ATOM   472  O O   . ARG A 1 62  ? 6.576   -8.066  2.795   1.00 21.92 ? 342 ARG A O   1 
ATOM   473  C CB  . ARG A 1 62  ? 9.133   -7.121  1.178   1.00 25.38 ? 342 ARG A CB  1 
ATOM   474  C CG  . ARG A 1 62  ? 10.376  -7.511  0.368   1.00 27.77 ? 342 ARG A CG  1 
ATOM   475  C CD  . ARG A 1 62  ? 11.665  -7.104  1.079   1.00 30.55 ? 342 ARG A CD  1 
ATOM   476  N NE  . ARG A 1 62  ? 12.659  -8.185  1.061   1.00 33.73 ? 342 ARG A NE  1 
ATOM   477  C CZ  . ARG A 1 62  ? 13.388  -8.520  0.000   1.00 35.18 ? 342 ARG A CZ  1 
ATOM   478  N NH1 . ARG A 1 62  ? 13.253  -7.885  -1.164  1.00 36.98 ? 342 ARG A NH1 1 
ATOM   479  N NH2 . ARG A 1 62  ? 14.251  -9.512  0.103   1.00 36.87 ? 342 ARG A NH2 1 
ATOM   480  N N   . HIS A 1 63  ? 7.851   -6.994  4.288   1.00 20.62 ? 343 HIS A N   1 
ATOM   481  C CA  . HIS A 1 63  ? 6.772   -6.619  5.183   1.00 20.19 ? 343 HIS A CA  1 
ATOM   482  C C   . HIS A 1 63  ? 6.740   -5.107  5.298   1.00 20.74 ? 343 HIS A C   1 
ATOM   483  O O   . HIS A 1 63  ? 7.780   -4.456  5.221   1.00 20.15 ? 343 HIS A O   1 
ATOM   484  C CB  . HIS A 1 63  ? 7.023   -7.175  6.586   1.00 20.10 ? 343 HIS A CB  1 
ATOM   485  C CG  . HIS A 1 63  ? 7.310   -8.648  6.630   1.00 20.46 ? 343 HIS A CG  1 
ATOM   486  N ND1 . HIS A 1 63  ? 6.368   -9.601  6.312   1.00 20.12 ? 343 HIS A ND1 1 
ATOM   487  C CD2 . HIS A 1 63  ? 8.419   -9.328  7.010   1.00 20.45 ? 343 HIS A CD2 1 
ATOM   488  C CE1 . HIS A 1 63  ? 6.891   -10.806 6.468   1.00 20.37 ? 343 HIS A CE1 1 
ATOM   489  N NE2 . HIS A 1 63  ? 8.134   -10.670 6.887   1.00 20.48 ? 343 HIS A NE2 1 
ATOM   490  N N   . GLY A 1 64  ? 5.554   -4.561  5.545   1.00 20.72 ? 344 GLY A N   1 
ATOM   491  C CA  . GLY A 1 64  ? 5.408   -3.150  5.751   1.00 21.49 ? 344 GLY A CA  1 
ATOM   492  C C   . GLY A 1 64  ? 3.995   -2.714  6.101   1.00 23.06 ? 344 GLY A C   1 
ATOM   493  O O   . GLY A 1 64  ? 3.144   -3.518  6.498   1.00 23.14 ? 344 GLY A O   1 
ATOM   494  N N   . CYS A 1 65  ? 3.772   -1.411  5.969   1.00 24.14 ? 345 CYS A N   1 
ATOM   495  C CA  . CYS A 1 65  ? 2.517   -0.781  6.296   1.00 25.03 ? 345 CYS A CA  1 
ATOM   496  C C   . CYS A 1 65  ? 2.167   0.170   5.179   1.00 22.71 ? 345 CYS A C   1 
ATOM   497  O O   . CYS A 1 65  ? 3.046   0.810   4.598   1.00 21.15 ? 345 CYS A O   1 
ATOM   498  C CB  . CYS A 1 65  ? 2.667   0.048   7.575   1.00 28.81 ? 345 CYS A CB  1 
ATOM   499  S SG  . CYS A 1 65  ? 2.681   -0.919  9.107   1.00 37.48 ? 345 CYS A SG  1 
ATOM   500  N N   . LEU A 1 66  ? 0.880   0.278   4.885   1.00 21.82 ? 346 LEU A N   1 
ATOM   501  C CA  . LEU A 1 66  ? 0.377   1.505   4.303   1.00 21.71 ? 346 LEU A CA  1 
ATOM   502  C C   . LEU A 1 66  ? 0.144   2.433   5.491   1.00 21.37 ? 346 LEU A C   1 
ATOM   503  O O   . LEU A 1 66  ? -0.765  2.234   6.278   1.00 20.37 ? 346 LEU A O   1 
ATOM   504  C CB  . LEU A 1 66  ? -0.901  1.317   3.492   1.00 20.79 ? 346 LEU A CB  1 
ATOM   505  C CG  . LEU A 1 66  ? -1.276  2.594   2.741   1.00 20.16 ? 346 LEU A CG  1 
ATOM   506  C CD1 . LEU A 1 66  ? -0.305  2.925   1.596   1.00 20.23 ? 346 LEU A CD1 1 
ATOM   507  C CD2 . LEU A 1 66  ? -2.694  2.489   2.214   1.00 20.15 ? 346 LEU A CD2 1 
ATOM   508  N N   . ARG A 1 67  ? 1.008   3.428   5.612   1.00 22.58 ? 347 ARG A N   1 
ATOM   509  C CA  . ARG A 1 67  ? 0.963   4.373   6.698   1.00 24.03 ? 347 ARG A CA  1 
ATOM   510  C C   . ARG A 1 67  ? 0.069   5.549   6.324   1.00 25.22 ? 347 ARG A C   1 
ATOM   511  O O   . ARG A 1 67  ? 0.270   6.173   5.272   1.00 27.17 ? 347 ARG A O   1 
ATOM   512  C CB  . ARG A 1 67  ? 2.373   4.853   6.994   1.00 24.68 ? 347 ARG A CB  1 
ATOM   513  C CG  . ARG A 1 67  ? 2.450   6.026   7.946   1.00 25.48 ? 347 ARG A CG  1 
ATOM   514  C CD  . ARG A 1 67  ? 3.876   6.195   8.429   1.00 26.59 ? 347 ARG A CD  1 
ATOM   515  N NE  . ARG A 1 67  ? 3.995   7.380   9.268   1.00 29.01 ? 347 ARG A NE  1 
ATOM   516  C CZ  . ARG A 1 67  ? 5.102   7.725   9.917   1.00 28.72 ? 347 ARG A CZ  1 
ATOM   517  N NH1 . ARG A 1 67  ? 6.206   6.982   9.825   1.00 26.64 ? 347 ARG A NH1 1 
ATOM   518  N NH2 . ARG A 1 67  ? 5.095   8.819   10.668  1.00 29.96 ? 347 ARG A NH2 1 
ATOM   519  N N   . LEU A 1 68  ? -0.920  5.821   7.172   1.00 24.42 ? 348 LEU A N   1 
ATOM   520  C CA  . LEU A 1 68  ? -1.769  7.001   7.061   1.00 25.02 ? 348 LEU A CA  1 
ATOM   521  C C   . LEU A 1 68  ? -1.460  7.944   8.222   1.00 26.94 ? 348 LEU A C   1 
ATOM   522  O O   . LEU A 1 68  ? -1.409  7.521   9.390   1.00 26.40 ? 348 LEU A O   1 
ATOM   523  C CB  . LEU A 1 68  ? -3.247  6.623   7.090   1.00 24.11 ? 348 LEU A CB  1 
ATOM   524  C CG  . LEU A 1 68  ? -3.723  5.723   5.947   1.00 23.79 ? 348 LEU A CG  1 
ATOM   525  C CD1 . LEU A 1 68  ? -3.445  4.254   6.237   1.00 22.98 ? 348 LEU A CD1 1 
ATOM   526  C CD2 . LEU A 1 68  ? -5.198  5.953   5.683   1.00 23.84 ? 348 LEU A CD2 1 
ATOM   527  N N   . ASN A 1 69  ? -1.228  9.215   7.904   1.00 28.69 ? 349 ASN A N   1 
ATOM   528  C CA  . ASN A 1 69  ? -0.973  10.218  8.938   1.00 29.72 ? 349 ASN A CA  1 
ATOM   529  C C   . ASN A 1 69  ? -2.166  11.153  8.999   1.00 30.34 ? 349 ASN A C   1 
ATOM   530  O O   . ASN A 1 69  ? -2.619  11.639  7.968   1.00 33.81 ? 349 ASN A O   1 
ATOM   531  C CB  . ASN A 1 69  ? 0.330   10.975  8.663   1.00 30.03 ? 349 ASN A CB  1 
ATOM   532  C CG  . ASN A 1 69  ? 1.553   10.057  8.624   1.00 28.70 ? 349 ASN A CG  1 
ATOM   533  O OD1 . ASN A 1 69  ? 1.857   9.366   9.584   1.00 27.83 ? 349 ASN A OD1 1 
ATOM   534  N ND2 . ASN A 1 69  ? 2.272   10.073  7.506   1.00 30.25 ? 349 ASN A ND2 1 
ATOM   535  N N   . GLN A 1 70  ? -2.722  11.334  10.197  1.00 31.25 ? 350 GLN A N   1 
ATOM   536  C CA  . GLN A 1 70  ? -3.805  12.278  10.443  1.00 31.33 ? 350 GLN A CA  1 
ATOM   537  C C   . GLN A 1 70  ? -4.997  12.053  9.514   1.00 30.71 ? 350 GLN A C   1 
ATOM   538  O O   . GLN A 1 70  ? -5.485  12.985  8.838   1.00 30.12 ? 350 GLN A O   1 
ATOM   539  C CB  . GLN A 1 70  ? -3.276  13.714  10.365  1.00 35.03 ? 350 GLN A CB  1 
ATOM   540  C CG  . GLN A 1 70  ? -2.215  14.019  11.426  1.00 38.74 ? 350 GLN A CG  1 
ATOM   541  C CD  . GLN A 1 70  ? -1.481  15.329  11.184  1.00 44.58 ? 350 GLN A CD  1 
ATOM   542  O OE1 . GLN A 1 70  ? -0.254  15.403  11.334  1.00 48.46 ? 350 GLN A OE1 1 
ATOM   543  N NE2 . GLN A 1 70  ? -2.223  16.373  10.804  1.00 45.32 ? 350 GLN A NE2 1 
ATOM   544  N N   . PRO A 1 71  ? -5.488  10.801  9.472   1.00 28.67 ? 351 PRO A N   1 
ATOM   545  C CA  . PRO A 1 71  ? -6.663  10.573  8.648   1.00 27.26 ? 351 PRO A CA  1 
ATOM   546  C C   . PRO A 1 71  ? -7.934  10.983  9.368   1.00 26.71 ? 351 PRO A C   1 
ATOM   547  O O   . PRO A 1 71  ? -7.902  11.300  10.533  1.00 25.52 ? 351 PRO A O   1 
ATOM   548  C CB  . PRO A 1 71  ? -6.638  9.060   8.419   1.00 27.26 ? 351 PRO A CB  1 
ATOM   549  C CG  . PRO A 1 71  ? -5.922  8.513   9.594   1.00 25.98 ? 351 PRO A CG  1 
ATOM   550  C CD  . PRO A 1 71  ? -4.935  9.544   10.013  1.00 26.88 ? 351 PRO A CD  1 
ATOM   551  N N   . THR A 1 72  ? -9.041  10.974  8.649   1.00 28.42 ? 352 THR A N   1 
ATOM   552  C CA  . THR A 1 72  ? -10.347 11.261  9.208   1.00 30.08 ? 352 THR A CA  1 
ATOM   553  C C   . THR A 1 72  ? -11.331 10.324  8.535   1.00 31.00 ? 352 THR A C   1 
ATOM   554  O O   . THR A 1 72  ? -10.937 9.486   7.718   1.00 31.16 ? 352 THR A O   1 
ATOM   555  C CB  . THR A 1 72  ? -10.782 12.727  8.922   1.00 29.72 ? 352 THR A CB  1 
ATOM   556  O OG1 . THR A 1 72  ? -11.162 12.856  7.543   1.00 28.13 ? 352 THR A OG1 1 
ATOM   557  C CG2 . THR A 1 72  ? -9.661  13.714  9.249   1.00 29.36 ? 352 THR A CG2 1 
ATOM   558  N N   . HIS A 1 73  ? -12.609 10.502  8.830   1.00 32.35 ? 353 HIS A N   1 
ATOM   559  C CA  . HIS A 1 73  ? -13.659 9.711   8.190   1.00 34.81 ? 353 HIS A CA  1 
ATOM   560  C C   . HIS A 1 73  ? -13.578 9.640   6.655   1.00 33.77 ? 353 HIS A C   1 
ATOM   561  O O   . HIS A 1 73  ? -14.037 8.655   6.071   1.00 34.51 ? 353 HIS A O   1 
ATOM   562  C CB  . HIS A 1 73  ? -15.050 10.216  8.618   1.00 36.85 ? 353 HIS A CB  1 
ATOM   563  C CG  . HIS A 1 73  ? -15.434 11.531  8.010   1.00 38.68 ? 353 HIS A CG  1 
ATOM   564  N ND1 . HIS A 1 73  ? -15.012 12.742  8.523   1.00 38.77 ? 353 HIS A ND1 1 
ATOM   565  C CD2 . HIS A 1 73  ? -16.199 11.823  6.928   1.00 38.32 ? 353 HIS A CD2 1 
ATOM   566  C CE1 . HIS A 1 73  ? -15.498 13.723  7.779   1.00 39.28 ? 353 HIS A CE1 1 
ATOM   567  N NE2 . HIS A 1 73  ? -16.213 13.192  6.801   1.00 39.92 ? 353 HIS A NE2 1 
ATOM   568  N N   . VAL A 1 74  ? -13.021 10.662  5.990   1.00 32.06 ? 354 VAL A N   1 
ATOM   569  C CA  . VAL A 1 74  ? -12.915 10.617  4.511   1.00 31.62 ? 354 VAL A CA  1 
ATOM   570  C C   . VAL A 1 74  ? -12.024 9.470   4.028   1.00 28.68 ? 354 VAL A C   1 
ATOM   571  O O   . VAL A 1 74  ? -12.248 8.941   2.950   1.00 28.23 ? 354 VAL A O   1 
ATOM   572  C CB  . VAL A 1 74  ? -12.405 11.931  3.857   1.00 34.04 ? 354 VAL A CB  1 
ATOM   573  C CG1 . VAL A 1 74  ? -13.449 13.042  3.985   1.00 34.95 ? 354 VAL A CG1 1 
ATOM   574  C CG2 . VAL A 1 74  ? -11.046 12.349  4.429   1.00 33.97 ? 354 VAL A CG2 1 
ATOM   575  N N   . ASN A 1 75  ? -11.033 9.106   4.836   1.00 27.53 ? 355 ASN A N   1 
ATOM   576  C CA  . ASN A 1 75  ? -10.147 7.969   4.552   1.00 27.28 ? 355 ASN A CA  1 
ATOM   577  C C   . ASN A 1 75  ? -10.755 6.577   4.842   1.00 27.41 ? 355 ASN A C   1 
ATOM   578  O O   . ASN A 1 75  ? -10.176 5.562   4.438   1.00 27.59 ? 355 ASN A O   1 
ATOM   579  C CB  . ASN A 1 75  ? -8.842  8.134   5.314   1.00 26.21 ? 355 ASN A CB  1 
ATOM   580  C CG  . ASN A 1 75  ? -8.178  9.469   5.025   1.00 27.48 ? 355 ASN A CG  1 
ATOM   581  O OD1 . ASN A 1 75  ? -8.109  10.327  5.900   1.00 27.80 ? 355 ASN A OD1 1 
ATOM   582  N ND2 . ASN A 1 75  ? -7.727  9.666   3.782   1.00 24.93 ? 355 ASN A ND2 1 
ATOM   583  N N   . ASN A 1 76  ? -11.912 6.535   5.510   1.00 25.59 ? 356 ASN A N   1 
ATOM   584  C CA  . ASN A 1 76  ? -12.669 5.298   5.679   1.00 24.41 ? 356 ASN A CA  1 
ATOM   585  C C   . ASN A 1 76  ? -13.087 4.736   4.323   1.00 24.02 ? 356 ASN A C   1 
ATOM   586  O O   . ASN A 1 76  ? -13.669 5.443   3.491   1.00 24.25 ? 356 ASN A O   1 
ATOM   587  C CB  . ASN A 1 76  ? -13.943 5.518   6.491   1.00 24.47 ? 356 ASN A CB  1 
ATOM   588  C CG  . ASN A 1 76  ? -13.675 6.005   7.892   1.00 24.64 ? 356 ASN A CG  1 
ATOM   589  O OD1 . ASN A 1 76  ? -12.530 6.069   8.348   1.00 24.18 ? 356 ASN A OD1 1 
ATOM   590  N ND2 . ASN A 1 76  ? -14.742 6.366   8.588   1.00 25.40 ? 356 ASN A ND2 1 
ATOM   591  N N   . GLY A 1 77  ? -12.795 3.463   4.102   1.00 22.97 ? 357 GLY A N   1 
ATOM   592  C CA  . GLY A 1 77  ? -13.153 2.824   2.853   1.00 23.21 ? 357 GLY A CA  1 
ATOM   593  C C   . GLY A 1 77  ? -12.337 1.585   2.571   1.00 23.02 ? 357 GLY A C   1 
ATOM   594  O O   . GLY A 1 77  ? -11.671 1.047   3.448   1.00 21.79 ? 357 GLY A O   1 
ATOM   595  N N   . ASN A 1 78  ? -12.399 1.159   1.320   1.00 24.26 ? 358 ASN A N   1 
ATOM   596  C CA  . ASN A 1 78  ? -11.825 -0.094  0.874   1.00 26.08 ? 358 ASN A CA  1 
ATOM   597  C C   . ASN A 1 78  ? -10.388 0.089   0.387   1.00 25.60 ? 358 ASN A C   1 
ATOM   598  O O   . ASN A 1 78  ? -10.149 0.779   -0.611  1.00 28.39 ? 358 ASN A O   1 
ATOM   599  C CB  . ASN A 1 78  ? -12.690 -0.653  -0.260  1.00 27.64 ? 358 ASN A CB  1 
ATOM   600  C CG  . ASN A 1 78  ? -12.430 -2.127  -0.526  1.00 29.98 ? 358 ASN A CG  1 
ATOM   601  O OD1 . ASN A 1 78  ? -12.102 -2.884  0.381   1.00 31.28 ? 358 ASN A OD1 1 
ATOM   602  N ND2 . ASN A 1 78  ? -12.593 -2.537  -1.768  1.00 32.18 ? 358 ASN A ND2 1 
ATOM   603  N N   . TYR A 1 79  ? -9.430  -0.536  1.063   1.00 23.69 ? 359 TYR A N   1 
ATOM   604  C CA  . TYR A 1 79  ? -8.047  -0.471  0.602   1.00 23.09 ? 359 TYR A CA  1 
ATOM   605  C C   . TYR A 1 79  ? -7.659  -1.767  -0.068  1.00 22.24 ? 359 TYR A C   1 
ATOM   606  O O   . TYR A 1 79  ? -7.852  -2.830  0.497   1.00 21.08 ? 359 TYR A O   1 
ATOM   607  C CB  . TYR A 1 79  ? -7.101  -0.128  1.743   1.00 23.23 ? 359 TYR A CB  1 
ATOM   608  C CG  . TYR A 1 79  ? -7.275  1.289   2.240   1.00 24.02 ? 359 TYR A CG  1 
ATOM   609  C CD1 . TYR A 1 79  ? -8.315  1.623   3.113   1.00 24.32 ? 359 TYR A CD1 1 
ATOM   610  C CD2 . TYR A 1 79  ? -6.416  2.308   1.824   1.00 24.12 ? 359 TYR A CD2 1 
ATOM   611  C CE1 . TYR A 1 79  ? -8.482  2.929   3.563   1.00 24.36 ? 359 TYR A CE1 1 
ATOM   612  C CE2 . TYR A 1 79  ? -6.571  3.622   2.280   1.00 24.11 ? 359 TYR A CE2 1 
ATOM   613  C CZ  . TYR A 1 79  ? -7.605  3.933   3.139   1.00 24.42 ? 359 TYR A CZ  1 
ATOM   614  O OH  . TYR A 1 79  ? -7.754  5.240   3.585   1.00 24.34 ? 359 TYR A OH  1 
ATOM   615  N N   . THR A 1 80  ? -7.139  -1.658  -1.292  1.00 21.38 ? 360 THR A N   1 
ATOM   616  C CA  . THR A 1 80  ? -6.652  -2.801  -2.054  1.00 20.98 ? 360 THR A CA  1 
ATOM   617  C C   . THR A 1 80  ? -5.141  -2.717  -2.306  1.00 19.60 ? 360 THR A C   1 
ATOM   618  O O   . THR A 1 80  ? -4.633  -1.690  -2.735  1.00 18.34 ? 360 THR A O   1 
ATOM   619  C CB  . THR A 1 80  ? -7.340  -2.870  -3.430  1.00 21.76 ? 360 THR A CB  1 
ATOM   620  O OG1 . THR A 1 80  ? -8.736  -3.119  -3.255  1.00 22.05 ? 360 THR A OG1 1 
ATOM   621  C CG2 . THR A 1 80  ? -6.734  -3.964  -4.300  1.00 22.17 ? 360 THR A CG2 1 
ATOM   622  N N   . LEU A 1 81  ? -4.440  -3.819  -2.061  1.00 18.97 ? 361 LEU A N   1 
ATOM   623  C CA  . LEU A 1 81  ? -3.049  -3.958  -2.455  1.00 17.78 ? 361 LEU A CA  1 
ATOM   624  C C   . LEU A 1 81  ? -2.952  -4.927  -3.631  1.00 18.16 ? 361 LEU A C   1 
ATOM   625  O O   . LEU A 1 81  ? -3.461  -6.046  -3.576  1.00 17.19 ? 361 LEU A O   1 
ATOM   626  C CB  . LEU A 1 81  ? -2.215  -4.445  -1.296  1.00 17.33 ? 361 LEU A CB  1 
ATOM   627  C CG  . LEU A 1 81  ? -0.765  -4.804  -1.629  1.00 17.48 ? 361 LEU A CG  1 
ATOM   628  C CD1 . LEU A 1 81  ? 0.042   -3.595  -2.063  1.00 17.52 ? 361 LEU A CD1 1 
ATOM   629  C CD2 . LEU A 1 81  ? -0.132  -5.441  -0.405  1.00 17.99 ? 361 LEU A CD2 1 
ATOM   630  N N   . LEU A 1 82  ? -2.306  -4.451  -4.692  1.00 18.85 ? 362 LEU A N   1 
ATOM   631  C CA  . LEU A 1 82  ? -2.092  -5.171  -5.932  1.00 19.19 ? 362 LEU A CA  1 
ATOM   632  C C   . LEU A 1 82  ? -0.607  -5.455  -6.070  1.00 18.86 ? 362 LEU A C   1 
ATOM   633  O O   . LEU A 1 82  ? 0.211   -4.545  -5.906  1.00 18.98 ? 362 LEU A O   1 
ATOM   634  C CB  . LEU A 1 82  ? -2.478  -4.269  -7.110  1.00 20.85 ? 362 LEU A CB  1 
ATOM   635  C CG  . LEU A 1 82  ? -3.858  -4.264  -7.775  1.00 22.89 ? 362 LEU A CG  1 
ATOM   636  C CD1 . LEU A 1 82  ? -4.882  -5.156  -7.089  1.00 23.20 ? 362 LEU A CD1 1 
ATOM   637  C CD2 . LEU A 1 82  ? -4.385  -2.838  -7.921  1.00 24.01 ? 362 LEU A CD2 1 
ATOM   638  N N   . ALA A 1 83  ? -0.257  -6.690  -6.425  1.00 18.06 ? 363 ALA A N   1 
ATOM   639  C CA  . ALA A 1 83  ? 1.127   -7.039  -6.724  1.00 17.34 ? 363 ALA A CA  1 
ATOM   640  C C   . ALA A 1 83  ? 1.193   -7.901  -7.971  1.00 17.48 ? 363 ALA A C   1 
ATOM   641  O O   . ALA A 1 83  ? 0.309   -8.730  -8.214  1.00 18.14 ? 363 ALA A O   1 
ATOM   642  C CB  . ALA A 1 83  ? 1.773   -7.750  -5.551  1.00 16.90 ? 363 ALA A CB  1 
ATOM   643  N N   . ALA A 1 84  ? 2.245   -7.724  -8.757  1.00 17.44 ? 364 ALA A N   1 
ATOM   644  C CA  . ALA A 1 84  ? 2.455   -8.550  -9.951  1.00 18.00 ? 364 ALA A CA  1 
ATOM   645  C C   . ALA A 1 84  ? 3.918   -8.782  -10.255 1.00 18.88 ? 364 ALA A C   1 
ATOM   646  O O   . ALA A 1 84  ? 4.787   -7.982  -9.907  1.00 18.92 ? 364 ALA A O   1 
ATOM   647  C CB  . ALA A 1 84  ? 1.771   -7.936  -11.160 1.00 17.49 ? 364 ALA A CB  1 
ATOM   648  N N   . ASN A 1 85  ? 4.186   -9.925  -10.868 1.00 20.51 ? 365 ASN A N   1 
ATOM   649  C CA  . ASN A 1 85  ? 5.477   -10.213 -11.445 1.00 20.44 ? 365 ASN A CA  1 
ATOM   650  C C   . ASN A 1 85  ? 5.161   -11.137 -12.613 1.00 21.75 ? 365 ASN A C   1 
ATOM   651  O O   . ASN A 1 85  ? 3.985   -11.383 -12.876 1.00 21.41 ? 365 ASN A O   1 
ATOM   652  C CB  . ASN A 1 85  ? 6.454   -10.782 -10.383 1.00 19.70 ? 365 ASN A CB  1 
ATOM   653  C CG  . ASN A 1 85  ? 6.198   -12.226 -10.038 1.00 19.42 ? 365 ASN A CG  1 
ATOM   654  O OD1 . ASN A 1 85  ? 5.338   -12.872 -10.630 1.00 20.46 ? 365 ASN A OD1 1 
ATOM   655  N ND2 . ASN A 1 85  ? 6.950   -12.746 -9.070  1.00 18.33 ? 365 ASN A ND2 1 
ATOM   656  N N   . PRO A 1 86  ? 6.185   -11.635 -13.328 1.00 23.96 ? 366 PRO A N   1 
ATOM   657  C CA  . PRO A 1 86  ? 5.910   -12.397 -14.560 1.00 24.50 ? 366 PRO A CA  1 
ATOM   658  C C   . PRO A 1 86  ? 5.262   -13.762 -14.355 1.00 25.05 ? 366 PRO A C   1 
ATOM   659  O O   . PRO A 1 86  ? 4.692   -14.331 -15.305 1.00 25.70 ? 366 PRO A O   1 
ATOM   660  C CB  . PRO A 1 86  ? 7.302   -12.548 -15.201 1.00 24.93 ? 366 PRO A CB  1 
ATOM   661  C CG  . PRO A 1 86  ? 8.097   -11.412 -14.630 1.00 25.46 ? 366 PRO A CG  1 
ATOM   662  C CD  . PRO A 1 86  ? 7.611   -11.280 -13.214 1.00 24.56 ? 366 PRO A CD  1 
ATOM   663  N N   . PHE A 1 87  ? 5.325   -14.277 -13.135 1.00 24.97 ? 367 PHE A N   1 
ATOM   664  C CA  . PHE A 1 87  ? 4.760   -15.595 -12.829 1.00 25.46 ? 367 PHE A CA  1 
ATOM   665  C C   . PHE A 1 87  ? 3.385   -15.588 -12.163 1.00 23.71 ? 367 PHE A C   1 
ATOM   666  O O   . PHE A 1 87  ? 2.793   -16.635 -12.001 1.00 24.34 ? 367 PHE A O   1 
ATOM   667  C CB  . PHE A 1 87  ? 5.768   -16.370 -11.997 1.00 27.16 ? 367 PHE A CB  1 
ATOM   668  C CG  . PHE A 1 87  ? 7.028   -16.646 -12.743 1.00 30.26 ? 367 PHE A CG  1 
ATOM   669  C CD1 . PHE A 1 87  ? 7.161   -17.808 -13.489 1.00 31.99 ? 367 PHE A CD1 1 
ATOM   670  C CD2 . PHE A 1 87  ? 8.054   -15.704 -12.765 1.00 32.11 ? 367 PHE A CD2 1 
ATOM   671  C CE1 . PHE A 1 87  ? 8.318   -18.053 -14.215 1.00 34.98 ? 367 PHE A CE1 1 
ATOM   672  C CE2 . PHE A 1 87  ? 9.211   -15.938 -13.488 1.00 34.49 ? 367 PHE A CE2 1 
ATOM   673  C CZ  . PHE A 1 87  ? 9.345   -17.116 -14.214 1.00 35.57 ? 367 PHE A CZ  1 
ATOM   674  N N   . GLY A 1 88  ? 2.879   -14.417 -11.784 1.00 22.32 ? 368 GLY A N   1 
ATOM   675  C CA  . GLY A 1 88  ? 1.523   -14.303 -11.260 1.00 20.59 ? 368 GLY A CA  1 
ATOM   676  C C   . GLY A 1 88  ? 1.134   -12.924 -10.766 1.00 19.52 ? 368 GLY A C   1 
ATOM   677  O O   . GLY A 1 88  ? 1.989   -12.058 -10.558 1.00 19.77 ? 368 GLY A O   1 
ATOM   678  N N   . GLN A 1 89  ? -0.171  -12.735 -10.595 1.00 18.28 ? 369 GLN A N   1 
ATOM   679  C CA  . GLN A 1 89  ? -0.759  -11.517 -10.066 1.00 18.32 ? 369 GLN A CA  1 
ATOM   680  C C   . GLN A 1 89  ? -1.392  -11.870 -8.732  1.00 18.68 ? 369 GLN A C   1 
ATOM   681  O O   . GLN A 1 89  ? -1.861  -13.002 -8.546  1.00 19.73 ? 369 GLN A O   1 
ATOM   682  C CB  . GLN A 1 89  ? -1.842  -10.974 -11.008 1.00 17.62 ? 369 GLN A CB  1 
ATOM   683  N N   . ALA A 1 90  ? -1.382  -10.927 -7.797  1.00 18.33 ? 370 ALA A N   1 
ATOM   684  C CA  . ALA A 1 90  ? -2.106  -11.085 -6.541  1.00 18.40 ? 370 ALA A CA  1 
ATOM   685  C C   . ALA A 1 90  ? -2.800  -9.793  -6.088  1.00 19.50 ? 370 ALA A C   1 
ATOM   686  O O   . ALA A 1 90  ? -2.379  -8.671  -6.399  1.00 19.21 ? 370 ALA A O   1 
ATOM   687  C CB  . ALA A 1 90  ? -1.199  -11.612 -5.452  1.00 17.96 ? 370 ALA A CB  1 
ATOM   688  N N   . SER A 1 91  ? -3.846  -9.969  -5.297  1.00 20.22 ? 371 SER A N   1 
ATOM   689  C CA  . SER A 1 91  ? -4.674  -8.866  -4.898  1.00 20.70 ? 371 SER A CA  1 
ATOM   690  C C   . SER A 1 91  ? -5.343  -9.181  -3.554  1.00 20.34 ? 371 SER A C   1 
ATOM   691  O O   . SER A 1 91  ? -5.671  -10.322 -3.267  1.00 19.98 ? 371 SER A O   1 
ATOM   692  C CB  . SER A 1 91  ? -5.667  -8.608  -6.024  1.00 21.45 ? 371 SER A CB  1 
ATOM   693  O OG  . SER A 1 91  ? -6.757  -7.839  -5.610  1.00 25.19 ? 371 SER A OG  1 
ATOM   694  N N   . ALA A 1 92  ? -5.498  -8.164  -2.723  1.00 20.33 ? 372 ALA A N   1 
ATOM   695  C CA  . ALA A 1 92  ? -6.148  -8.308  -1.429  1.00 20.91 ? 372 ALA A CA  1 
ATOM   696  C C   . ALA A 1 92  ? -6.777  -6.977  -1.019  1.00 21.61 ? 372 ALA A C   1 
ATOM   697  O O   . ALA A 1 92  ? -6.209  -5.923  -1.280  1.00 22.40 ? 372 ALA A O   1 
ATOM   698  C CB  . ALA A 1 92  ? -5.161  -8.769  -0.383  1.00 20.04 ? 372 ALA A CB  1 
ATOM   699  N N   . SER A 1 93  ? -7.944  -7.049  -0.386  1.00 22.18 ? 373 SER A N   1 
ATOM   700  C CA  . SER A 1 93  ? -8.722  -5.880  0.013   1.00 22.67 ? 373 SER A CA  1 
ATOM   701  C C   . SER A 1 93  ? -9.249  -6.039  1.441   1.00 22.70 ? 373 SER A C   1 
ATOM   702  O O   . SER A 1 93  ? -9.698  -7.128  1.824   1.00 21.89 ? 373 SER A O   1 
ATOM   703  C CB  . SER A 1 93  ? -9.922  -5.692  -0.915  1.00 23.19 ? 373 SER A CB  1 
ATOM   704  O OG  . SER A 1 93  ? -9.544  -5.132  -2.150  1.00 24.89 ? 373 SER A OG  1 
ATOM   705  N N   . ILE A 1 94  ? -9.198  -4.948  2.200   1.00 21.82 ? 374 ILE A N   1 
ATOM   706  C CA  . ILE A 1 94  ? -9.815  -4.852  3.520   1.00 23.01 ? 374 ILE A CA  1 
ATOM   707  C C   . ILE A 1 94  ? -10.573 -3.531  3.654   1.00 24.59 ? 374 ILE A C   1 
ATOM   708  O O   . ILE A 1 94  ? -10.343 -2.593  2.896   1.00 26.32 ? 374 ILE A O   1 
ATOM   709  C CB  . ILE A 1 94  ? -8.771  -4.951  4.647   1.00 22.70 ? 374 ILE A CB  1 
ATOM   710  C CG1 . ILE A 1 94  ? -7.752  -3.820  4.558   1.00 22.83 ? 374 ILE A CG1 1 
ATOM   711  C CG2 . ILE A 1 94  ? -8.056  -6.292  4.613   1.00 22.42 ? 374 ILE A CG2 1 
ATOM   712  C CD1 . ILE A 1 94  ? -7.826  -2.842  5.692   1.00 23.14 ? 374 ILE A CD1 1 
ATOM   713  N N   . MET A 1 95  ? -11.489 -3.458  4.613   1.00 25.96 ? 375 MET A N   1 
ATOM   714  C CA  . MET A 1 95  ? -12.173 -2.202  4.921   1.00 26.69 ? 375 MET A CA  1 
ATOM   715  C C   . MET A 1 95  ? -11.466 -1.584  6.105   1.00 26.12 ? 375 MET A C   1 
ATOM   716  O O   . MET A 1 95  ? -11.058 -2.294  7.011   1.00 26.95 ? 375 MET A O   1 
ATOM   717  C CB  . MET A 1 95  ? -13.646 -2.445  5.244   1.00 28.29 ? 375 MET A CB  1 
ATOM   718  C CG  . MET A 1 95  ? -14.468 -2.889  4.042   1.00 29.67 ? 375 MET A CG  1 
ATOM   719  S SD  . MET A 1 95  ? -14.670 -1.603  2.792   1.00 33.69 ? 375 MET A SD  1 
ATOM   720  C CE  . MET A 1 95  ? -15.777 -0.445  3.618   1.00 32.93 ? 375 MET A CE  1 
ATOM   721  N N   . ALA A 1 96  ? -11.258 -0.275  6.086   1.00 26.54 ? 376 ALA A N   1 
ATOM   722  C CA  . ALA A 1 96  ? -10.618 0.380   7.230   1.00 28.12 ? 376 ALA A CA  1 
ATOM   723  C C   . ALA A 1 96  ? -11.462 1.565   7.625   1.00 30.04 ? 376 ALA A C   1 
ATOM   724  O O   . ALA A 1 96  ? -12.026 2.237   6.770   1.00 32.21 ? 376 ALA A O   1 
ATOM   725  C CB  . ALA A 1 96  ? -9.205  0.815   6.906   1.00 26.86 ? 376 ALA A CB  1 
ATOM   726  N N   . ALA A 1 97  ? -11.572 1.783   8.927   1.00 30.72 ? 377 ALA A N   1 
ATOM   727  C CA  . ALA A 1 97  ? -12.302 2.913   9.486   1.00 32.15 ? 377 ALA A CA  1 
ATOM   728  C C   . ALA A 1 97  ? -11.370 3.562   10.496  1.00 32.56 ? 377 ALA A C   1 
ATOM   729  O O   . ALA A 1 97  ? -10.822 2.871   11.353  1.00 34.30 ? 377 ALA A O   1 
ATOM   730  C CB  . ALA A 1 97  ? -13.587 2.437   10.156  1.00 31.69 ? 377 ALA A CB  1 
ATOM   731  N N   . PHE A 1 98  ? -11.164 4.873   10.368  1.00 33.69 ? 378 PHE A N   1 
ATOM   732  C CA  . PHE A 1 98  ? -10.215 5.635   11.209  1.00 33.37 ? 378 PHE A CA  1 
ATOM   733  C C   . PHE A 1 98  ? -10.890 6.603   12.197  1.00 36.25 ? 378 PHE A C   1 
ATOM   734  O O   . PHE A 1 98  ? -10.344 6.878   13.274  1.00 35.41 ? 378 PHE A O   1 
ATOM   735  C CB  . PHE A 1 98  ? -9.245  6.417   10.308  1.00 31.25 ? 378 PHE A CB  1 
ATOM   736  C CG  . PHE A 1 98  ? -8.553  5.558   9.305   1.00 29.22 ? 378 PHE A CG  1 
ATOM   737  C CD1 . PHE A 1 98  ? -7.422  4.845   9.661   1.00 28.57 ? 378 PHE A CD1 1 
ATOM   738  C CD2 . PHE A 1 98  ? -9.056  5.412   8.031   1.00 27.71 ? 378 PHE A CD2 1 
ATOM   739  C CE1 . PHE A 1 98  ? -6.793  4.013   8.757   1.00 27.57 ? 378 PHE A CE1 1 
ATOM   740  C CE2 . PHE A 1 98  ? -8.428  4.582   7.118   1.00 27.80 ? 378 PHE A CE2 1 
ATOM   741  C CZ  . PHE A 1 98  ? -7.300  3.875   7.489   1.00 27.15 ? 378 PHE A CZ  1 
ATOM   742  N N   . MET A 1 99  ? -12.042 7.148   11.798  1.00 39.87 ? 379 MET A N   1 
ATOM   743  C CA  . MET A 1 99  ? -12.853 8.033   12.630  1.00 43.00 ? 379 MET A CA  1 
ATOM   744  C C   . MET A 1 99  ? -14.306 7.785   12.295  1.00 43.60 ? 379 MET A C   1 
ATOM   745  O O   . MET A 1 99  ? -14.617 7.285   11.210  1.00 43.48 ? 379 MET A O   1 
ATOM   746  C CB  . MET A 1 99  ? -12.555 9.507   12.333  1.00 47.40 ? 379 MET A CB  1 
ATOM   747  C CG  . MET A 1 99  ? -11.321 10.083  13.003  1.00 50.71 ? 379 MET A CG  1 
ATOM   748  S SD  . MET A 1 99  ? -11.292 11.888  12.866  1.00 57.10 ? 379 MET A SD  1 
ATOM   749  C CE  . MET A 1 99  ? -9.723  12.269  13.658  1.00 54.76 ? 379 MET A CE  1 
ATOM   750  N N   . ASP A 1 100 ? -15.193 8.160   13.212  1.00 47.98 ? 380 ASP A N   1 
ATOM   751  C CA  . ASP A 1 100 ? -16.640 8.126   12.944  1.00 53.42 ? 380 ASP A CA  1 
ATOM   752  C C   . ASP A 1 100 ? -17.061 9.249   11.984  1.00 53.17 ? 380 ASP A C   1 
ATOM   753  O O   . ASP A 1 100 ? -16.545 10.368  12.067  1.00 50.40 ? 380 ASP A O   1 
ATOM   754  C CB  . ASP A 1 100 ? -17.442 8.199   14.256  1.00 55.24 ? 380 ASP A CB  1 
ATOM   755  C CG  . ASP A 1 100 ? -17.725 6.828   14.847  1.00 57.16 ? 380 ASP A CG  1 
ATOM   756  O OD1 . ASP A 1 100 ? -17.083 5.845   14.413  1.00 60.26 ? 380 ASP A OD1 1 
ATOM   757  O OD2 . ASP A 1 100 ? -18.607 6.729   15.729  1.00 58.08 ? 380 ASP A OD2 1 
ATOM   758  N N   . ASN A 1 101 ? -17.984 8.928   11.077  1.00 56.45 ? 381 ASN A N   1 
ATOM   759  C CA  . ASN A 1 101 ? -18.436 9.852   10.024  1.00 62.60 ? 381 ASN A CA  1 
ATOM   760  C C   . ASN A 1 101 ? -19.576 10.755  10.536  1.00 67.61 ? 381 ASN A C   1 
ATOM   761  O O   . ASN A 1 101 ? -20.524 10.251  11.141  1.00 67.67 ? 381 ASN A O   1 
ATOM   762  C CB  . ASN A 1 101 ? -18.897 9.058   8.791   1.00 60.00 ? 381 ASN A CB  1 
ATOM   763  N N   . PRO A 1 102 ? -19.483 12.090  10.322  1.00 74.40 ? 382 PRO A N   1 
ATOM   764  C CA  . PRO A 1 102 ? -20.611 12.943  10.727  1.00 76.35 ? 382 PRO A CA  1 
ATOM   765  C C   . PRO A 1 102 ? -21.736 12.946  9.690   1.00 77.26 ? 382 PRO A C   1 
ATOM   766  O O   . PRO A 1 102 ? -22.807 12.391  9.940   1.00 74.95 ? 382 PRO A O   1 
ATOM   767  C CB  . PRO A 1 102 ? -19.980 14.346  10.861  1.00 74.76 ? 382 PRO A CB  1 
ATOM   768  C CG  . PRO A 1 102 ? -18.504 14.157  10.732  1.00 74.39 ? 382 PRO A CG  1 
ATOM   769  C CD  . PRO A 1 102 ? -18.323 12.907  9.921   1.00 74.76 ? 382 PRO A CD  1 
ATOM   770  C CA  . GLY B 2 1   ? 4.706   4.809   -6.824  1.00 26.76 ? 0   GLY B CA  1 
ATOM   771  C C   . GLY B 2 1   ? 4.998   5.264   -5.391  1.00 25.30 ? 0   GLY B C   1 
ATOM   772  O O   . GLY B 2 1   ? 4.110   5.777   -4.714  1.00 24.67 ? 0   GLY B O   1 
ATOM   773  N N   . PHE B 2 2   ? 6.241   5.086   -4.933  1.00 23.69 ? 1   PHE B N   1 
ATOM   774  C CA  . PHE B 2 2   ? 6.554   5.150   -3.504  1.00 23.12 ? 1   PHE B CA  1 
ATOM   775  C C   . PHE B 2 2   ? 7.081   6.504   -3.047  1.00 23.80 ? 1   PHE B C   1 
ATOM   776  O O   . PHE B 2 2   ? 8.165   6.913   -3.441  1.00 24.76 ? 1   PHE B O   1 
ATOM   777  C CB  . PHE B 2 2   ? 7.603   4.100   -3.131  1.00 21.26 ? 1   PHE B CB  1 
ATOM   778  C CG  . PHE B 2 2   ? 7.171   2.671   -3.336  1.00 20.43 ? 1   PHE B CG  1 
ATOM   779  C CD1 . PHE B 2 2   ? 5.895   2.237   -2.960  1.00 19.50 ? 1   PHE B CD1 1 
ATOM   780  C CD2 . PHE B 2 2   ? 8.073   1.733   -3.874  1.00 19.65 ? 1   PHE B CD2 1 
ATOM   781  C CE1 . PHE B 2 2   ? 5.521   0.918   -3.135  1.00 18.91 ? 1   PHE B CE1 1 
ATOM   782  C CE2 . PHE B 2 2   ? 7.699   0.406   -4.044  1.00 19.19 ? 1   PHE B CE2 1 
ATOM   783  C CZ  . PHE B 2 2   ? 6.420   0.003   -3.677  1.00 19.04 ? 1   PHE B CZ  1 
ATOM   784  N N   . PHE B 2 3   ? 6.324   7.181   -2.193  1.00 24.17 ? 2   PHE B N   1 
ATOM   785  C CA  . PHE B 2 3   ? 6.754   8.441   -1.604  1.00 24.62 ? 2   PHE B CA  1 
ATOM   786  C C   . PHE B 2 3   ? 8.144   8.401   -0.973  1.00 24.07 ? 2   PHE B C   1 
ATOM   787  O O   . PHE B 2 3   ? 8.911   9.334   -1.137  1.00 22.31 ? 2   PHE B O   1 
ATOM   788  C CB  . PHE B 2 3   ? 5.744   8.910   -0.568  1.00 26.45 ? 2   PHE B CB  1 
ATOM   789  C CG  . PHE B 2 3   ? 6.070   10.247  0.013   1.00 27.61 ? 2   PHE B CG  1 
ATOM   790  C CD1 . PHE B 2 3   ? 5.938   11.386  -0.753  1.00 28.90 ? 2   PHE B CD1 1 
ATOM   791  C CD2 . PHE B 2 3   ? 6.521   10.363  1.314   1.00 28.75 ? 2   PHE B CD2 1 
ATOM   792  C CE1 . PHE B 2 3   ? 6.258   12.625  -0.225  1.00 30.17 ? 2   PHE B CE1 1 
ATOM   793  C CE2 . PHE B 2 3   ? 6.827   11.597  1.848   1.00 30.39 ? 2   PHE B CE2 1 
ATOM   794  C CZ  . PHE B 2 3   ? 6.705   12.730  1.077   1.00 28.88 ? 2   PHE B CZ  1 
ATOM   795  N N   . LEU B 2 4   ? 8.463   7.321   -0.266  1.00 24.20 ? 3   LEU B N   1 
ATOM   796  C CA  . LEU B 2 4   ? 9.752   7.187   0.417   1.00 23.98 ? 3   LEU B CA  1 
ATOM   797  C C   . LEU B 2 4   ? 10.878  6.609   -0.423  1.00 23.28 ? 3   LEU B C   1 
ATOM   798  O O   . LEU B 2 4   ? 12.033  6.740   -0.055  1.00 22.11 ? 3   LEU B O   1 
ATOM   799  C CB  . LEU B 2 4   ? 9.606   6.260   1.624   1.00 25.24 ? 3   LEU B CB  1 
ATOM   800  C CG  . LEU B 2 4   ? 8.630   6.561   2.749   1.00 26.28 ? 3   LEU B CG  1 
ATOM   801  C CD1 . LEU B 2 4   ? 8.976   5.678   3.946   1.00 26.66 ? 3   LEU B CD1 1 
ATOM   802  C CD2 . LEU B 2 4   ? 8.702   8.013   3.157   1.00 27.17 ? 3   LEU B CD2 1 
ATOM   803  N N   . TYR B 2 5   ? 10.548  5.905   -1.501  1.00 24.62 ? 4   TYR B N   1 
ATOM   804  C CA  . TYR B 2 5   ? 11.511  5.054   -2.195  1.00 25.81 ? 4   TYR B CA  1 
ATOM   805  C C   . TYR B 2 5   ? 11.509  5.340   -3.698  1.00 29.23 ? 4   TYR B C   1 
ATOM   806  O O   . TYR B 2 5   ? 10.881  4.611   -4.473  1.00 27.75 ? 4   TYR B O   1 
ATOM   807  C CB  . TYR B 2 5   ? 11.202  3.576   -1.938  1.00 26.05 ? 4   TYR B CB  1 
ATOM   808  C CG  . TYR B 2 5   ? 10.949  3.247   -0.485  1.00 25.04 ? 4   TYR B CG  1 
ATOM   809  C CD1 . TYR B 2 5   ? 9.672   2.953   -0.039  1.00 23.71 ? 4   TYR B CD1 1 
ATOM   810  C CD2 . TYR B 2 5   ? 11.994  3.239   0.447   1.00 24.91 ? 4   TYR B CD2 1 
ATOM   811  C CE1 . TYR B 2 5   ? 9.428   2.649   1.291   1.00 24.23 ? 4   TYR B CE1 1 
ATOM   812  C CE2 . TYR B 2 5   ? 11.756  2.950   1.787   1.00 24.98 ? 4   TYR B CE2 1 
ATOM   813  C CZ  . TYR B 2 5   ? 10.465  2.650   2.198   1.00 24.15 ? 4   TYR B CZ  1 
ATOM   814  O OH  . TYR B 2 5   ? 10.194  2.377   3.511   1.00 23.85 ? 4   TYR B OH  1 
ATOM   815  N N   . PRO B 2 6   ? 12.241  6.395   -4.118  1.00 32.07 ? 5   PRO B N   1 
ATOM   816  C CA  . PRO B 2 6   ? 12.257  6.774   -5.529  1.00 32.64 ? 5   PRO B CA  1 
ATOM   817  C C   . PRO B 2 6   ? 12.837  5.688   -6.423  1.00 34.37 ? 5   PRO B C   1 
ATOM   818  O O   . PRO B 2 6   ? 12.444  5.604   -7.585  1.00 34.78 ? 5   PRO B O   1 
ATOM   819  C CB  . PRO B 2 6   ? 13.145  8.037   -5.572  1.00 33.58 ? 5   PRO B CB  1 
ATOM   820  C CG  . PRO B 2 6   ? 13.592  8.304   -4.173  1.00 34.19 ? 5   PRO B CG  1 
ATOM   821  C CD  . PRO B 2 6   ? 13.271  7.103   -3.333  1.00 32.62 ? 5   PRO B CD  1 
ATOM   822  N N   . HIS B 2 7   ? 13.742  4.861   -5.884  1.00 36.49 ? 6   HIS B N   1 
ATOM   823  C CA  . HIS B 2 7   ? 14.361  3.765   -6.641  1.00 37.23 ? 6   HIS B CA  1 
ATOM   824  C C   . HIS B 2 7   ? 13.841  2.388   -6.242  1.00 35.60 ? 6   HIS B C   1 
ATOM   825  O O   . HIS B 2 7   ? 14.502  1.387   -6.464  1.00 33.46 ? 6   HIS B O   1 
ATOM   826  C CB  . HIS B 2 7   ? 15.879  3.813   -6.464  1.00 39.83 ? 6   HIS B CB  1 
ATOM   827  C CG  . HIS B 2 7   ? 16.450  5.167   -6.722  1.00 42.30 ? 6   HIS B CG  1 
ATOM   828  N ND1 . HIS B 2 7   ? 16.582  5.682   -7.993  1.00 43.35 ? 6   HIS B ND1 1 
ATOM   829  C CD2 . HIS B 2 7   ? 16.870  6.137   -5.874  1.00 45.06 ? 6   HIS B CD2 1 
ATOM   830  C CE1 . HIS B 2 7   ? 17.071  6.907   -7.918  1.00 44.07 ? 6   HIS B CE1 1 
ATOM   831  N NE2 . HIS B 2 7   ? 17.261  7.206   -6.644  1.00 45.30 ? 6   HIS B NE2 1 
ATOM   832  N N   . GLY B 2 8   ? 12.642  2.330   -5.677  1.00 34.59 ? 7   GLY B N   1 
ATOM   833  C CA  . GLY B 2 8   ? 12.113  1.073   -5.187  1.00 32.14 ? 7   GLY B CA  1 
ATOM   834  C C   . GLY B 2 8   ? 12.736  0.661   -3.872  1.00 31.75 ? 7   GLY B C   1 
ATOM   835  O O   . GLY B 2 8   ? 13.472  1.414   -3.260  1.00 30.89 ? 7   GLY B O   1 
ATOM   836  N N   . PHE B 2 9   ? 12.409  -0.550  -3.430  1.00 31.12 ? 8   PHE B N   1 
ATOM   837  C CA  . PHE B 2 9   ? 12.869  -1.068  -2.158  1.00 29.96 ? 8   PHE B CA  1 
ATOM   838  C C   . PHE B 2 9   ? 13.319  -2.502  -2.353  1.00 30.71 ? 8   PHE B C   1 
ATOM   839  O O   . PHE B 2 9   ? 12.485  -3.398  -2.501  1.00 28.85 ? 8   PHE B O   1 
ATOM   840  C CB  . PHE B 2 9   ? 11.728  -1.009  -1.146  1.00 30.24 ? 8   PHE B CB  1 
ATOM   841  C CG  . PHE B 2 9   ? 12.127  -1.374  0.254   1.00 29.18 ? 8   PHE B CG  1 
ATOM   842  C CD1 . PHE B 2 9   ? 12.671  -0.419  1.104   1.00 28.81 ? 8   PHE B CD1 1 
ATOM   843  C CD2 . PHE B 2 9   ? 11.942  -2.664  0.735   1.00 29.26 ? 8   PHE B CD2 1 
ATOM   844  C CE1 . PHE B 2 9   ? 13.031  -0.743  2.400   1.00 27.63 ? 8   PHE B CE1 1 
ATOM   845  C CE2 . PHE B 2 9   ? 12.297  -2.993  2.034   1.00 27.94 ? 8   PHE B CE2 1 
ATOM   846  C CZ  . PHE B 2 9   ? 12.837  -2.026  2.865   1.00 27.71 ? 8   PHE B CZ  1 
ATOM   847  N N   . TYR B 2 10  ? 14.638  -2.714  -2.376  1.00 31.88 ? 9   TYR B N   1 
ATOM   848  C CA  . TYR B 2 10  ? 15.221  -4.053  -2.514  1.00 32.59 ? 9   TYR B CA  1 
ATOM   849  C C   . TYR B 2 10  ? 14.541  -4.862  -3.611  1.00 31.42 ? 9   TYR B C   1 
ATOM   850  O O   . TYR B 2 10  ? 14.161  -6.004  -3.402  1.00 33.08 ? 9   TYR B O   1 
ATOM   851  C CB  . TYR B 2 10  ? 15.174  -4.784  -1.163  1.00 35.69 ? 9   TYR B CB  1 
ATOM   852  C CG  . TYR B 2 10  ? 16.032  -4.092  -0.124  1.00 39.11 ? 9   TYR B CG  1 
ATOM   853  C CD1 . TYR B 2 10  ? 17.391  -4.395  0.001   1.00 40.54 ? 9   TYR B CD1 1 
ATOM   854  C CD2 . TYR B 2 10  ? 15.508  -3.090  0.686   1.00 39.93 ? 9   TYR B CD2 1 
ATOM   855  C CE1 . TYR B 2 10  ? 18.184  -3.749  0.931   1.00 40.63 ? 9   TYR B CE1 1 
ATOM   856  C CE2 . TYR B 2 10  ? 16.303  -2.433  1.617   1.00 42.04 ? 9   TYR B CE2 1 
ATOM   857  C CZ  . TYR B 2 10  ? 17.640  -2.771  1.729   1.00 41.79 ? 9   TYR B CZ  1 
ATOM   858  O OH  . TYR B 2 10  ? 18.434  -2.125  2.647   1.00 43.15 ? 9   TYR B OH  1 
ATOM   859  N N   . GLY B 2 11  ? 14.361  -4.237  -4.769  1.00 31.05 ? 10  GLY B N   1 
ATOM   860  C CA  . GLY B 2 11  ? 13.767  -4.892  -5.923  1.00 30.64 ? 10  GLY B CA  1 
ATOM   861  C C   . GLY B 2 11  ? 12.311  -4.554  -6.153  1.00 29.86 ? 10  GLY B C   1 
ATOM   862  O O   . GLY B 2 11  ? 11.873  -4.482  -7.294  1.00 29.14 ? 10  GLY B O   1 
ATOM   863  N N   . ILE B 2 12  ? 11.547  -4.345  -5.085  1.00 29.42 ? 11  ILE B N   1 
ATOM   864  C CA  . ILE B 2 12  ? 10.128  -4.010  -5.241  1.00 28.78 ? 11  ILE B CA  1 
ATOM   865  C C   . ILE B 2 12  ? 9.961   -2.592  -5.769  1.00 27.76 ? 11  ILE B C   1 
ATOM   866  O O   . ILE B 2 12  ? 10.508  -1.659  -5.189  1.00 27.21 ? 11  ILE B O   1 
ATOM   867  C CB  . ILE B 2 12  ? 9.353   -4.172  -3.917  1.00 28.64 ? 11  ILE B CB  1 
ATOM   868  C CG1 . ILE B 2 12  ? 9.324   -5.644  -3.522  1.00 29.65 ? 11  ILE B CG1 1 
ATOM   869  C CG2 . ILE B 2 12  ? 7.916   -3.679  -4.051  1.00 27.04 ? 11  ILE B CG2 1 
ATOM   870  C CD1 . ILE B 2 12  ? 9.075   -5.826  -2.055  1.00 31.35 ? 11  ILE B CD1 1 
ATOM   871  N N   . VAL B 2 13  ? 9.195   -2.444  -6.854  1.00 27.23 ? 12  VAL B N   1 
ATOM   872  C CA  . VAL B 2 13  ? 8.905   -1.126  -7.434  1.00 28.33 ? 12  VAL B CA  1 
ATOM   873  C C   . VAL B 2 13  ? 7.419   -0.795  -7.371  1.00 28.49 ? 12  VAL B C   1 
ATOM   874  O O   . VAL B 2 13  ? 6.573   -1.672  -7.261  1.00 28.87 ? 12  VAL B O   1 
ATOM   875  C CB  . VAL B 2 13  ? 9.365   -0.992  -8.918  1.00 28.81 ? 12  VAL B CB  1 
ATOM   876  C CG1 . VAL B 2 13  ? 10.849  -1.329  -9.064  1.00 29.26 ? 12  VAL B CG1 1 
ATOM   877  C CG2 . VAL B 2 13  ? 8.530   -1.868  -9.846  1.00 29.14 ? 12  VAL B CG2 1 
ATOM   878  N N   . CYS B 2 14  ? 7.124   0.491   -7.467  1.00 28.71 ? 13  CYS B N   1 
ATOM   879  C CA  . CYS B 2 14  ? 5.773   0.987   -7.511  1.00 30.33 ? 13  CYS B CA  1 
ATOM   880  C C   . CYS B 2 14  ? 5.233   0.872   -8.942  1.00 34.21 ? 13  CYS B C   1 
ATOM   881  O O   . CYS B 2 14  ? 5.978   1.122   -9.899  1.00 32.63 ? 13  CYS B O   1 
ATOM   882  C CB  . CYS B 2 14  ? 5.759   2.442   -7.043  1.00 30.61 ? 13  CYS B CB  1 
ATOM   883  S SG  . CYS B 2 14  ? 4.160   3.282   -7.128  1.00 31.15 ? 13  CYS B SG  1 
HETATM 884  C C1  . GM1 B 2 15  ? 2.866   -0.293  -11.318 1.00 58.60 ? 14  GM1 B C1  1 
HETATM 885  N N1  . GM1 B 2 15  ? 2.925   -0.270  -12.653 1.00 59.29 ? 14  GM1 B N1  1 
HETATM 886  O O1  . GM1 B 2 15  ? 2.463   -1.269  -10.689 1.00 66.49 ? 14  GM1 B O1  1 
HETATM 887  C C2  . GM1 B 2 15  ? 3.312   0.951   -10.584 1.00 53.10 ? 14  GM1 B C2  1 
HETATM 888  N N2  . GM1 B 2 15  ? 4.064   0.611   -9.387  1.00 47.79 ? 14  GM1 B N2  1 
ATOM   889  N N   . PHE C 3 1   ? -8.312  5.813   -15.929 1.00 46.94 ? 1   PHE C N   1 
ATOM   890  C CA  . PHE C 3 1   ? -8.587  5.429   -14.547 1.00 43.37 ? 1   PHE C CA  1 
ATOM   891  C C   . PHE C 3 1   ? -8.606  6.697   -13.707 1.00 42.29 ? 1   PHE C C   1 
ATOM   892  O O   . PHE C 3 1   ? -8.090  7.734   -14.142 1.00 42.79 ? 1   PHE C O   1 
ATOM   893  C CB  . PHE C 3 1   ? -7.473  4.515   -14.060 1.00 41.84 ? 1   PHE C CB  1 
ATOM   894  C CG  . PHE C 3 1   ? -6.117  5.162   -14.094 1.00 40.66 ? 1   PHE C CG  1 
ATOM   895  C CD1 . PHE C 3 1   ? -5.462  5.370   -15.297 1.00 40.81 ? 1   PHE C CD1 1 
ATOM   896  C CD2 . PHE C 3 1   ? -5.508  5.593   -12.925 1.00 39.74 ? 1   PHE C CD2 1 
ATOM   897  C CE1 . PHE C 3 1   ? -4.221  5.980   -15.333 1.00 40.96 ? 1   PHE C CE1 1 
ATOM   898  C CE2 . PHE C 3 1   ? -4.267  6.196   -12.951 1.00 39.56 ? 1   PHE C CE2 1 
ATOM   899  C CZ  . PHE C 3 1   ? -3.618  6.389   -14.156 1.00 40.34 ? 1   PHE C CZ  1 
ATOM   900  N N   . LYS C 3 2   ? -9.207  6.631   -12.523 1.00 40.28 ? 2   LYS C N   1 
ATOM   901  C CA  . LYS C 3 2   ? -9.200  7.762   -11.594 1.00 39.87 ? 2   LYS C CA  1 
ATOM   902  C C   . LYS C 3 2   ? -8.129  7.498   -10.537 1.00 39.39 ? 2   LYS C C   1 
ATOM   903  O O   . LYS C 3 2   ? -7.739  6.355   -10.330 1.00 44.29 ? 2   LYS C O   1 
ATOM   904  C CB  . LYS C 3 2   ? -10.580 7.970   -10.949 1.00 37.61 ? 2   LYS C CB  1 
ATOM   905  N N   . SER C 3 3   ? -7.623  8.550   -9.902  1.00 35.07 ? 3   SER C N   1 
ATOM   906  C CA  . SER C 3 3   ? -6.709  8.396   -8.789  1.00 32.42 ? 3   SER C CA  1 
ATOM   907  C C   . SER C 3 3   ? -7.122  9.328   -7.653  1.00 33.87 ? 3   SER C C   1 
ATOM   908  O O   . SER C 3 3   ? -7.992  10.195  -7.821  1.00 32.81 ? 3   SER C O   1 
ATOM   909  C CB  . SER C 3 3   ? -5.252  8.631   -9.212  1.00 32.78 ? 3   SER C CB  1 
ATOM   910  O OG  . SER C 3 3   ? -4.937  10.014  -9.355  1.00 34.22 ? 3   SER C OG  1 
ATOM   911  N N   . VAL C 3 4   ? -6.507  9.124   -6.490  1.00 31.59 ? 4   VAL C N   1 
ATOM   912  C CA  . VAL C 3 4   ? -6.841  9.864   -5.297  1.00 30.22 ? 4   VAL C CA  1 
ATOM   913  C C   . VAL C 3 4   ? -5.579  10.187  -4.562  1.00 27.79 ? 4   VAL C C   1 
ATOM   914  O O   . VAL C 3 4   ? -4.687  9.356   -4.454  1.00 26.41 ? 4   VAL C O   1 
ATOM   915  C CB  . VAL C 3 4   ? -7.737  9.076   -4.299  1.00 32.62 ? 4   VAL C CB  1 
ATOM   916  C CG1 . VAL C 3 4   ? -9.006  9.850   -3.972  1.00 33.93 ? 4   VAL C CG1 1 
ATOM   917  C CG2 . VAL C 3 4   ? -8.054  7.672   -4.797  1.00 33.75 ? 4   VAL C CG2 1 
ATOM   918  N N   . SER C 3 5   ? -5.536  11.389  -4.016  1.00 25.22 ? 5   SER C N   1 
ATOM   919  C CA  . SER C 3 5   ? -4.448  11.799  -3.199  1.00 25.85 ? 5   SER C CA  1 
ATOM   920  C C   . SER C 3 5   ? -5.048  12.304  -1.907  1.00 25.26 ? 5   SER C C   1 
ATOM   921  O O   . SER C 3 5   ? -6.131  12.903  -1.911  1.00 25.68 ? 5   SER C O   1 
ATOM   922  C CB  . SER C 3 5   ? -3.644  12.897  -3.913  1.00 27.19 ? 5   SER C CB  1 
ATOM   923  O OG  . SER C 3 5   ? -3.362  12.551  -5.270  1.00 28.21 ? 5   SER C OG  1 
ATOM   924  N N   . TYR C 3 6   ? -4.355  12.062  -0.802  1.00 25.32 ? 6   TYR C N   1 
ATOM   925  C CA  . TYR C 3 6   ? -4.754  12.623  0.471   1.00 26.59 ? 6   TYR C CA  1 
ATOM   926  C C   . TYR C 3 6   ? -3.751  13.661  0.940   1.00 29.33 ? 6   TYR C C   1 
ATOM   927  O O   . TYR C 3 6   ? -2.567  13.352  1.193   1.00 28.79 ? 6   TYR C O   1 
ATOM   928  C CB  . TYR C 3 6   ? -4.918  11.536  1.528   1.00 26.85 ? 6   TYR C CB  1 
ATOM   929  C CG  . TYR C 3 6   ? -5.380  12.065  2.877   1.00 25.76 ? 6   TYR C CG  1 
ATOM   930  C CD1 . TYR C 3 6   ? -6.615  12.690  3.011   1.00 24.89 ? 6   TYR C CD1 1 
ATOM   931  C CD2 . TYR C 3 6   ? -4.583  11.932  4.009   1.00 24.58 ? 6   TYR C CD2 1 
ATOM   932  C CE1 . TYR C 3 6   ? -7.045  13.168  4.235   1.00 25.28 ? 6   TYR C CE1 1 
ATOM   933  C CE2 . TYR C 3 6   ? -5.012  12.397  5.240   1.00 25.09 ? 6   TYR C CE2 1 
ATOM   934  C CZ  . TYR C 3 6   ? -6.242  13.020  5.347   1.00 24.83 ? 6   TYR C CZ  1 
ATOM   935  O OH  . TYR C 3 6   ? -6.677  13.499  6.569   1.00 24.89 ? 6   TYR C OH  1 
ATOM   936  N N   . TRP C 3 7   ? -4.247  14.890  1.093   1.00 31.49 ? 7   TRP C N   1 
ATOM   937  C CA  . TRP C 3 7   ? -3.407  16.034  1.429   1.00 31.99 ? 7   TRP C CA  1 
ATOM   938  C C   . TRP C 3 7   ? -3.531  16.447  2.882   1.00 32.89 ? 7   TRP C C   1 
ATOM   939  O O   . TRP C 3 7   ? -3.047  17.512  3.264   1.00 33.80 ? 7   TRP C O   1 
ATOM   940  C CB  . TRP C 3 7   ? -3.752  17.216  0.529   1.00 30.84 ? 7   TRP C CB  1 
ATOM   941  C CG  . TRP C 3 7   ? -3.745  16.880  -0.907  1.00 30.82 ? 7   TRP C CG  1 
ATOM   942  C CD1 . TRP C 3 7   ? -4.828  16.730  -1.721  1.00 31.35 ? 7   TRP C CD1 1 
ATOM   943  C CD2 . TRP C 3 7   ? -2.594  16.645  -1.718  1.00 30.20 ? 7   TRP C CD2 1 
ATOM   944  N NE1 . TRP C 3 7   ? -4.421  16.425  -3.003  1.00 31.88 ? 7   TRP C NE1 1 
ATOM   945  C CE2 . TRP C 3 7   ? -3.051  16.365  -3.021  1.00 31.42 ? 7   TRP C CE2 1 
ATOM   946  C CE3 . TRP C 3 7   ? -1.222  16.655  -1.472  1.00 31.09 ? 7   TRP C CE3 1 
ATOM   947  C CZ2 . TRP C 3 7   ? -2.178  16.100  -4.079  1.00 31.74 ? 7   TRP C CZ2 1 
ATOM   948  C CZ3 . TRP C 3 7   ? -0.357  16.380  -2.524  1.00 31.05 ? 7   TRP C CZ3 1 
ATOM   949  C CH2 . TRP C 3 7   ? -0.840  16.102  -3.804  1.00 30.66 ? 7   TRP C CH2 1 
ATOM   950  N N   . GLY C 3 8   ? -4.165  15.612  3.697   1.00 35.23 ? 8   GLY C N   1 
ATOM   951  C CA  . GLY C 3 8   ? -4.153  15.811  5.156   1.00 35.57 ? 8   GLY C CA  1 
ATOM   952  C C   . GLY C 3 8   ? -5.352  16.607  5.631   1.00 36.15 ? 8   GLY C C   1 
ATOM   953  O O   . GLY C 3 8   ? -6.160  17.003  4.765   1.00 36.51 ? 8   GLY C O   1 
HETATM 954  C C1  . MEA C 3 9   ? -4.875  16.072  7.945   1.00 30.29 ? 9   MEA C C1  1 
HETATM 955  N N   . MEA C 3 9   ? -5.643  16.761  6.900   1.00 33.05 ? 9   MEA C N   1 
HETATM 956  C CA  . MEA C 3 9   ? -6.654  17.768  7.315   1.00 34.54 ? 9   MEA C CA  1 
HETATM 957  C C   . MEA C 3 9   ? -7.999  17.463  6.657   1.00 36.00 ? 9   MEA C C   1 
HETATM 958  O O   . MEA C 3 9   ? -8.706  18.418  6.314   1.00 37.23 ? 9   MEA C O   1 
HETATM 959  C CB  . MEA C 3 9   ? -6.139  19.213  7.075   1.00 35.77 ? 9   MEA C CB  1 
HETATM 960  C CG  . MEA C 3 9   ? -4.749  19.398  7.698   1.00 36.39 ? 9   MEA C CG  1 
HETATM 961  C CD1 . MEA C 3 9   ? -3.605  19.425  6.888   1.00 35.14 ? 9   MEA C CD1 1 
HETATM 962  C CE1 . MEA C 3 9   ? -2.333  19.573  7.456   1.00 35.64 ? 9   MEA C CE1 1 
HETATM 963  C CZ  . MEA C 3 9   ? -2.174  19.704  8.844   1.00 35.31 ? 9   MEA C CZ  1 
HETATM 964  C CE2 . MEA C 3 9   ? -3.307  19.681  9.657   1.00 36.82 ? 9   MEA C CE2 1 
HETATM 965  C CD2 . MEA C 3 9   ? -4.588  19.519  9.088   1.00 37.07 ? 9   MEA C CD2 1 
ATOM   966  N N   . GLY C 3 10  ? -8.403  16.281  6.323   1.00 33.27 ? 10  GLY C N   1 
ATOM   967  C CA  . GLY C 3 10  ? -9.617  15.775  5.611   1.00 31.99 ? 10  GLY C CA  1 
ATOM   968  C C   . GLY C 3 10  ? -9.677  16.058  4.117   1.00 33.49 ? 10  GLY C C   1 
ATOM   969  O O   . GLY C 3 10  ? -10.739 15.872  3.485   1.00 30.41 ? 10  GLY C O   1 
ATOM   970  N N   . ARG C 3 11  ? -8.553  16.475  3.519   1.00 34.49 ? 11  ARG C N   1 
ATOM   971  C CA  . ARG C 3 11  ? -8.558  16.839  2.095   1.00 35.27 ? 11  ARG C CA  1 
ATOM   972  C C   . ARG C 3 11  ? -8.164  15.686  1.178   1.00 36.13 ? 11  ARG C C   1 
ATOM   973  O O   . ARG C 3 11  ? -6.993  15.281  1.128   1.00 35.25 ? 11  ARG C O   1 
ATOM   974  C CB  . ARG C 3 11  ? -7.646  18.048  1.822   1.00 35.65 ? 11  ARG C CB  1 
ATOM   975  C CG  . ARG C 3 11  ? -8.343  19.395  1.914   1.00 34.23 ? 11  ARG C CG  1 
ATOM   976  C CD  . ARG C 3 11  ? -7.811  20.391  0.893   1.00 32.79 ? 11  ARG C CD  1 
ATOM   977  N NE  . ARG C 3 11  ? -6.354  20.541  0.937   1.00 32.60 ? 11  ARG C NE  1 
ATOM   978  C CZ  . ARG C 3 11  ? -5.517  20.349  -0.088  1.00 30.80 ? 11  ARG C CZ  1 
ATOM   979  N NH1 . ARG C 3 11  ? -4.211  20.520  0.093   1.00 30.95 ? 11  ARG C NH1 1 
ATOM   980  N NH2 . ARG C 3 11  ? -5.962  19.995  -1.287  1.00 29.51 ? 11  ARG C NH2 1 
ATOM   981  N N   . LEU C 3 12  ? -9.162  15.186  0.453   1.00 37.37 ? 12  LEU C N   1 
ATOM   982  C CA  . LEU C 3 12  ? -8.987  14.208  -0.609  1.00 39.05 ? 12  LEU C CA  1 
ATOM   983  C C   . LEU C 3 12  ? -9.272  14.864  -1.943  1.00 41.02 ? 12  LEU C C   1 
ATOM   984  O O   . LEU C 3 12  ? -10.380 15.347  -2.156  1.00 44.84 ? 12  LEU C O   1 
ATOM   985  C CB  . LEU C 3 12  ? -10.005 13.070  -0.468  1.00 38.55 ? 12  LEU C CB  1 
ATOM   986  C CG  . LEU C 3 12  ? -9.729  11.819  0.355   1.00 38.45 ? 12  LEU C CG  1 
ATOM   987  C CD1 . LEU C 3 12  ? -10.971 10.945  0.299   1.00 38.25 ? 12  LEU C CD1 1 
ATOM   988  C CD2 . LEU C 3 12  ? -8.519  11.068  -0.165  1.00 38.26 ? 12  LEU C CD2 1 
ATOM   989  N N   . SER C 3 13  ? -8.317  14.860  -2.862  1.00 42.74 ? 13  SER C N   1 
ATOM   990  C CA  . SER C 3 13  ? -8.650  15.214  -4.239  1.00 41.91 ? 13  SER C CA  1 
ATOM   991  C C   . SER C 3 13  ? -8.661  13.959  -5.099  1.00 41.70 ? 13  SER C C   1 
ATOM   992  O O   . SER C 3 13  ? -7.810  13.080  -4.959  1.00 39.64 ? 13  SER C O   1 
ATOM   993  C CB  . SER C 3 13  ? -7.716  16.295  -4.803  1.00 41.82 ? 13  SER C CB  1 
ATOM   994  O OG  . SER C 3 13  ? -6.371  16.076  -4.438  1.00 46.74 ? 13  SER C OG  1 
ATOM   995  N N   . TYR C 3 14  ? -9.672  13.857  -5.951  1.00 42.20 ? 14  TYR C N   1 
ATOM   996  C CA  . TYR C 3 14  ? -9.690  12.850  -6.984  1.00 44.73 ? 14  TYR C CA  1 
ATOM   997  C C   . TYR C 3 14  ? -9.137  13.489  -8.245  1.00 45.91 ? 14  TYR C C   1 
ATOM   998  O O   . TYR C 3 14  ? -9.282  14.698  -8.445  1.00 48.26 ? 14  TYR C O   1 
ATOM   999  C CB  . TYR C 3 14  ? -11.107 12.319  -7.209  1.00 47.78 ? 14  TYR C CB  1 
ATOM   1000 C CG  . TYR C 3 14  ? -11.610 11.452  -6.063  1.00 50.99 ? 14  TYR C CG  1 
ATOM   1001 C CD1 . TYR C 3 14  ? -11.725 10.060  -6.205  1.00 51.22 ? 14  TYR C CD1 1 
ATOM   1002 C CD2 . TYR C 3 14  ? -11.943 12.018  -4.825  1.00 51.43 ? 14  TYR C CD2 1 
ATOM   1003 C CE1 . TYR C 3 14  ? -12.175 9.263   -5.155  1.00 52.25 ? 14  TYR C CE1 1 
ATOM   1004 C CE2 . TYR C 3 14  ? -12.395 11.233  -3.767  1.00 52.74 ? 14  TYR C CE2 1 
ATOM   1005 C CZ  . TYR C 3 14  ? -12.511 9.858   -3.930  1.00 53.18 ? 14  TYR C CZ  1 
ATOM   1006 O OH  . TYR C 3 14  ? -12.957 9.083   -2.876  1.00 50.80 ? 14  TYR C OH  1 
ATOM   1007 N N   . TYR C 3 15  ? -8.464  12.692  -9.068  1.00 44.15 ? 15  TYR C N   1 
ATOM   1008 C CA  . TYR C 3 15  ? -8.035  13.145  -10.381 1.00 43.22 ? 15  TYR C CA  1 
ATOM   1009 C C   . TYR C 3 15  ? -8.433  12.114  -11.429 1.00 42.52 ? 15  TYR C C   1 
ATOM   1010 O O   . TYR C 3 15  ? -8.139  10.935  -11.300 1.00 41.49 ? 15  TYR C O   1 
ATOM   1011 C CB  . TYR C 3 15  ? -6.526  13.441  -10.438 1.00 44.52 ? 15  TYR C CB  1 
ATOM   1012 C CG  . TYR C 3 15  ? -6.159  14.251  -11.676 1.00 45.53 ? 15  TYR C CG  1 
ATOM   1013 C CD1 . TYR C 3 15  ? -5.932  13.623  -12.902 1.00 44.89 ? 15  TYR C CD1 1 
ATOM   1014 C CD2 . TYR C 3 15  ? -6.089  15.650  -11.637 1.00 44.73 ? 15  TYR C CD2 1 
ATOM   1015 C CE1 . TYR C 3 15  ? -5.631  14.347  -14.039 1.00 43.54 ? 15  TYR C CE1 1 
ATOM   1016 C CE2 . TYR C 3 15  ? -5.786  16.384  -12.776 1.00 44.40 ? 15  TYR C CE2 1 
ATOM   1017 C CZ  . TYR C 3 15  ? -5.558  15.724  -13.976 1.00 44.43 ? 15  TYR C CZ  1 
ATOM   1018 O OH  . TYR C 3 15  ? -5.260  16.428  -15.126 1.00 40.83 ? 15  TYR C OH  1 
ATOM   1019 N N   . ASN C 3 16  ? -9.136  12.578  -12.453 1.00 43.26 ? 16  ASN C N   1 
ATOM   1020 C CA  . ASN C 3 16  ? -9.559  11.734  -13.548 1.00 44.56 ? 16  ASN C CA  1 
ATOM   1021 C C   . ASN C 3 16  ? -8.514  11.821  -14.636 1.00 42.02 ? 16  ASN C C   1 
ATOM   1022 O O   . ASN C 3 16  ? -8.324  12.884  -15.218 1.00 40.93 ? 16  ASN C O   1 
ATOM   1023 C CB  . ASN C 3 16  ? -10.911 12.211  -14.086 1.00 47.93 ? 16  ASN C CB  1 
ATOM   1024 C CG  . ASN C 3 16  ? -11.578 11.182  -14.978 1.00 52.07 ? 16  ASN C CG  1 
ATOM   1025 O OD1 . ASN C 3 16  ? -10.918 10.323  -15.579 1.00 55.72 ? 16  ASN C OD1 1 
ATOM   1026 N ND2 . ASN C 3 16  ? -12.901 11.263  -15.068 1.00 55.89 ? 16  ASN C ND2 1 
ATOM   1027 N N   . HIS C 3 17  ? -7.836  10.713  -14.908 1.00 40.25 ? 17  HIS C N   1 
ATOM   1028 C CA  . HIS C 3 17  ? -6.839  10.677  -15.970 1.00 40.12 ? 17  HIS C CA  1 
ATOM   1029 C C   . HIS C 3 17  ? -7.462  10.361  -17.329 1.00 45.02 ? 17  HIS C C   1 
ATOM   1030 O O   . HIS C 3 17  ? -6.755  10.350  -18.348 1.00 43.27 ? 17  HIS C O   1 
ATOM   1031 C CB  . HIS C 3 17  ? -5.763  9.652   -15.659 1.00 38.22 ? 17  HIS C CB  1 
ATOM   1032 C CG  . HIS C 3 17  ? -4.903  10.010  -14.489 1.00 37.02 ? 17  HIS C CG  1 
ATOM   1033 N ND1 . HIS C 3 17  ? -5.234  9.686   -13.192 1.00 35.19 ? 17  HIS C ND1 1 
ATOM   1034 C CD2 . HIS C 3 17  ? -3.717  10.654  -14.422 1.00 35.53 ? 17  HIS C CD2 1 
ATOM   1035 C CE1 . HIS C 3 17  ? -4.288  10.116  -12.378 1.00 33.03 ? 17  HIS C CE1 1 
ATOM   1036 N NE2 . HIS C 3 17  ? -3.354  10.703  -13.100 1.00 34.48 ? 17  HIS C NE2 1 
ATOM   1037 N N   . CYS C 3 18  ? -8.770  10.091  -17.349 1.00 50.23 ? 18  CYS C N   1 
HETATM 1038 C C1  . EDO D 4 .   ? -3.726  -7.231  12.572  1.00 45.44 ? 401 EDO A C1  1 
HETATM 1039 O O1  . EDO D 4 .   ? -4.219  -6.388  11.524  1.00 43.54 ? 401 EDO A O1  1 
HETATM 1040 C C2  . EDO D 4 .   ? -2.286  -6.852  12.864  1.00 47.72 ? 401 EDO A C2  1 
HETATM 1041 O O2  . EDO D 4 .   ? -1.408  -7.983  12.721  1.00 50.97 ? 401 EDO A O2  1 
HETATM 1042 C C1  . EDO E 4 .   ? -9.889  -0.624  12.428  1.00 52.69 ? 402 EDO A C1  1 
HETATM 1043 O O1  . EDO E 4 .   ? -8.750  -1.446  12.726  1.00 51.80 ? 402 EDO A O1  1 
HETATM 1044 C C2  . EDO E 4 .   ? -10.354 -0.954  11.012  1.00 51.15 ? 402 EDO A C2  1 
HETATM 1045 O O2  . EDO E 4 .   ? -11.712 -0.571  10.759  1.00 49.83 ? 402 EDO A O2  1 
HETATM 1046 C C1  . EDO F 4 .   ? -0.214  10.447  12.286  1.00 58.62 ? 403 EDO A C1  1 
HETATM 1047 O O1  . EDO F 4 .   ? -1.444  10.192  12.992  1.00 56.83 ? 403 EDO A O1  1 
HETATM 1048 C C2  . EDO F 4 .   ? 0.904   10.892  13.220  1.00 58.50 ? 403 EDO A C2  1 
HETATM 1049 O O2  . EDO F 4 .   ? 2.148   10.760  12.523  1.00 57.31 ? 403 EDO A O2  1 
HETATM 1050 C C1  . EDO G 4 .   ? 6.260   9.020   -5.086  1.00 47.04 ? 101 EDO B C1  1 
HETATM 1051 O O1  . EDO G 4 .   ? 6.628   9.341   -6.422  1.00 46.36 ? 101 EDO B O1  1 
HETATM 1052 C C2  . EDO G 4 .   ? 5.190   9.980   -4.555  1.00 47.59 ? 101 EDO B C2  1 
HETATM 1053 O O2  . EDO G 4 .   ? 3.872   9.577   -4.969  1.00 47.44 ? 101 EDO B O2  1 
HETATM 1054 O O   . HOH H 5 .   ? 4.571   7.732   13.684  1.00 35.09 ? 501 HOH A O   1 
HETATM 1055 O O   . HOH H 5 .   ? -9.387  -2.477  8.845   1.00 19.17 ? 502 HOH A O   1 
HETATM 1056 O O   . HOH H 5 .   ? 4.876   -15.533 -3.634  1.00 25.78 ? 503 HOH A O   1 
HETATM 1057 O O   . HOH H 5 .   ? 0.061   -14.913 -7.740  1.00 26.07 ? 504 HOH A O   1 
HETATM 1058 O O   . HOH H 5 .   ? 7.516   -21.199 -9.378  1.00 25.09 ? 505 HOH A O   1 
HETATM 1059 O O   . HOH H 5 .   ? -3.727  9.128   13.759  1.00 40.06 ? 506 HOH A O   1 
HETATM 1060 O O   . HOH H 5 .   ? 6.769   5.048   0.048   1.00 16.85 ? 507 HOH A O   1 
HETATM 1061 O O   . HOH H 5 .   ? 2.059   -17.691 -14.322 1.00 14.99 ? 508 HOH A O   1 
HETATM 1062 O O   . HOH H 5 .   ? -2.030  10.314  -0.510  1.00 17.58 ? 509 HOH A O   1 
HETATM 1063 O O   . HOH H 5 .   ? -1.970  8.464   -10.575 1.00 23.91 ? 510 HOH A O   1 
HETATM 1064 O O   . HOH H 5 .   ? -3.832  -12.603 0.061   1.00 20.83 ? 511 HOH A O   1 
HETATM 1065 O O   . HOH H 5 .   ? 8.307   -8.118  -11.191 1.00 26.26 ? 512 HOH A O   1 
HETATM 1066 O O   . HOH H 5 .   ? -14.618 1.409   6.461   1.00 35.98 ? 513 HOH A O   1 
HETATM 1067 O O   . HOH H 5 .   ? 13.150  -9.720  -4.048  1.00 48.84 ? 514 HOH A O   1 
HETATM 1068 O O   . HOH H 5 .   ? -8.875  -8.234  -3.858  1.00 26.23 ? 515 HOH A O   1 
HETATM 1069 O O   . HOH H 5 .   ? -8.090  7.428   1.887   1.00 24.11 ? 516 HOH A O   1 
HETATM 1070 O O   . HOH H 5 .   ? 10.506  -6.453  5.056   1.00 21.20 ? 517 HOH A O   1 
HETATM 1071 O O   . HOH H 5 .   ? 4.796   2.496   9.677   1.00 34.92 ? 518 HOH A O   1 
HETATM 1072 O O   . HOH H 5 .   ? -5.716  -8.637  10.703  1.00 23.37 ? 519 HOH A O   1 
HETATM 1073 O O   . HOH H 5 .   ? -9.759  -0.233  -3.222  1.00 16.07 ? 520 HOH A O   1 
HETATM 1074 O O   . HOH H 5 .   ? 0.781   7.060   -8.249  1.00 31.00 ? 521 HOH A O   1 
HETATM 1075 O O   . HOH H 5 .   ? -3.832  -12.440 -2.723  0.50 21.41 ? 522 HOH A O   1 
HETATM 1076 O O   . HOH H 5 .   ? -4.383  -11.947 6.527   1.00 34.35 ? 523 HOH A O   1 
HETATM 1077 O O   . HOH H 5 .   ? -0.317  3.096   -5.154  1.00 17.26 ? 524 HOH A O   1 
HETATM 1078 O O   . HOH H 5 .   ? -12.771 -5.502  1.422   1.00 31.32 ? 525 HOH A O   1 
HETATM 1079 O O   . HOH H 5 .   ? 6.630   -0.441  8.435   1.00 29.47 ? 526 HOH A O   1 
HETATM 1080 O O   . HOH H 5 .   ? -0.205  -15.669 -4.868  1.00 10.83 ? 527 HOH A O   1 
HETATM 1081 O O   . HOH H 5 .   ? 1.807   2.782   -4.330  1.00 24.70 ? 528 HOH A O   1 
HETATM 1082 O O   . HOH H 5 .   ? 2.869   -13.268 1.144   1.00 26.99 ? 529 HOH A O   1 
HETATM 1083 O O   . HOH H 5 .   ? 12.431  -21.676 -8.470  1.00 31.56 ? 530 HOH A O   1 
HETATM 1084 O O   . HOH H 5 .   ? -6.707  5.774   20.597  1.00 30.88 ? 531 HOH A O   1 
HETATM 1085 O O   . HOH H 5 .   ? 3.506   -7.338  8.211   1.00 36.94 ? 532 HOH A O   1 
HETATM 1086 O O   . HOH H 5 .   ? 13.067  -21.347 -11.100 1.00 37.00 ? 533 HOH A O   1 
HETATM 1087 O O   . HOH H 5 .   ? -1.747  4.240   19.169  1.00 36.75 ? 534 HOH A O   1 
HETATM 1088 O O   . HOH H 5 .   ? 4.202   -5.086  9.361   1.00 34.21 ? 535 HOH A O   1 
HETATM 1089 O O   . HOH H 5 .   ? 5.271   -8.355  -14.107 1.00 26.16 ? 536 HOH A O   1 
HETATM 1090 O O   . HOH H 5 .   ? 1.336   4.963   20.245  1.00 28.94 ? 537 HOH A O   1 
HETATM 1091 O O   . HOH H 5 .   ? 16.155  -17.032 -13.387 1.00 37.31 ? 538 HOH A O   1 
HETATM 1092 O O   . HOH I 5 .   ? 9.776   -5.033  -8.840  1.00 29.52 ? 201 HOH B O   1 
HETATM 1093 O O   . HOH I 5 .   ? 2.214   7.389   -5.727  1.00 31.42 ? 202 HOH B O   1 
HETATM 1094 O O   . HOH I 5 .   ? 14.785  -1.285  -6.262  1.00 39.87 ? 203 HOH B O   1 
HETATM 1095 O O   . HOH I 5 .   ? 8.994   4.726   -6.499  1.00 18.03 ? 204 HOH B O   1 
HETATM 1096 O O   . HOH I 5 .   ? 14.627  4.034   -3.080  1.00 27.34 ? 205 HOH B O   1 
HETATM 1097 O O   . HOH I 5 .   ? 9.546   2.106   -7.510  1.00 19.14 ? 206 HOH B O   1 
HETATM 1098 O O   . HOH I 5 .   ? 1.102   -3.892  -9.854  1.00 33.75 ? 207 HOH B O   1 
HETATM 1099 O O   . HOH I 5 .   ? 10.328  11.733  0.945   1.00 44.50 ? 208 HOH B O   1 
HETATM 1100 O O   . HOH I 5 .   ? 6.153   -1.754  -12.984 1.00 28.93 ? 209 HOH B O   1 
HETATM 1101 O O   . HOH I 5 .   ? 11.540  2.316   -9.350  1.00 37.13 ? 210 HOH B O   1 
HETATM 1102 O O   . HOH J 5 .   ? -12.305 15.234  1.370   1.00 29.29 ? 101 HOH C O   1 
HETATM 1103 O O   . HOH J 5 .   ? -5.400  15.622  -7.105  1.00 34.51 ? 102 HOH C O   1 
# 
